data_6B4J
#
_entry.id   6B4J
#
_cell.length_a   87.940
_cell.length_b   73.560
_cell.length_c   145.860
_cell.angle_alpha   90.00
_cell.angle_beta   95.07
_cell.angle_gamma   90.00
#
_symmetry.space_group_name_H-M   'P 1 21 1'
#
loop_
_entity.id
_entity.type
_entity.pdbx_description
1 polymer 'Nucleoporin GLE1'
2 polymer 'Nucleoporin like 2'
3 polymer 'ATP-dependent RNA helicase DDX19B'
4 non-polymer 'PHOSPHATE ION'
5 non-polymer 'MAGNESIUM ION'
6 non-polymer 'PHOSPHOAMINOPHOSPHONIC ACID-ADENYLATE ESTER'
#
loop_
_entity_poly.entity_id
_entity_poly.type
_entity_poly.pdbx_seq_one_letter_code
_entity_poly.pdbx_strand_id
1 'polypeptide(L)'
;MQDITMQWYQQLQDASMQCVLTFEGLTNSKDSQAKKIKMDLQKAATIPVSQISTIAGSKLKEIFDKIHSLLSGKPVQSGG
RSVSVTLNPQGLDFVQYKLAEKFVKQGEEEVASHHEAAFPIAVVASGIWELHPRVGDLILAHLHKKCPYSVPFYPTFKEG
MALEDYQRMLGYQVKDSKVEQQDNFLKRMSGMIRLYAAIIQLRWPYGNRQEIHPHGLNHGWRWLAQILNMEPLSDVTATL
LFDFLEVCGNALMKQYQVQFWKMLILIKEDYFPRIEAITSSGQMGSFIRLKQFLEKCLQHKDIPVPKGFLTSSFWRS
;
B,A
2 'polypeptide(L)' GPSGSIIATDNVLFTPRDKLTVEELEQFQSKKFTLGKIPLKPPPLELLN C,D
3 'polypeptide(L)'
;GPHMEDRAAQSLLNKLIRSNLVDNTNQVEVLQRDPNSPLYSVKSFEELRLKPQLLQGVYAMGFNRPSKIQENALPLMLAE
PPQNLIAQSQSGTGKTAAFVLAMLSQVEPANKYPQCLCLSPTYELALQTGKVIEQMGKFYPELKLAYAVRGNKLERGQKI
SEQIVIGTPGTVLDWCSKLKFIDPKKIKVFVLDEADVMIATQGHQDQSIRIQRMLPRNCQMLLFSATFEDSVWKFAQKVV
PDPNVIKLKREEETLDTIKQYYVLCSSRDEKFQALCNLYGAITIAQAMIFCHTRKTASWLAAELSKEGHQVALLSGEMMV
EQRAAVIERFREGKEKVLVTTNVCARGIDVEQVSVVINFDLPVDKDGNPDNETYLHRIGRTGRFGKRGLAVNMVDSKHSM
NILNRIQEHFNKKIERLDTDDLDEIEKIAN
;
E,F
#
loop_
_chem_comp.id
_chem_comp.type
_chem_comp.name
_chem_comp.formula
ANP non-polymer 'PHOSPHOAMINOPHOSPHONIC ACID-ADENYLATE ESTER' 'C10 H17 N6 O12 P3'
MG non-polymer 'MAGNESIUM ION' 'Mg 2'
PO4 non-polymer 'PHOSPHATE ION' 'O4 P -3'
#
# COMPACT_ATOMS: atom_id res chain seq x y z
N ASP A 3 23.16 39.73 15.24
CA ASP A 3 23.41 40.83 14.31
C ASP A 3 24.11 40.33 13.05
N ILE A 4 24.92 39.29 13.20
CA ILE A 4 25.55 38.66 12.06
C ILE A 4 24.49 38.26 11.04
N THR A 5 23.34 37.80 11.54
CA THR A 5 22.23 37.40 10.70
C THR A 5 21.46 38.62 10.22
N MET A 6 21.20 39.55 11.13
CA MET A 6 20.43 40.74 10.80
C MET A 6 21.19 41.60 9.80
N GLN A 7 22.52 41.62 9.92
CA GLN A 7 23.35 42.34 8.97
C GLN A 7 23.29 41.65 7.61
N TRP A 8 23.41 40.33 7.62
CA TRP A 8 23.27 39.53 6.41
C TRP A 8 21.85 39.64 5.85
N TYR A 9 20.88 39.77 6.74
CA TYR A 9 19.49 39.94 6.34
C TYR A 9 19.30 41.23 5.52
N GLN A 10 19.94 42.31 5.96
CA GLN A 10 19.84 43.58 5.24
C GLN A 10 20.63 43.57 3.94
N GLN A 11 21.76 42.86 3.92
CA GLN A 11 22.58 42.81 2.71
C GLN A 11 21.76 42.34 1.52
N LEU A 12 20.96 41.30 1.71
CA LEU A 12 20.13 40.76 0.64
C LEU A 12 18.97 41.69 0.30
N GLN A 13 18.37 42.28 1.33
CA GLN A 13 17.20 43.14 1.14
C GLN A 13 17.53 44.35 0.29
N ASP A 14 18.51 45.14 0.71
CA ASP A 14 18.89 46.33 -0.03
C ASP A 14 19.59 45.96 -1.35
N ALA A 15 20.11 44.75 -1.43
CA ALA A 15 20.67 44.25 -2.68
C ALA A 15 19.56 43.99 -3.70
N SER A 16 18.41 43.55 -3.20
CA SER A 16 17.25 43.35 -4.05
C SER A 16 16.69 44.69 -4.53
N MET A 17 16.64 45.67 -3.62
CA MET A 17 16.20 47.01 -3.97
C MET A 17 17.06 47.58 -5.10
N GLN A 18 18.35 47.26 -5.10
CA GLN A 18 19.24 47.65 -6.19
C GLN A 18 18.75 47.05 -7.50
N CYS A 19 18.22 45.83 -7.44
CA CYS A 19 17.71 45.16 -8.62
C CYS A 19 16.35 45.71 -9.01
N VAL A 20 15.60 46.21 -8.03
CA VAL A 20 14.32 46.87 -8.31
C VAL A 20 14.58 48.08 -9.18
N LEU A 21 15.75 48.71 -9.02
CA LEU A 21 16.06 49.95 -9.71
C LEU A 21 16.88 49.77 -10.97
N THR A 22 17.58 48.64 -11.10
CA THR A 22 18.45 48.43 -12.24
C THR A 22 17.62 48.33 -13.53
N PHE A 23 16.40 47.80 -13.41
CA PHE A 23 15.49 47.74 -14.56
C PHE A 23 14.41 48.81 -14.47
N GLU A 24 14.55 49.75 -13.53
CA GLU A 24 13.60 50.85 -13.41
C GLU A 24 13.44 51.55 -14.75
N GLY A 25 12.24 51.42 -15.32
CA GLY A 25 11.97 51.97 -16.64
C GLY A 25 11.36 50.92 -17.55
N LEU A 26 11.66 49.66 -17.27
CA LEU A 26 11.01 48.55 -17.95
C LEU A 26 9.59 48.38 -17.40
N THR A 27 9.46 48.47 -16.08
CA THR A 27 8.15 48.43 -15.44
C THR A 27 7.44 49.76 -15.64
N ASN A 28 8.10 50.85 -15.26
CA ASN A 28 7.49 52.17 -15.40
C ASN A 28 7.58 52.63 -16.85
N SER A 29 6.88 51.90 -17.72
CA SER A 29 6.77 52.25 -19.13
C SER A 29 5.34 51.98 -19.54
N LYS A 30 4.76 52.91 -20.29
CA LYS A 30 3.33 52.82 -20.62
C LYS A 30 3.07 52.74 -22.12
N ASP A 31 4.13 52.71 -22.92
CA ASP A 31 4.00 52.54 -24.36
C ASP A 31 3.39 51.18 -24.67
N SER A 32 2.90 51.01 -25.89
CA SER A 32 2.26 49.76 -26.30
C SER A 32 3.30 48.64 -26.38
N GLN A 33 4.39 48.88 -27.10
CA GLN A 33 5.46 47.90 -27.20
C GLN A 33 6.10 47.68 -25.84
N ALA A 34 6.18 48.76 -25.05
CA ALA A 34 6.83 48.72 -23.75
C ALA A 34 6.09 47.78 -22.78
N LYS A 35 4.78 47.66 -22.94
CA LYS A 35 4.00 46.77 -22.09
C LYS A 35 3.95 45.36 -22.67
N LYS A 36 4.05 45.26 -23.99
CA LYS A 36 4.07 43.95 -24.64
C LYS A 36 5.31 43.16 -24.28
N ILE A 37 6.43 43.86 -24.15
CA ILE A 37 7.68 43.23 -23.75
C ILE A 37 7.59 42.79 -22.29
N LYS A 38 7.26 43.73 -21.42
CA LYS A 38 7.08 43.46 -20.01
C LYS A 38 6.07 42.33 -19.82
N MET A 39 5.08 42.27 -20.71
CA MET A 39 4.05 41.22 -20.65
C MET A 39 4.58 39.83 -21.03
N ASP A 40 5.32 39.74 -22.13
CA ASP A 40 5.76 38.45 -22.64
C ASP A 40 6.90 37.83 -21.84
N LEU A 41 7.68 38.66 -21.16
CA LEU A 41 8.77 38.15 -20.32
C LEU A 41 8.21 37.53 -19.05
N GLN A 42 7.52 38.32 -18.25
CA GLN A 42 6.94 37.83 -17.00
C GLN A 42 6.06 36.61 -17.27
N LYS A 43 5.41 36.59 -18.43
CA LYS A 43 4.57 35.47 -18.83
C LYS A 43 5.41 34.20 -19.01
N ALA A 44 6.37 34.25 -19.93
CA ALA A 44 7.21 33.10 -20.25
C ALA A 44 8.35 32.88 -19.24
N ALA A 45 8.21 33.42 -18.04
CA ALA A 45 9.21 33.22 -17.01
C ALA A 45 8.60 32.78 -15.68
N THR A 46 7.29 32.95 -15.54
CA THR A 46 6.60 32.64 -14.29
C THR A 46 5.60 31.50 -14.45
N ILE A 47 5.42 31.05 -15.67
CA ILE A 47 4.50 29.96 -15.96
C ILE A 47 5.16 28.59 -15.77
N PRO A 48 6.38 28.40 -16.31
CA PRO A 48 7.04 27.10 -16.15
C PRO A 48 7.17 26.67 -14.70
N VAL A 49 7.26 27.64 -13.79
CA VAL A 49 7.33 27.35 -12.38
C VAL A 49 5.96 26.89 -11.88
N SER A 50 4.89 27.44 -12.45
CA SER A 50 3.54 27.01 -12.10
C SER A 50 3.23 25.62 -12.63
N GLN A 51 3.96 25.18 -13.65
CA GLN A 51 3.76 23.87 -14.25
C GLN A 51 4.35 22.75 -13.40
N ILE A 52 5.29 23.09 -12.52
CA ILE A 52 6.04 22.10 -11.76
C ILE A 52 5.10 21.14 -11.04
N SER A 53 5.06 19.90 -11.52
CA SER A 53 4.14 18.89 -10.99
C SER A 53 4.87 17.76 -10.27
N THR A 54 4.11 16.77 -9.84
CA THR A 54 4.66 15.61 -9.13
C THR A 54 4.56 14.34 -9.97
N ILE A 55 4.31 14.50 -11.26
CA ILE A 55 4.05 13.34 -12.10
C ILE A 55 5.32 12.56 -12.36
N ALA A 56 6.39 13.26 -12.69
CA ALA A 56 7.60 12.59 -13.12
C ALA A 56 8.75 13.56 -13.31
N GLY A 57 9.93 13.16 -12.82
CA GLY A 57 11.13 13.94 -13.02
C GLY A 57 11.54 13.99 -14.47
N SER A 58 10.98 13.09 -15.28
CA SER A 58 11.28 13.08 -16.71
C SER A 58 10.83 14.37 -17.36
N LYS A 59 9.59 14.79 -17.10
CA LYS A 59 9.07 16.03 -17.65
C LYS A 59 9.47 17.23 -16.80
N LEU A 60 9.91 16.98 -15.58
CA LEU A 60 10.36 18.06 -14.71
C LEU A 60 11.65 18.68 -15.21
N LYS A 61 12.34 17.98 -16.11
CA LYS A 61 13.55 18.50 -16.71
C LYS A 61 13.22 19.55 -17.77
N GLU A 62 12.10 19.37 -18.47
CA GLU A 62 11.67 20.34 -19.47
C GLU A 62 11.56 21.73 -18.86
N ILE A 63 10.93 21.82 -17.71
CA ILE A 63 10.73 23.09 -17.03
C ILE A 63 12.09 23.69 -16.65
N PHE A 64 12.99 22.83 -16.19
CA PHE A 64 14.32 23.26 -15.79
C PHE A 64 15.09 23.82 -16.99
N ASP A 65 15.07 23.08 -18.10
CA ASP A 65 15.77 23.49 -19.31
C ASP A 65 15.15 24.74 -19.93
N LYS A 66 13.83 24.83 -19.87
CA LYS A 66 13.12 25.97 -20.45
C LYS A 66 13.47 27.25 -19.69
N ILE A 67 13.76 27.11 -18.39
CA ILE A 67 14.17 28.24 -17.58
C ILE A 67 15.64 28.55 -17.78
N HIS A 68 16.46 27.51 -17.90
CA HIS A 68 17.89 27.70 -18.09
C HIS A 68 18.15 28.41 -19.42
N SER A 69 17.41 28.01 -20.45
CA SER A 69 17.53 28.65 -21.75
C SER A 69 17.08 30.11 -21.68
N LEU A 70 15.93 30.33 -21.04
CA LEU A 70 15.41 31.67 -20.87
C LEU A 70 16.42 32.57 -20.15
N LEU A 71 16.92 32.09 -19.01
CA LEU A 71 17.81 32.91 -18.20
C LEU A 71 19.18 33.07 -18.87
N SER A 72 19.66 32.02 -19.53
CA SER A 72 20.97 32.06 -20.15
C SER A 72 20.95 32.86 -21.46
N GLY A 73 19.77 33.28 -21.89
CA GLY A 73 19.64 34.14 -23.05
C GLY A 73 19.05 33.51 -24.29
N LYS A 74 19.04 32.18 -24.35
CA LYS A 74 18.55 31.45 -25.52
C LYS A 74 17.08 31.78 -25.79
N PRO A 75 16.58 31.47 -27.00
CA PRO A 75 15.16 31.69 -27.27
C PRO A 75 14.28 30.59 -26.69
N VAL A 76 13.10 30.96 -26.21
CA VAL A 76 12.21 30.02 -25.55
C VAL A 76 10.83 30.10 -26.19
N GLN A 77 10.29 28.93 -26.54
CA GLN A 77 8.97 28.87 -27.12
C GLN A 77 7.89 29.27 -26.11
N SER A 78 7.18 30.33 -26.43
CA SER A 78 6.05 30.78 -25.61
C SER A 78 4.76 30.61 -26.41
N GLY A 79 3.63 30.88 -25.76
CA GLY A 79 2.35 30.85 -26.44
C GLY A 79 2.32 31.80 -27.62
N GLY A 80 2.23 31.24 -28.83
CA GLY A 80 2.31 32.04 -30.04
C GLY A 80 3.69 32.04 -30.66
N ARG A 81 4.44 33.12 -30.43
CA ARG A 81 5.77 33.27 -31.02
C ARG A 81 6.83 33.10 -29.96
N SER A 82 8.03 32.72 -30.37
CA SER A 82 9.12 32.51 -29.43
C SER A 82 9.54 33.87 -28.86
N VAL A 83 10.10 33.85 -27.66
CA VAL A 83 10.56 35.07 -27.00
C VAL A 83 11.92 34.79 -26.37
N SER A 84 12.71 35.83 -26.20
CA SER A 84 14.01 35.72 -25.53
C SER A 84 14.29 36.99 -24.74
N VAL A 85 15.32 36.95 -23.90
CA VAL A 85 15.70 38.10 -23.09
C VAL A 85 16.51 39.08 -23.93
N THR A 86 17.14 38.58 -25.00
CA THR A 86 18.01 39.39 -25.84
C THR A 86 17.29 40.60 -26.43
N LEU A 87 15.96 40.64 -26.29
CA LEU A 87 15.17 41.76 -26.77
C LEU A 87 15.53 43.06 -26.04
N ASN A 88 15.77 42.96 -24.74
CA ASN A 88 16.08 44.14 -23.93
C ASN A 88 17.22 43.86 -22.94
N PRO A 89 18.14 44.83 -22.76
CA PRO A 89 19.21 44.62 -21.78
C PRO A 89 18.69 44.57 -20.35
N GLN A 90 17.59 45.26 -20.08
CA GLN A 90 17.01 45.29 -18.75
C GLN A 90 16.18 44.03 -18.44
N GLY A 91 15.89 43.24 -19.48
CA GLY A 91 15.03 42.08 -19.33
C GLY A 91 15.61 41.00 -18.43
N LEU A 92 16.92 40.78 -18.55
CA LEU A 92 17.60 39.77 -17.76
C LEU A 92 17.46 40.08 -16.29
N ASP A 93 17.88 41.28 -15.89
CA ASP A 93 17.78 41.69 -14.49
C ASP A 93 16.33 41.82 -14.03
N PHE A 94 15.39 41.74 -14.98
CA PHE A 94 13.98 41.80 -14.64
C PHE A 94 13.37 40.40 -14.49
N VAL A 95 13.74 39.50 -15.39
CA VAL A 95 13.21 38.14 -15.33
C VAL A 95 13.72 37.43 -14.09
N GLN A 96 14.94 37.73 -13.70
CA GLN A 96 15.53 37.16 -12.49
C GLN A 96 14.76 37.60 -11.26
N TYR A 97 14.19 38.80 -11.31
CA TYR A 97 13.41 39.31 -10.19
C TYR A 97 12.04 38.61 -10.11
N LYS A 98 11.37 38.49 -11.25
CA LYS A 98 10.04 37.89 -11.29
C LYS A 98 10.11 36.37 -11.10
N LEU A 99 11.19 35.75 -11.56
CA LEU A 99 11.36 34.32 -11.38
C LEU A 99 11.52 33.99 -9.90
N ALA A 100 12.30 34.80 -9.20
CA ALA A 100 12.58 34.55 -7.79
C ALA A 100 11.31 34.64 -6.96
N GLU A 101 10.48 35.64 -7.24
CA GLU A 101 9.25 35.82 -6.48
C GLU A 101 8.30 34.64 -6.68
N LYS A 102 8.32 34.08 -7.89
CA LYS A 102 7.40 33.00 -8.22
C LYS A 102 7.67 31.76 -7.37
N PHE A 103 8.94 31.44 -7.17
CA PHE A 103 9.30 30.27 -6.40
C PHE A 103 8.75 30.39 -4.98
N VAL A 104 8.94 31.55 -4.35
CA VAL A 104 8.39 31.74 -3.02
C VAL A 104 6.86 31.79 -3.10
N LYS A 105 6.34 32.37 -4.18
CA LYS A 105 4.90 32.47 -4.36
C LYS A 105 4.29 31.08 -4.53
N GLN A 106 4.95 30.23 -5.30
CA GLN A 106 4.47 28.86 -5.46
C GLN A 106 4.51 28.14 -4.12
N GLY A 107 5.49 28.50 -3.29
CA GLY A 107 5.56 27.99 -1.93
C GLY A 107 4.53 28.62 -1.03
N GLU A 108 4.14 29.84 -1.36
CA GLU A 108 3.16 30.59 -0.60
C GLU A 108 1.78 29.96 -0.68
N GLU A 109 1.33 29.69 -1.89
CA GLU A 109 -0.01 29.23 -2.14
C GLU A 109 -0.08 27.70 -2.23
N GLU A 110 0.67 27.13 -3.15
CA GLU A 110 0.59 25.70 -3.43
C GLU A 110 1.05 24.84 -2.25
N VAL A 111 2.28 25.08 -1.79
CA VAL A 111 2.89 24.25 -0.78
C VAL A 111 2.14 24.36 0.55
N ALA A 112 1.61 25.54 0.84
CA ALA A 112 0.85 25.74 2.06
C ALA A 112 -0.31 24.74 2.13
N SER A 113 -0.97 24.55 0.99
CA SER A 113 -2.10 23.64 0.89
C SER A 113 -1.65 22.20 0.65
N HIS A 114 -0.67 22.04 -0.23
CA HIS A 114 -0.21 20.73 -0.66
C HIS A 114 1.27 20.53 -0.27
N HIS A 115 1.50 19.96 0.91
CA HIS A 115 2.85 19.89 1.47
C HIS A 115 3.83 19.12 0.61
N GLU A 116 3.33 18.20 -0.21
CA GLU A 116 4.20 17.31 -0.96
C GLU A 116 4.80 17.98 -2.20
N ALA A 117 4.15 19.02 -2.70
CA ALA A 117 4.65 19.70 -3.89
C ALA A 117 5.89 20.53 -3.59
N ALA A 118 6.32 20.55 -2.34
CA ALA A 118 7.45 21.37 -1.93
C ALA A 118 8.77 20.87 -2.52
N PHE A 119 8.84 19.57 -2.77
CA PHE A 119 10.08 18.94 -3.23
C PHE A 119 10.29 19.06 -4.75
N PRO A 120 9.25 18.78 -5.56
CA PRO A 120 9.46 18.96 -7.00
C PRO A 120 9.69 20.40 -7.41
N ILE A 121 9.32 21.35 -6.57
CA ILE A 121 9.57 22.76 -6.85
C ILE A 121 10.96 23.13 -6.36
N ALA A 122 11.34 22.63 -5.20
CA ALA A 122 12.62 22.97 -4.60
C ALA A 122 13.77 22.52 -5.49
N VAL A 123 13.72 21.29 -5.98
CA VAL A 123 14.81 20.74 -6.77
C VAL A 123 15.12 21.62 -7.97
N VAL A 124 14.07 22.13 -8.63
CA VAL A 124 14.26 23.00 -9.77
C VAL A 124 14.88 24.32 -9.30
N ALA A 125 14.43 24.79 -8.14
CA ALA A 125 14.99 26.02 -7.56
C ALA A 125 16.43 25.78 -7.12
N SER A 126 16.65 24.70 -6.37
CA SER A 126 17.98 24.36 -5.87
C SER A 126 18.94 24.11 -7.02
N GLY A 127 18.41 23.79 -8.20
CA GLY A 127 19.21 23.54 -9.37
C GLY A 127 19.51 24.81 -10.15
N ILE A 128 18.51 25.69 -10.24
CA ILE A 128 18.68 26.99 -10.89
C ILE A 128 19.56 27.88 -10.05
N TRP A 129 19.53 27.67 -8.74
CA TRP A 129 20.35 28.42 -7.81
C TRP A 129 21.83 28.17 -8.12
N GLU A 130 22.19 26.91 -8.37
CA GLU A 130 23.55 26.55 -8.74
C GLU A 130 24.02 27.26 -10.01
N LEU A 131 23.27 27.07 -11.09
CA LEU A 131 23.65 27.59 -12.39
C LEU A 131 23.66 29.11 -12.42
N HIS A 132 22.83 29.72 -11.59
CA HIS A 132 22.71 31.18 -11.56
C HIS A 132 22.56 31.64 -10.12
N PRO A 133 23.69 31.97 -9.46
CA PRO A 133 23.62 32.33 -8.04
C PRO A 133 22.88 33.64 -7.78
N ARG A 134 22.82 34.51 -8.79
CA ARG A 134 22.14 35.78 -8.64
C ARG A 134 20.66 35.57 -8.32
N VAL A 135 20.07 34.55 -8.95
CA VAL A 135 18.66 34.26 -8.77
C VAL A 135 18.39 33.81 -7.34
N GLY A 136 19.36 33.13 -6.74
CA GLY A 136 19.20 32.59 -5.41
C GLY A 136 19.17 33.65 -4.31
N ASP A 137 20.00 34.67 -4.44
CA ASP A 137 19.99 35.78 -3.51
C ASP A 137 18.66 36.51 -3.58
N LEU A 138 18.11 36.59 -4.79
CA LEU A 138 16.81 37.21 -5.00
C LEU A 138 15.71 36.38 -4.33
N ILE A 139 15.86 35.07 -4.35
CA ILE A 139 14.92 34.19 -3.66
C ILE A 139 15.03 34.45 -2.17
N LEU A 140 16.26 34.43 -1.65
CA LEU A 140 16.47 34.72 -0.23
C LEU A 140 15.99 36.10 0.15
N ALA A 141 15.91 36.99 -0.84
CA ALA A 141 15.37 38.32 -0.60
C ALA A 141 13.86 38.24 -0.34
N HIS A 142 13.12 37.77 -1.33
CA HIS A 142 11.65 37.74 -1.24
C HIS A 142 11.19 36.80 -0.14
N LEU A 143 11.83 35.65 -0.02
CA LEU A 143 11.51 34.67 1.01
C LEU A 143 11.59 35.31 2.39
N HIS A 144 12.60 36.15 2.59
CA HIS A 144 12.86 36.72 3.91
C HIS A 144 11.83 37.77 4.32
N LYS A 145 11.46 38.68 3.42
CA LYS A 145 10.51 39.73 3.77
C LYS A 145 9.11 39.15 3.95
N LYS A 146 8.66 38.34 2.99
CA LYS A 146 7.32 37.75 3.07
C LYS A 146 7.20 36.80 4.25
N CYS A 147 8.32 36.31 4.74
CA CYS A 147 8.34 35.44 5.91
C CYS A 147 9.61 35.69 6.73
N PRO A 148 9.60 36.74 7.56
CA PRO A 148 10.78 37.03 8.39
C PRO A 148 11.08 35.92 9.38
N TYR A 149 10.14 35.00 9.55
CA TYR A 149 10.31 33.88 10.46
C TYR A 149 11.27 32.84 9.86
N SER A 150 11.52 32.96 8.56
CA SER A 150 12.46 32.06 7.87
C SER A 150 13.91 32.50 8.03
N VAL A 151 14.10 33.75 8.45
CA VAL A 151 15.43 34.35 8.55
C VAL A 151 16.36 33.55 9.47
N PRO A 152 15.95 33.29 10.72
CA PRO A 152 14.70 33.63 11.41
C PRO A 152 14.86 34.75 12.43
N PHE A 153 14.06 35.80 12.29
CA PHE A 153 14.01 36.85 13.29
C PHE A 153 12.56 37.23 13.52
N TYR A 154 12.17 37.35 14.77
CA TYR A 154 10.82 37.77 15.09
C TYR A 154 10.80 39.30 15.12
N PRO A 155 9.97 39.93 14.29
CA PRO A 155 9.93 41.40 14.31
C PRO A 155 9.38 41.94 15.63
N THR A 156 10.16 42.80 16.28
CA THR A 156 9.79 43.38 17.56
C THR A 156 8.87 44.58 17.39
N PHE A 157 8.13 44.92 18.44
CA PHE A 157 7.21 46.04 18.38
C PHE A 157 7.97 47.36 18.56
N LYS A 158 7.90 48.21 17.54
CA LYS A 158 8.47 49.55 17.66
C LYS A 158 7.45 50.46 18.33
N GLU A 159 7.88 51.14 19.38
CA GLU A 159 6.99 51.91 20.24
C GLU A 159 6.32 53.09 19.52
N GLY A 160 5.14 53.46 19.98
CA GLY A 160 4.41 54.60 19.43
C GLY A 160 3.76 54.39 18.08
N MET A 161 3.63 53.14 17.65
CA MET A 161 3.08 52.85 16.33
C MET A 161 1.76 52.07 16.37
N ALA A 162 0.90 52.36 15.41
CA ALA A 162 -0.41 51.71 15.32
C ALA A 162 -0.25 50.22 15.05
N LEU A 163 -1.29 49.45 15.36
CA LEU A 163 -1.25 48.01 15.21
C LEU A 163 -1.20 47.53 13.77
N GLU A 164 -2.10 48.04 12.93
CA GLU A 164 -2.16 47.65 11.52
C GLU A 164 -0.79 47.85 10.84
N ASP A 165 -0.03 48.81 11.36
CA ASP A 165 1.34 49.02 10.89
C ASP A 165 2.23 47.85 11.29
N TYR A 166 2.02 47.32 12.48
CA TYR A 166 2.85 46.21 12.99
C TYR A 166 2.50 44.85 12.38
N GLN A 167 1.21 44.62 12.11
CA GLN A 167 0.76 43.37 11.53
C GLN A 167 1.36 43.13 10.15
N ARG A 168 1.50 44.21 9.38
CA ARG A 168 2.10 44.13 8.06
C ARG A 168 3.54 43.65 8.15
N MET A 169 4.25 44.12 9.17
CA MET A 169 5.64 43.73 9.38
C MET A 169 5.75 42.24 9.68
N LEU A 170 4.76 41.69 10.38
CA LEU A 170 4.73 40.27 10.69
C LEU A 170 4.46 39.43 9.44
N GLY A 171 4.10 40.08 8.34
CA GLY A 171 3.91 39.39 7.08
C GLY A 171 2.46 39.16 6.71
N TYR A 172 1.55 39.53 7.60
CA TYR A 172 0.11 39.45 7.31
C TYR A 172 -0.23 40.26 6.07
N GLN A 173 -1.06 39.68 5.21
CA GLN A 173 -1.59 40.41 4.07
C GLN A 173 -2.71 41.31 4.58
N VAL A 174 -2.60 42.60 4.32
CA VAL A 174 -3.58 43.56 4.80
C VAL A 174 -3.88 44.59 3.72
N LYS A 175 -5.13 45.02 3.65
CA LYS A 175 -5.51 46.04 2.68
C LYS A 175 -5.99 47.27 3.44
N ASP A 176 -6.96 47.99 2.87
CA ASP A 176 -7.44 49.23 3.44
C ASP A 176 -8.15 48.98 4.78
N SER A 177 -9.03 47.98 4.79
CA SER A 177 -9.80 47.64 5.97
C SER A 177 -9.70 46.15 6.32
N LYS A 178 -9.34 45.33 5.34
CA LYS A 178 -9.23 43.89 5.58
C LYS A 178 -7.88 43.50 6.16
N VAL A 179 -7.89 42.65 7.18
CA VAL A 179 -6.68 42.06 7.72
C VAL A 179 -6.77 40.56 7.50
N GLU A 180 -5.68 39.93 7.07
CA GLU A 180 -5.70 38.49 6.84
C GLU A 180 -5.96 37.78 8.16
N GLN A 181 -6.85 36.80 8.13
CA GLN A 181 -7.14 36.02 9.34
C GLN A 181 -5.85 35.34 9.77
N GLN A 182 -5.86 34.71 10.93
CA GLN A 182 -4.66 34.03 11.42
C GLN A 182 -4.51 32.67 10.74
N ASP A 183 -5.64 31.98 10.55
CA ASP A 183 -5.64 30.66 9.92
C ASP A 183 -5.11 30.73 8.49
N ASN A 184 -5.68 31.62 7.69
CA ASN A 184 -5.26 31.79 6.30
C ASN A 184 -3.92 32.53 6.20
N PHE A 185 -3.32 32.81 7.35
CA PHE A 185 -1.98 33.41 7.41
C PHE A 185 -0.94 32.36 7.82
N LEU A 186 -1.27 31.58 8.83
CA LEU A 186 -0.34 30.56 9.35
C LEU A 186 0.13 29.62 8.25
N LYS A 187 -0.78 29.22 7.37
CA LYS A 187 -0.43 28.33 6.27
C LYS A 187 0.52 28.99 5.28
N ARG A 188 0.27 30.25 4.95
CA ARG A 188 1.12 30.97 4.01
C ARG A 188 2.58 30.96 4.50
N MET A 189 2.77 30.84 5.81
CA MET A 189 4.09 30.82 6.39
C MET A 189 4.63 29.40 6.50
N SER A 190 3.74 28.44 6.69
CA SER A 190 4.13 27.04 6.67
C SER A 190 4.71 26.71 5.30
N GLY A 191 3.90 26.91 4.26
CA GLY A 191 4.31 26.57 2.91
C GLY A 191 5.61 27.22 2.48
N MET A 192 5.91 28.37 3.08
CA MET A 192 7.13 29.08 2.74
C MET A 192 8.37 28.40 3.34
N ILE A 193 8.28 27.98 4.60
CA ILE A 193 9.43 27.38 5.25
C ILE A 193 9.49 25.88 4.99
N ARG A 194 8.36 25.29 4.60
CA ARG A 194 8.38 23.92 4.12
C ARG A 194 9.14 23.86 2.80
N LEU A 195 8.95 24.89 1.98
CA LEU A 195 9.73 25.02 0.75
C LEU A 195 11.20 25.25 1.08
N TYR A 196 11.45 26.14 2.03
CA TYR A 196 12.81 26.44 2.45
C TYR A 196 13.48 25.18 3.00
N ALA A 197 12.75 24.44 3.82
CA ALA A 197 13.26 23.21 4.43
C ALA A 197 13.50 22.12 3.39
N ALA A 198 12.97 22.29 2.19
CA ALA A 198 13.15 21.30 1.12
C ALA A 198 14.31 21.68 0.22
N ILE A 199 14.51 22.98 0.01
CA ILE A 199 15.53 23.45 -0.89
C ILE A 199 16.93 23.12 -0.36
N ILE A 200 17.10 23.19 0.95
CA ILE A 200 18.42 23.03 1.56
C ILE A 200 18.90 21.59 1.57
N GLN A 201 17.99 20.63 1.37
CA GLN A 201 18.37 19.22 1.45
C GLN A 201 18.39 18.54 0.08
N LEU A 202 17.86 19.20 -0.93
CA LEU A 202 17.74 18.59 -2.25
C LEU A 202 18.74 19.18 -3.25
N ARG A 203 19.18 18.33 -4.17
CA ARG A 203 20.12 18.74 -5.20
C ARG A 203 19.66 18.25 -6.57
N TRP A 204 19.76 19.12 -7.57
CA TRP A 204 19.37 18.76 -8.94
C TRP A 204 20.24 17.59 -9.43
N PRO A 205 19.63 16.45 -9.79
CA PRO A 205 20.44 15.26 -10.11
C PRO A 205 21.18 15.33 -11.45
N TYR A 206 20.53 15.90 -12.46
CA TYR A 206 21.07 15.91 -13.83
C TYR A 206 22.19 16.92 -14.04
N GLY A 207 22.90 16.77 -15.15
CA GLY A 207 24.04 17.61 -15.48
C GLY A 207 25.37 17.14 -14.96
N ASN A 208 25.34 16.21 -14.02
CA ASN A 208 26.53 15.74 -13.33
C ASN A 208 27.47 16.91 -12.97
N ARG A 209 27.08 17.63 -11.92
CA ARG A 209 27.84 18.76 -11.41
C ARG A 209 28.64 18.36 -10.17
N GLN A 210 29.89 18.80 -10.13
CA GLN A 210 30.75 18.56 -8.99
C GLN A 210 30.71 19.75 -8.03
N GLU A 211 30.04 20.83 -8.42
CA GLU A 211 29.93 22.00 -7.57
C GLU A 211 29.16 21.64 -6.30
N ILE A 212 29.08 22.56 -5.35
CA ILE A 212 28.38 22.31 -4.09
C ILE A 212 27.05 23.05 -4.02
N HIS A 213 26.13 22.51 -3.23
CA HIS A 213 24.84 23.13 -2.94
C HIS A 213 25.04 24.61 -2.58
N PRO A 214 24.31 25.52 -3.24
CA PRO A 214 24.54 26.95 -2.99
C PRO A 214 24.08 27.40 -1.62
N HIS A 215 22.98 26.82 -1.16
CA HIS A 215 22.48 27.07 0.18
C HIS A 215 22.44 25.75 0.94
N GLY A 216 23.57 25.40 1.54
CA GLY A 216 23.77 24.09 2.11
C GLY A 216 22.88 23.79 3.31
N LEU A 217 22.86 22.51 3.68
CA LEU A 217 22.06 22.05 4.80
C LEU A 217 22.55 22.63 6.14
N ASN A 218 23.66 23.35 6.11
CA ASN A 218 24.15 24.05 7.29
C ASN A 218 23.14 25.09 7.77
N HIS A 219 22.50 25.77 6.83
CA HIS A 219 21.50 26.79 7.18
C HIS A 219 20.27 26.19 7.84
N GLY A 220 20.13 24.88 7.77
CA GLY A 220 19.03 24.20 8.43
C GLY A 220 19.32 24.04 9.91
N TRP A 221 20.59 23.84 10.25
CA TRP A 221 21.00 23.73 11.64
C TRP A 221 20.90 25.07 12.34
N ARG A 222 21.43 26.12 11.71
CA ARG A 222 21.41 27.45 12.30
C ARG A 222 19.98 27.89 12.57
N TRP A 223 19.09 27.55 11.62
CA TRP A 223 17.70 27.92 11.73
C TRP A 223 17.12 27.39 13.04
N LEU A 224 17.22 26.08 13.23
CA LEU A 224 16.71 25.44 14.43
C LEU A 224 17.38 26.01 15.67
N ALA A 225 18.68 26.22 15.58
CA ALA A 225 19.44 26.77 16.69
C ALA A 225 19.00 28.21 16.98
N GLN A 226 18.97 29.03 15.94
CA GLN A 226 18.72 30.45 16.09
C GLN A 226 17.35 30.74 16.73
N ILE A 227 16.38 29.88 16.45
CA ILE A 227 15.04 30.07 17.01
C ILE A 227 14.90 29.43 18.39
N LEU A 228 15.58 28.30 18.62
CA LEU A 228 15.43 27.59 19.89
C LEU A 228 16.15 28.29 21.03
N ASN A 229 16.97 29.29 20.71
CA ASN A 229 17.68 30.04 21.73
C ASN A 229 16.90 31.28 22.18
N MET A 230 15.84 31.60 21.46
CA MET A 230 15.00 32.75 21.80
C MET A 230 13.58 32.34 22.16
N GLU A 231 12.92 33.18 22.93
CA GLU A 231 11.61 32.84 23.48
C GLU A 231 10.60 32.67 22.34
N PRO A 232 9.76 31.62 22.42
CA PRO A 232 8.86 31.30 21.31
C PRO A 232 7.61 32.17 21.25
N LEU A 233 7.14 32.45 20.04
CA LEU A 233 5.83 33.04 19.87
C LEU A 233 4.79 31.94 20.14
N SER A 234 3.57 32.36 20.46
CA SER A 234 2.54 31.41 20.89
C SER A 234 2.27 30.36 19.83
N ASP A 235 1.66 30.78 18.73
CA ASP A 235 1.17 29.84 17.71
C ASP A 235 2.12 29.70 16.52
N VAL A 236 2.91 30.74 16.26
CA VAL A 236 3.77 30.76 15.07
C VAL A 236 4.92 29.76 15.24
N THR A 237 5.62 29.83 16.37
CA THR A 237 6.80 28.99 16.58
C THR A 237 6.43 27.51 16.58
N ALA A 238 5.50 27.12 17.45
CA ALA A 238 5.15 25.71 17.61
C ALA A 238 4.62 25.10 16.31
N THR A 239 4.17 25.93 15.39
CA THR A 239 3.72 25.46 14.08
C THR A 239 4.90 25.35 13.12
N LEU A 240 5.62 26.45 12.96
CA LEU A 240 6.77 26.48 12.05
C LEU A 240 7.84 25.49 12.49
N LEU A 241 8.00 25.33 13.79
CA LEU A 241 9.00 24.43 14.31
C LEU A 241 8.71 22.99 13.94
N PHE A 242 7.42 22.68 13.78
CA PHE A 242 7.00 21.34 13.42
C PHE A 242 7.24 21.06 11.94
N ASP A 243 6.59 21.83 11.07
CA ASP A 243 6.60 21.53 9.64
C ASP A 243 7.98 21.76 9.01
N PHE A 244 8.92 22.32 9.77
CA PHE A 244 10.29 22.38 9.30
C PHE A 244 10.99 21.05 9.58
N LEU A 245 10.76 20.50 10.77
CA LEU A 245 11.38 19.24 11.14
C LEU A 245 10.80 18.06 10.35
N GLU A 246 9.50 18.12 10.04
CA GLU A 246 8.89 17.06 9.26
C GLU A 246 9.50 16.98 7.87
N VAL A 247 9.91 18.14 7.34
CA VAL A 247 10.42 18.19 5.97
C VAL A 247 11.92 17.92 5.93
N CYS A 248 12.66 18.49 6.88
CA CYS A 248 14.12 18.42 6.83
C CYS A 248 14.73 17.69 8.03
N GLY A 249 13.88 17.16 8.89
CA GLY A 249 14.35 16.45 10.07
C GLY A 249 14.98 15.11 9.77
N ASN A 250 14.75 14.59 8.57
CA ASN A 250 15.34 13.33 8.17
C ASN A 250 16.75 13.52 7.61
N ALA A 251 16.96 14.63 6.93
CA ALA A 251 18.27 14.92 6.34
C ALA A 251 19.25 15.44 7.39
N LEU A 252 18.73 16.12 8.40
CA LEU A 252 19.55 16.63 9.48
C LEU A 252 19.98 15.50 10.41
N MET A 253 19.11 14.52 10.59
CA MET A 253 19.40 13.39 11.45
C MET A 253 20.56 12.57 10.89
N LYS A 254 20.64 12.49 9.57
CA LYS A 254 21.72 11.74 8.93
C LYS A 254 23.02 12.52 8.97
N GLN A 255 22.93 13.84 8.79
CA GLN A 255 24.12 14.67 8.71
C GLN A 255 24.75 14.90 10.08
N TYR A 256 23.98 15.48 10.99
CA TYR A 256 24.48 15.79 12.32
C TYR A 256 23.88 14.80 13.31
N GLN A 257 24.38 13.57 13.26
CA GLN A 257 23.70 12.43 13.87
C GLN A 257 23.34 12.65 15.33
N VAL A 258 24.36 12.75 16.19
CA VAL A 258 24.13 12.85 17.63
C VAL A 258 23.83 14.29 18.03
N GLN A 259 24.45 15.24 17.33
CA GLN A 259 24.28 16.64 17.67
C GLN A 259 22.85 17.09 17.40
N PHE A 260 22.22 16.49 16.40
CA PHE A 260 20.84 16.82 16.08
C PHE A 260 19.91 16.25 17.14
N TRP A 261 20.21 15.04 17.60
CA TRP A 261 19.37 14.40 18.61
C TRP A 261 19.42 15.19 19.92
N LYS A 262 20.58 15.75 20.24
CA LYS A 262 20.69 16.58 21.44
C LYS A 262 19.74 17.76 21.33
N MET A 263 19.70 18.37 20.15
CA MET A 263 18.81 19.49 19.90
C MET A 263 17.34 19.08 20.06
N LEU A 264 17.02 17.81 19.83
CA LEU A 264 15.63 17.38 19.95
C LEU A 264 15.27 17.07 21.40
N ILE A 265 16.17 16.46 22.15
CA ILE A 265 15.89 16.16 23.56
C ILE A 265 15.98 17.44 24.38
N LEU A 266 16.23 18.56 23.71
CA LEU A 266 16.21 19.84 24.40
C LEU A 266 14.81 20.41 24.34
N ILE A 267 14.28 20.55 23.13
CA ILE A 267 12.95 21.11 22.96
C ILE A 267 11.91 20.26 23.68
N LYS A 268 12.24 18.99 23.88
CA LYS A 268 11.36 18.07 24.57
C LYS A 268 11.17 18.43 26.05
N GLU A 269 12.26 18.82 26.70
CA GLU A 269 12.23 19.04 28.14
C GLU A 269 12.65 20.45 28.56
N ASP A 270 13.14 21.24 27.62
CA ASP A 270 13.53 22.62 27.93
C ASP A 270 12.74 23.69 27.16
N TYR A 271 12.32 23.37 25.93
CA TYR A 271 11.62 24.36 25.11
C TYR A 271 10.11 24.11 25.04
N PHE A 272 9.67 22.92 25.43
CA PHE A 272 8.24 22.65 25.50
C PHE A 272 7.61 23.41 26.67
N PRO A 273 8.24 23.38 27.85
CA PRO A 273 7.74 24.23 28.92
C PRO A 273 7.74 25.71 28.55
N ARG A 274 8.66 26.12 27.67
CA ARG A 274 8.74 27.51 27.22
C ARG A 274 7.54 27.92 26.36
N ILE A 275 6.66 26.97 26.05
CA ILE A 275 5.50 27.25 25.21
C ILE A 275 4.19 27.01 25.97
N GLU A 276 4.20 26.05 26.89
CA GLU A 276 2.99 25.70 27.63
C GLU A 276 2.41 26.90 28.36
N ALA A 277 3.29 27.78 28.84
CA ALA A 277 2.85 28.97 29.54
C ALA A 277 2.55 30.11 28.57
N ILE A 278 3.36 30.20 27.52
CA ILE A 278 3.23 31.29 26.55
C ILE A 278 1.94 31.18 25.75
N THR A 279 1.58 29.96 25.36
CA THR A 279 0.36 29.75 24.60
C THR A 279 -0.85 29.65 25.52
N SER A 280 -1.93 30.36 25.16
CA SER A 280 -3.18 30.26 25.91
C SER A 280 -3.87 28.94 25.58
N SER A 281 -4.93 28.62 26.31
CA SER A 281 -5.64 27.37 26.12
C SER A 281 -6.36 27.34 24.77
N GLY A 282 -6.54 28.50 24.17
CA GLY A 282 -7.23 28.60 22.88
C GLY A 282 -6.35 28.48 21.66
N GLN A 283 -5.07 28.15 21.85
CA GLN A 283 -4.15 27.99 20.72
C GLN A 283 -3.15 26.86 20.93
N MET A 284 -3.50 25.88 21.74
CA MET A 284 -2.60 24.74 22.01
C MET A 284 -2.59 23.73 20.87
N GLY A 285 -3.30 24.03 19.78
CA GLY A 285 -3.34 23.13 18.64
C GLY A 285 -1.97 22.83 18.08
N SER A 286 -1.19 23.87 17.83
CA SER A 286 0.14 23.73 17.24
C SER A 286 1.10 23.00 18.19
N PHE A 287 1.10 23.42 19.45
CA PHE A 287 1.99 22.83 20.44
C PHE A 287 1.74 21.34 20.62
N ILE A 288 0.53 20.89 20.33
CA ILE A 288 0.18 19.49 20.51
C ILE A 288 0.74 18.64 19.38
N ARG A 289 0.64 19.13 18.15
CA ARG A 289 1.21 18.42 17.00
C ARG A 289 2.71 18.25 17.19
N LEU A 290 3.34 19.28 17.75
CA LEU A 290 4.78 19.29 17.90
C LEU A 290 5.25 18.17 18.84
N LYS A 291 4.45 17.84 19.84
CA LYS A 291 4.80 16.77 20.75
C LYS A 291 4.47 15.41 20.15
N GLN A 292 3.30 15.29 19.54
CA GLN A 292 2.93 14.05 18.86
C GLN A 292 3.99 13.71 17.81
N PHE A 293 4.66 14.73 17.29
CA PHE A 293 5.69 14.50 16.30
C PHE A 293 6.98 13.96 16.92
N LEU A 294 7.33 14.47 18.09
CA LEU A 294 8.60 14.10 18.71
C LEU A 294 8.51 12.88 19.61
N GLU A 295 7.41 12.74 20.34
CA GLU A 295 7.23 11.59 21.23
C GLU A 295 7.48 10.29 20.46
N LYS A 296 7.10 10.24 19.19
CA LYS A 296 7.44 9.11 18.33
C LYS A 296 8.91 9.14 17.95
N CYS A 297 9.30 10.19 17.23
CA CYS A 297 10.63 10.28 16.66
C CYS A 297 11.72 9.99 17.69
N LEU A 298 11.54 10.51 18.90
CA LEU A 298 12.53 10.32 19.95
C LEU A 298 12.66 8.86 20.34
N GLN A 299 11.53 8.17 20.50
CA GLN A 299 11.57 6.76 20.90
C GLN A 299 11.86 5.85 19.71
N HIS A 300 11.40 6.25 18.52
CA HIS A 300 11.66 5.47 17.32
C HIS A 300 13.10 5.63 16.82
N LYS A 301 13.84 6.56 17.42
CA LYS A 301 15.21 6.83 16.99
C LYS A 301 15.28 7.30 15.54
N ASP A 302 14.12 7.59 14.95
CA ASP A 302 14.06 7.90 13.52
C ASP A 302 13.02 8.98 13.22
N ILE A 303 13.37 9.88 12.31
CA ILE A 303 12.44 10.89 11.82
C ILE A 303 11.98 10.46 10.42
N PRO A 304 10.68 10.14 10.27
CA PRO A 304 10.23 9.65 8.96
C PRO A 304 10.65 10.58 7.84
N VAL A 305 10.98 10.00 6.69
CA VAL A 305 11.30 10.80 5.51
C VAL A 305 10.06 11.59 5.18
N PRO A 306 10.21 12.83 4.75
CA PRO A 306 9.01 13.62 4.46
C PRO A 306 8.08 13.00 3.42
N LYS A 307 6.80 12.98 3.73
CA LYS A 307 5.80 12.53 2.79
C LYS A 307 5.88 13.40 1.54
N GLY A 308 6.23 12.78 0.41
CA GLY A 308 6.35 13.51 -0.84
C GLY A 308 7.74 13.58 -1.41
N PHE A 309 8.69 12.92 -0.75
CA PHE A 309 10.07 12.90 -1.24
C PHE A 309 10.13 12.25 -2.62
N LEU A 310 10.95 12.80 -3.48
CA LEU A 310 11.07 12.32 -4.85
C LEU A 310 11.86 11.02 -4.89
N THR A 311 11.18 9.93 -5.22
CA THR A 311 11.79 8.61 -5.23
C THR A 311 12.50 8.32 -6.54
N SER A 312 13.30 7.25 -6.55
CA SER A 312 14.00 6.83 -7.76
C SER A 312 13.02 6.70 -8.91
N SER A 313 11.90 6.04 -8.64
CA SER A 313 10.85 5.85 -9.63
C SER A 313 10.45 7.18 -10.27
N PHE A 314 10.30 8.21 -9.46
CA PHE A 314 9.94 9.53 -9.96
C PHE A 314 10.99 10.08 -10.92
N TRP A 315 12.25 9.77 -10.64
CA TRP A 315 13.33 10.30 -11.46
C TRP A 315 13.47 9.55 -12.79
N ARG A 316 13.52 8.23 -12.78
CA ARG A 316 13.61 7.49 -14.03
C ARG A 316 12.35 7.73 -14.85
N SER A 317 11.22 7.38 -14.26
CA SER A 317 9.92 7.56 -14.91
C SER A 317 9.75 9.02 -15.36
N ILE B 6 42.06 26.54 -12.85
CA ILE B 6 41.07 25.48 -12.68
C ILE B 6 41.12 24.94 -11.25
N ILE B 7 40.15 25.35 -10.44
CA ILE B 7 39.98 24.80 -9.10
C ILE B 7 38.51 24.47 -8.87
N ALA B 8 38.25 23.49 -8.01
CA ALA B 8 36.91 23.18 -7.57
C ALA B 8 36.82 23.36 -6.06
N THR B 9 36.00 24.31 -5.62
CA THR B 9 35.89 24.66 -4.21
C THR B 9 35.37 23.50 -3.36
N ASP B 10 35.44 23.67 -2.04
CA ASP B 10 35.00 22.64 -1.10
C ASP B 10 33.73 23.09 -0.38
N ASN B 11 33.36 22.36 0.68
CA ASN B 11 32.07 22.54 1.33
C ASN B 11 32.18 23.31 2.65
N VAL B 12 31.02 23.56 3.27
CA VAL B 12 30.95 24.17 4.59
C VAL B 12 29.78 23.55 5.37
N LEU B 13 29.46 22.30 5.07
CA LEU B 13 28.38 21.60 5.74
C LEU B 13 28.71 21.54 7.22
N PHE B 14 29.90 21.03 7.52
CA PHE B 14 30.41 21.07 8.88
C PHE B 14 31.32 22.28 9.01
N THR B 15 31.55 22.70 10.25
CA THR B 15 32.50 23.77 10.51
C THR B 15 33.77 23.16 11.09
N PRO B 16 34.94 23.61 10.62
CA PRO B 16 36.18 23.02 11.16
C PRO B 16 36.32 23.26 12.66
N ARG B 17 37.29 22.58 13.27
CA ARG B 17 37.57 22.79 14.68
C ARG B 17 38.08 24.23 14.82
N ASP B 18 38.62 24.77 13.73
CA ASP B 18 38.95 26.19 13.66
C ASP B 18 37.66 26.99 13.53
N LYS B 19 37.75 28.31 13.69
CA LYS B 19 36.57 29.18 13.65
C LYS B 19 35.53 28.83 14.71
N LEU B 20 35.84 27.88 15.59
CA LEU B 20 34.87 27.42 16.58
C LEU B 20 35.31 27.85 17.96
N THR B 21 34.49 28.67 18.61
CA THR B 21 34.81 29.22 19.92
C THR B 21 34.87 28.11 20.97
N VAL B 22 35.41 28.43 22.14
CA VAL B 22 35.60 27.44 23.20
C VAL B 22 34.29 27.11 23.89
N GLU B 23 33.38 28.08 23.93
CA GLU B 23 32.05 27.84 24.49
C GLU B 23 31.28 26.86 23.60
N GLU B 24 31.47 26.96 22.30
CA GLU B 24 30.78 26.10 21.35
C GLU B 24 31.36 24.69 21.36
N LEU B 25 32.69 24.60 21.48
CA LEU B 25 33.34 23.30 21.55
C LEU B 25 32.82 22.49 22.74
N GLU B 26 32.55 23.18 23.84
CA GLU B 26 32.10 22.52 25.05
C GLU B 26 30.62 22.16 24.97
N GLN B 27 29.87 22.89 24.16
CA GLN B 27 28.47 22.55 23.92
C GLN B 27 28.36 21.24 23.16
N PHE B 28 29.05 21.16 22.03
CA PHE B 28 29.03 19.97 21.18
C PHE B 28 29.52 18.73 21.92
N GLN B 29 30.28 18.92 22.99
CA GLN B 29 30.88 17.80 23.72
C GLN B 29 30.02 17.31 24.90
N SER B 30 28.94 18.02 25.20
CA SER B 30 28.07 17.63 26.30
C SER B 30 27.03 16.60 25.86
N LYS B 31 26.61 15.75 26.81
CA LYS B 31 25.56 14.76 26.55
C LYS B 31 24.20 15.43 26.44
N LYS B 32 24.12 16.68 26.90
CA LYS B 32 22.91 17.49 26.75
C LYS B 32 23.28 18.92 26.37
N PHE B 33 22.43 19.55 25.56
CA PHE B 33 22.61 20.95 25.24
C PHE B 33 22.06 21.82 26.37
N THR B 34 22.58 23.04 26.48
CA THR B 34 22.11 23.98 27.48
C THR B 34 21.18 24.98 26.81
N LEU B 35 19.98 25.12 27.36
CA LEU B 35 18.94 25.93 26.75
C LEU B 35 19.44 27.37 26.53
N GLY B 36 19.21 27.89 25.33
CA GLY B 36 19.55 29.26 25.01
C GLY B 36 21.01 29.49 24.62
N LYS B 37 21.78 28.41 24.50
CA LYS B 37 23.20 28.53 24.16
C LYS B 37 23.61 27.52 23.09
N ILE B 38 22.68 27.19 22.20
CA ILE B 38 22.98 26.29 21.10
C ILE B 38 23.88 27.01 20.11
N PRO B 39 24.99 26.37 19.70
CA PRO B 39 25.87 27.04 18.74
C PRO B 39 25.20 27.23 17.38
N LEU B 40 25.41 28.38 16.76
CA LEU B 40 24.80 28.68 15.46
C LEU B 40 25.51 27.93 14.34
N LYS B 41 26.83 27.91 14.39
CA LYS B 41 27.62 27.21 13.39
C LYS B 41 27.38 25.71 13.50
N PRO B 42 27.40 24.99 12.36
CA PRO B 42 27.18 23.54 12.44
C PRO B 42 28.31 22.83 13.19
N PRO B 43 28.06 21.60 13.68
CA PRO B 43 29.10 20.89 14.42
C PRO B 43 30.24 20.44 13.53
N PRO B 44 31.35 20.01 14.14
CA PRO B 44 32.49 19.54 13.35
C PRO B 44 32.37 18.05 13.06
N LEU B 45 33.19 17.55 12.14
CA LEU B 45 33.15 16.14 11.76
C LEU B 45 33.61 15.22 12.91
N GLU B 46 34.32 15.80 13.87
CA GLU B 46 34.92 15.01 14.94
C GLU B 46 33.88 14.54 15.94
N LEU B 47 32.90 15.40 16.21
CA LEU B 47 31.99 15.19 17.33
C LEU B 47 30.57 14.84 16.90
N LEU B 48 30.43 14.11 15.79
CA LEU B 48 29.13 13.58 15.42
C LEU B 48 28.78 12.36 16.28
N ASN B 49 29.77 11.86 17.01
CA ASN B 49 29.55 10.76 17.95
C ASN B 49 28.93 9.55 17.26
N ASP C 3 38.07 -23.59 19.65
CA ASP C 3 37.84 -24.65 20.63
C ASP C 3 36.88 -24.19 21.72
N ILE C 4 36.91 -22.89 22.03
CA ILE C 4 35.98 -22.31 22.98
C ILE C 4 34.54 -22.63 22.57
N THR C 5 34.29 -22.59 21.27
CA THR C 5 32.97 -22.83 20.72
C THR C 5 32.64 -24.32 20.69
N MET C 6 33.58 -25.13 20.21
CA MET C 6 33.38 -26.57 20.11
C MET C 6 33.22 -27.23 21.47
N GLN C 7 33.92 -26.70 22.47
CA GLN C 7 33.78 -27.21 23.84
C GLN C 7 32.37 -26.91 24.36
N TRP C 8 31.92 -25.68 24.15
CA TRP C 8 30.55 -25.30 24.50
C TRP C 8 29.53 -26.06 23.65
N TYR C 9 29.90 -26.36 22.41
CA TYR C 9 29.04 -27.15 21.52
C TYR C 9 28.79 -28.53 22.09
N GLN C 10 29.82 -29.13 22.66
CA GLN C 10 29.69 -30.46 23.24
C GLN C 10 28.88 -30.43 24.53
N GLN C 11 29.04 -29.36 25.30
CA GLN C 11 28.33 -29.23 26.57
C GLN C 11 26.82 -29.37 26.38
N LEU C 12 26.28 -28.69 25.37
CA LEU C 12 24.85 -28.75 25.11
C LEU C 12 24.43 -30.10 24.55
N GLN C 13 25.24 -30.65 23.66
CA GLN C 13 24.92 -31.92 23.03
C GLN C 13 24.86 -33.05 24.04
N ASP C 14 25.94 -33.25 24.79
CA ASP C 14 25.97 -34.34 25.76
C ASP C 14 25.04 -34.07 26.94
N ALA C 15 24.72 -32.79 27.19
CA ALA C 15 23.75 -32.46 28.22
C ALA C 15 22.35 -32.84 27.77
N SER C 16 22.08 -32.68 26.48
CA SER C 16 20.82 -33.11 25.91
C SER C 16 20.77 -34.64 25.88
N MET C 17 21.89 -35.26 25.52
CA MET C 17 21.99 -36.71 25.52
C MET C 17 21.65 -37.27 26.89
N GLN C 18 22.06 -36.55 27.94
CA GLN C 18 21.69 -36.92 29.30
C GLN C 18 20.17 -36.88 29.46
N CYS C 19 19.53 -35.93 28.77
CA CYS C 19 18.08 -35.79 28.86
C CYS C 19 17.38 -36.90 28.08
N VAL C 20 18.04 -37.41 27.04
CA VAL C 20 17.50 -38.55 26.30
C VAL C 20 17.39 -39.74 27.26
N LEU C 21 18.26 -39.78 28.25
CA LEU C 21 18.33 -40.91 29.18
C LEU C 21 17.55 -40.69 30.48
N THR C 22 17.34 -39.44 30.87
CA THR C 22 16.67 -39.16 32.14
C THR C 22 15.20 -39.61 32.11
N PHE C 23 14.57 -39.50 30.94
CA PHE C 23 13.19 -39.96 30.80
C PHE C 23 13.10 -41.29 30.06
N GLU C 24 14.26 -41.91 29.82
CA GLU C 24 14.30 -43.21 29.15
C GLU C 24 13.33 -44.17 29.82
N GLY C 25 12.29 -44.56 29.09
CA GLY C 25 11.26 -45.42 29.64
C GLY C 25 9.85 -44.93 29.41
N LEU C 26 9.70 -43.63 29.22
CA LEU C 26 8.42 -43.07 28.84
C LEU C 26 8.12 -43.40 27.38
N THR C 27 9.13 -43.29 26.53
CA THR C 27 9.00 -43.67 25.13
C THR C 27 9.07 -45.19 24.97
N ASN C 28 10.13 -45.78 25.50
CA ASN C 28 10.36 -47.22 25.40
C ASN C 28 9.47 -47.99 26.38
N SER C 29 8.18 -47.98 26.13
CA SER C 29 7.21 -48.69 26.95
C SER C 29 6.17 -49.40 26.08
N LYS C 30 5.81 -50.62 26.44
CA LYS C 30 4.91 -51.42 25.63
C LYS C 30 3.57 -51.68 26.32
N ASP C 31 3.41 -51.16 27.54
CA ASP C 31 2.12 -51.27 28.21
C ASP C 31 1.09 -50.47 27.42
N SER C 32 -0.19 -50.77 27.62
CA SER C 32 -1.25 -50.06 26.91
C SER C 32 -1.46 -48.65 27.48
N GLN C 33 -1.74 -48.57 28.78
CA GLN C 33 -1.97 -47.28 29.44
C GLN C 33 -0.73 -46.41 29.53
N ALA C 34 0.43 -47.01 29.70
CA ALA C 34 1.66 -46.24 29.92
C ALA C 34 2.01 -45.37 28.72
N LYS C 35 1.70 -45.85 27.53
CA LYS C 35 1.96 -45.09 26.30
C LYS C 35 0.75 -44.29 25.81
N LYS C 36 -0.46 -44.69 26.21
CA LYS C 36 -1.66 -43.99 25.77
C LYS C 36 -1.60 -42.55 26.26
N ILE C 37 -1.00 -42.36 27.44
CA ILE C 37 -0.77 -41.03 27.98
C ILE C 37 0.29 -40.34 27.13
N LYS C 38 1.38 -41.08 26.87
CA LYS C 38 2.49 -40.59 26.07
C LYS C 38 2.01 -39.96 24.77
N MET C 39 0.95 -40.51 24.20
CA MET C 39 0.42 -39.96 22.96
C MET C 39 -0.15 -38.58 23.24
N ASP C 40 -0.89 -38.46 24.33
CA ASP C 40 -1.54 -37.20 24.68
C ASP C 40 -0.54 -36.18 25.23
N LEU C 41 0.60 -36.66 25.73
CA LEU C 41 1.62 -35.76 26.26
C LEU C 41 2.31 -34.98 25.15
N GLN C 42 3.01 -35.69 24.27
CA GLN C 42 3.67 -35.05 23.15
C GLN C 42 2.69 -34.24 22.31
N LYS C 43 1.46 -34.72 22.23
CA LYS C 43 0.41 -34.09 21.44
C LYS C 43 0.13 -32.69 21.97
N ALA C 44 -0.21 -32.60 23.25
CA ALA C 44 -0.53 -31.31 23.87
C ALA C 44 0.74 -30.52 24.24
N ALA C 45 1.85 -30.82 23.59
CA ALA C 45 3.10 -30.11 23.85
C ALA C 45 3.75 -29.61 22.56
N THR C 46 3.36 -30.17 21.42
CA THR C 46 3.94 -29.78 20.15
C THR C 46 2.91 -29.18 19.18
N ILE C 47 1.64 -29.19 19.56
CA ILE C 47 0.60 -28.62 18.71
C ILE C 47 0.53 -27.11 18.94
N PRO C 48 0.56 -26.66 20.20
CA PRO C 48 0.52 -25.21 20.42
C PRO C 48 1.62 -24.44 19.69
N VAL C 49 2.77 -25.07 19.47
CA VAL C 49 3.84 -24.43 18.70
C VAL C 49 3.46 -24.38 17.22
N SER C 50 2.75 -25.42 16.76
CA SER C 50 2.26 -25.45 15.39
C SER C 50 1.13 -24.44 15.19
N GLN C 51 0.50 -24.02 16.28
CA GLN C 51 -0.58 -23.03 16.20
C GLN C 51 -0.03 -21.62 16.00
N ILE C 52 1.24 -21.41 16.35
CA ILE C 52 1.83 -20.08 16.34
C ILE C 52 1.59 -19.41 14.98
N SER C 53 0.73 -18.40 14.98
CA SER C 53 0.34 -17.70 13.76
C SER C 53 0.86 -16.27 13.76
N THR C 54 0.55 -15.55 12.69
CA THR C 54 0.96 -14.15 12.56
C THR C 54 -0.23 -13.19 12.50
N ILE C 55 -1.41 -13.66 12.90
CA ILE C 55 -2.63 -12.87 12.76
C ILE C 55 -2.63 -11.73 13.77
N ALA C 56 -2.25 -12.03 15.00
CA ALA C 56 -2.37 -11.09 16.10
C ALA C 56 -1.68 -11.62 17.35
N GLY C 57 -0.93 -10.75 18.03
CA GLY C 57 -0.29 -11.11 19.29
C GLY C 57 -1.25 -11.38 20.42
N SER C 58 -2.50 -10.93 20.28
CA SER C 58 -3.51 -11.20 21.29
C SER C 58 -3.72 -12.69 21.41
N LYS C 59 -3.83 -13.36 20.26
CA LYS C 59 -3.99 -14.81 20.23
C LYS C 59 -2.66 -15.54 20.38
N LEU C 60 -1.56 -14.83 20.16
CA LEU C 60 -0.25 -15.42 20.34
C LEU C 60 0.06 -15.62 21.82
N LYS C 61 -0.69 -14.93 22.68
CA LYS C 61 -0.50 -15.09 24.12
C LYS C 61 -1.13 -16.39 24.62
N GLU C 62 -2.25 -16.79 24.00
CA GLU C 62 -2.91 -18.03 24.36
C GLU C 62 -1.94 -19.21 24.25
N ILE C 63 -1.21 -19.25 23.15
CA ILE C 63 -0.24 -20.31 22.90
C ILE C 63 0.88 -20.26 23.95
N PHE C 64 1.33 -19.05 24.28
CA PHE C 64 2.39 -18.88 25.28
C PHE C 64 1.88 -19.38 26.63
N ASP C 65 0.66 -19.00 26.99
CA ASP C 65 0.08 -19.42 28.26
C ASP C 65 -0.19 -20.92 28.28
N LYS C 66 -0.63 -21.46 27.15
CA LYS C 66 -0.94 -22.89 27.09
C LYS C 66 0.32 -23.74 27.23
N ILE C 67 1.45 -23.20 26.77
CA ILE C 67 2.72 -23.90 26.90
C ILE C 67 3.28 -23.70 28.31
N HIS C 68 3.16 -22.48 28.83
CA HIS C 68 3.67 -22.18 30.17
C HIS C 68 2.92 -22.96 31.24
N SER C 69 1.60 -23.07 31.08
CA SER C 69 0.79 -23.84 32.02
C SER C 69 1.16 -25.31 31.97
N LEU C 70 1.28 -25.84 30.75
CA LEU C 70 1.67 -27.23 30.56
C LEU C 70 3.01 -27.51 31.23
N LEU C 71 4.00 -26.66 30.94
CA LEU C 71 5.35 -26.88 31.43
C LEU C 71 5.47 -26.61 32.92
N SER C 72 4.72 -25.63 33.43
CA SER C 72 4.79 -25.26 34.83
C SER C 72 4.08 -26.27 35.74
N GLY C 73 3.42 -27.25 35.14
CA GLY C 73 2.80 -28.33 35.88
C GLY C 73 1.29 -28.28 35.91
N LYS C 74 0.72 -27.12 35.62
CA LYS C 74 -0.73 -26.94 35.66
C LYS C 74 -1.41 -27.86 34.64
N PRO C 75 -2.72 -28.08 34.80
CA PRO C 75 -3.46 -28.88 33.81
C PRO C 75 -3.84 -28.07 32.58
N VAL C 76 -3.81 -28.69 31.41
CA VAL C 76 -4.09 -27.99 30.17
C VAL C 76 -5.14 -28.75 29.37
N GLN C 77 -6.19 -28.05 28.93
CA GLN C 77 -7.20 -28.66 28.09
C GLN C 77 -6.59 -29.00 26.73
N SER C 78 -6.63 -30.28 26.39
CA SER C 78 -6.15 -30.77 25.10
C SER C 78 -7.31 -31.22 24.24
N GLY C 79 -7.02 -31.64 23.01
CA GLY C 79 -8.05 -32.17 22.14
C GLY C 79 -8.79 -33.31 22.80
N GLY C 80 -10.05 -33.07 23.13
CA GLY C 80 -10.84 -34.02 23.91
C GLY C 80 -10.87 -33.66 25.38
N ARG C 81 -10.09 -34.37 26.18
CA ARG C 81 -10.09 -34.20 27.63
C ARG C 81 -8.76 -33.60 28.11
N SER C 82 -8.76 -33.03 29.31
CA SER C 82 -7.57 -32.36 29.87
C SER C 82 -6.39 -33.29 30.17
N VAL C 83 -5.20 -32.71 30.19
CA VAL C 83 -3.96 -33.43 30.45
C VAL C 83 -3.09 -32.62 31.41
N SER C 84 -2.19 -33.31 32.12
CA SER C 84 -1.23 -32.65 32.98
C SER C 84 0.10 -33.40 32.94
N VAL C 85 1.15 -32.79 33.49
CA VAL C 85 2.47 -33.43 33.51
C VAL C 85 2.55 -34.42 34.67
N THR C 86 1.78 -34.16 35.72
CA THR C 86 1.81 -34.99 36.93
C THR C 86 1.41 -36.44 36.70
N LEU C 87 0.89 -36.75 35.51
CA LEU C 87 0.49 -38.12 35.19
C LEU C 87 1.70 -39.07 35.21
N ASN C 88 2.85 -38.56 34.78
CA ASN C 88 4.09 -39.35 34.76
C ASN C 88 5.23 -38.49 35.30
N PRO C 89 6.10 -39.07 36.13
CA PRO C 89 7.23 -38.28 36.64
C PRO C 89 8.25 -37.89 35.56
N GLN C 90 8.36 -38.71 34.52
CA GLN C 90 9.29 -38.44 33.43
C GLN C 90 8.77 -37.39 32.45
N GLY C 91 7.51 -37.01 32.59
CA GLY C 91 6.87 -36.10 31.65
C GLY C 91 7.52 -34.73 31.59
N LEU C 92 7.95 -34.21 32.74
CA LEU C 92 8.58 -32.89 32.79
C LEU C 92 9.83 -32.82 31.91
N ASP C 93 10.81 -33.68 32.22
CA ASP C 93 12.05 -33.73 31.45
C ASP C 93 11.83 -34.24 30.02
N PHE C 94 10.62 -34.74 29.75
CA PHE C 94 10.29 -35.24 28.42
C PHE C 94 9.63 -34.18 27.55
N VAL C 95 8.73 -33.40 28.13
CA VAL C 95 8.03 -32.36 27.38
C VAL C 95 9.01 -31.29 26.95
N GLN C 96 10.02 -31.04 27.78
CA GLN C 96 11.05 -30.07 27.45
C GLN C 96 11.85 -30.54 26.23
N TYR C 97 11.97 -31.85 26.07
CA TYR C 97 12.67 -32.41 24.91
C TYR C 97 11.83 -32.29 23.65
N LYS C 98 10.55 -32.66 23.76
CA LYS C 98 9.65 -32.62 22.60
C LYS C 98 9.27 -31.19 22.23
N LEU C 99 9.15 -30.33 23.22
CA LEU C 99 8.85 -28.92 22.96
C LEU C 99 10.05 -28.24 22.29
N ALA C 100 11.24 -28.52 22.81
CA ALA C 100 12.45 -27.90 22.29
C ALA C 100 12.72 -28.32 20.83
N GLU C 101 12.56 -29.61 20.54
CA GLU C 101 12.78 -30.08 19.18
C GLU C 101 11.77 -29.46 18.24
N LYS C 102 10.55 -29.25 18.74
CA LYS C 102 9.47 -28.76 17.92
C LYS C 102 9.77 -27.36 17.40
N PHE C 103 10.35 -26.53 18.26
CA PHE C 103 10.68 -25.15 17.89
C PHE C 103 11.67 -25.14 16.72
N VAL C 104 12.71 -25.97 16.82
CA VAL C 104 13.68 -26.10 15.76
C VAL C 104 13.02 -26.70 14.52
N LYS C 105 12.07 -27.60 14.75
CA LYS C 105 11.36 -28.27 13.66
C LYS C 105 10.54 -27.29 12.83
N GLN C 106 9.86 -26.36 13.50
CA GLN C 106 9.06 -25.36 12.81
C GLN C 106 9.91 -24.44 11.94
N GLY C 107 11.15 -24.21 12.36
CA GLY C 107 12.09 -23.45 11.55
C GLY C 107 12.58 -24.26 10.38
N GLU C 108 12.54 -25.58 10.51
CA GLU C 108 13.01 -26.48 9.47
C GLU C 108 12.11 -26.39 8.24
N GLU C 109 10.80 -26.53 8.45
CA GLU C 109 9.84 -26.54 7.32
C GLU C 109 9.18 -25.20 7.07
N GLU C 110 8.51 -24.65 8.08
CA GLU C 110 7.69 -23.47 7.88
C GLU C 110 8.54 -22.24 7.55
N VAL C 111 9.53 -21.94 8.37
CA VAL C 111 10.32 -20.73 8.16
C VAL C 111 11.11 -20.84 6.85
N ALA C 112 11.54 -22.06 6.52
CA ALA C 112 12.26 -22.29 5.28
C ALA C 112 11.40 -21.85 4.10
N SER C 113 10.12 -22.19 4.16
CA SER C 113 9.18 -21.86 3.09
C SER C 113 8.65 -20.44 3.26
N HIS C 114 8.33 -20.07 4.50
CA HIS C 114 7.73 -18.78 4.80
C HIS C 114 8.63 -17.96 5.71
N HIS C 115 9.45 -17.12 5.12
CA HIS C 115 10.48 -16.40 5.86
C HIS C 115 9.87 -15.51 6.95
N GLU C 116 8.59 -15.17 6.79
CA GLU C 116 7.94 -14.22 7.67
C GLU C 116 7.48 -14.81 9.01
N ALA C 117 7.23 -16.12 9.05
CA ALA C 117 6.73 -16.77 10.26
C ALA C 117 7.79 -16.93 11.34
N ALA C 118 9.01 -16.48 11.08
CA ALA C 118 10.12 -16.68 12.00
C ALA C 118 9.97 -15.85 13.28
N PHE C 119 9.29 -14.71 13.18
CA PHE C 119 9.20 -13.78 14.30
C PHE C 119 8.12 -14.14 15.33
N PRO C 120 6.90 -14.45 14.88
CA PRO C 120 5.90 -14.87 15.87
C PRO C 120 6.25 -16.20 16.55
N ILE C 121 7.15 -16.96 15.94
CA ILE C 121 7.66 -18.17 16.54
C ILE C 121 8.83 -17.83 17.46
N ALA C 122 9.67 -16.90 17.03
CA ALA C 122 10.85 -16.53 17.80
C ALA C 122 10.47 -15.99 19.18
N VAL C 123 9.54 -15.04 19.21
CA VAL C 123 9.17 -14.39 20.47
C VAL C 123 8.69 -15.40 21.49
N VAL C 124 7.92 -16.39 21.04
CA VAL C 124 7.41 -17.42 21.93
C VAL C 124 8.57 -18.23 22.48
N ALA C 125 9.56 -18.48 21.64
CA ALA C 125 10.76 -19.19 22.08
C ALA C 125 11.56 -18.32 23.05
N SER C 126 11.80 -17.07 22.66
CA SER C 126 12.58 -16.16 23.50
C SER C 126 11.89 -15.89 24.84
N GLY C 127 10.58 -16.13 24.90
CA GLY C 127 9.82 -15.91 26.12
C GLY C 127 9.81 -17.13 27.03
N ILE C 128 9.68 -18.31 26.44
CA ILE C 128 9.71 -19.55 27.19
C ILE C 128 11.12 -19.82 27.69
N TRP C 129 12.11 -19.36 26.93
CA TRP C 129 13.51 -19.50 27.32
C TRP C 129 13.77 -18.74 28.62
N GLU C 130 13.20 -17.54 28.72
CA GLU C 130 13.31 -16.75 29.94
C GLU C 130 12.78 -17.50 31.15
N LEU C 131 11.52 -17.92 31.07
CA LEU C 131 10.86 -18.59 32.19
C LEU C 131 11.49 -19.94 32.50
N HIS C 132 12.06 -20.57 31.48
CA HIS C 132 12.61 -21.91 31.64
C HIS C 132 13.93 -22.07 30.88
N PRO C 133 15.06 -21.80 31.54
CA PRO C 133 16.34 -21.87 30.83
C PRO C 133 16.74 -23.30 30.41
N ARG C 134 16.24 -24.32 31.10
CA ARG C 134 16.55 -25.70 30.72
C ARG C 134 16.05 -26.02 29.32
N VAL C 135 14.88 -25.51 28.97
CA VAL C 135 14.28 -25.76 27.67
C VAL C 135 15.12 -25.10 26.58
N GLY C 136 15.73 -23.97 26.92
CA GLY C 136 16.52 -23.22 25.96
C GLY C 136 17.79 -23.92 25.56
N ASP C 137 18.44 -24.56 26.52
CA ASP C 137 19.63 -25.36 26.25
C ASP C 137 19.28 -26.54 25.34
N LEU C 138 18.08 -27.10 25.53
CA LEU C 138 17.60 -28.18 24.68
C LEU C 138 17.36 -27.71 23.25
N ILE C 139 16.88 -26.48 23.12
CA ILE C 139 16.70 -25.89 21.80
C ILE C 139 18.06 -25.74 21.14
N LEU C 140 19.00 -25.11 21.86
CA LEU C 140 20.35 -24.94 21.34
C LEU C 140 21.02 -26.28 21.06
N ALA C 141 20.55 -27.33 21.72
CA ALA C 141 21.07 -28.66 21.47
C ALA C 141 20.63 -29.12 20.08
N HIS C 142 19.32 -29.21 19.89
CA HIS C 142 18.75 -29.70 18.64
C HIS C 142 19.10 -28.74 17.50
N LEU C 143 19.03 -27.45 17.77
CA LEU C 143 19.38 -26.44 16.77
C LEU C 143 20.81 -26.68 16.30
N HIS C 144 21.69 -27.04 17.23
CA HIS C 144 23.11 -27.19 16.92
C HIS C 144 23.39 -28.45 16.10
N LYS C 145 22.77 -29.57 16.47
CA LYS C 145 23.06 -30.82 15.79
C LYS C 145 22.51 -30.80 14.36
N LYS C 146 21.24 -30.43 14.22
CA LYS C 146 20.62 -30.38 12.91
C LYS C 146 21.23 -29.32 12.00
N CYS C 147 21.85 -28.32 12.59
CA CYS C 147 22.48 -27.26 11.81
C CYS C 147 23.74 -26.75 12.49
N PRO C 148 24.87 -27.46 12.30
CA PRO C 148 26.13 -27.00 12.88
C PRO C 148 26.57 -25.65 12.31
N TYR C 149 25.92 -25.22 11.24
CA TYR C 149 26.25 -23.96 10.58
C TYR C 149 25.73 -22.77 11.41
N SER C 150 24.81 -23.06 12.33
CA SER C 150 24.27 -22.03 13.22
C SER C 150 25.19 -21.78 14.42
N VAL C 151 26.09 -22.72 14.68
CA VAL C 151 26.96 -22.67 15.83
C VAL C 151 27.82 -21.41 15.88
N PRO C 152 28.59 -21.13 14.82
CA PRO C 152 28.76 -21.83 13.54
C PRO C 152 30.07 -22.61 13.45
N PHE C 153 29.98 -23.91 13.14
CA PHE C 153 31.17 -24.71 12.91
C PHE C 153 30.99 -25.60 11.69
N TYR C 154 32.02 -25.65 10.87
CA TYR C 154 32.02 -26.52 9.69
C TYR C 154 32.55 -27.91 10.04
N PRO C 155 31.74 -28.96 9.83
CA PRO C 155 32.27 -30.28 10.15
C PRO C 155 33.40 -30.66 9.21
N THR C 156 34.55 -31.01 9.77
CA THR C 156 35.71 -31.35 8.95
C THR C 156 35.60 -32.82 8.51
N PHE C 157 36.28 -33.17 7.43
CA PHE C 157 36.19 -34.52 6.89
C PHE C 157 37.09 -35.47 7.67
N LYS C 158 36.46 -36.48 8.28
CA LYS C 158 37.18 -37.55 8.95
C LYS C 158 37.54 -38.61 7.91
N GLU C 159 38.82 -38.93 7.78
CA GLU C 159 39.28 -39.86 6.77
C GLU C 159 38.76 -41.27 7.06
N GLY C 160 38.64 -42.07 6.01
CA GLY C 160 38.16 -43.44 6.12
C GLY C 160 36.66 -43.51 6.30
N MET C 161 35.99 -42.39 6.07
CA MET C 161 34.54 -42.34 6.15
C MET C 161 34.01 -41.95 4.78
N ALA C 162 32.94 -42.59 4.35
CA ALA C 162 32.34 -42.31 3.05
C ALA C 162 31.75 -40.91 3.05
N LEU C 163 31.50 -40.37 1.86
CA LEU C 163 30.93 -39.04 1.75
C LEU C 163 29.53 -39.06 2.33
N GLU C 164 28.76 -40.09 1.98
CA GLU C 164 27.41 -40.24 2.51
C GLU C 164 27.45 -40.24 4.05
N ASP C 165 28.54 -40.76 4.61
CA ASP C 165 28.75 -40.69 6.05
C ASP C 165 29.08 -39.26 6.47
N TYR C 166 29.86 -38.57 5.64
CA TYR C 166 30.24 -37.18 5.91
C TYR C 166 29.08 -36.24 5.64
N GLN C 167 28.26 -36.57 4.64
CA GLN C 167 27.09 -35.76 4.33
C GLN C 167 26.10 -35.79 5.50
N ARG C 168 26.00 -36.95 6.17
CA ARG C 168 25.12 -37.09 7.31
C ARG C 168 25.52 -36.14 8.44
N MET C 169 26.84 -36.01 8.66
CA MET C 169 27.35 -35.09 9.67
C MET C 169 27.03 -33.65 9.30
N LEU C 170 27.09 -33.35 8.00
CA LEU C 170 26.74 -32.01 7.51
C LEU C 170 25.25 -31.71 7.59
N GLY C 171 24.46 -32.73 7.89
CA GLY C 171 23.03 -32.55 8.11
C GLY C 171 22.12 -32.92 6.96
N TYR C 172 22.68 -33.29 5.82
CA TYR C 172 21.86 -33.75 4.70
C TYR C 172 21.02 -34.94 5.13
N GLN C 173 19.75 -34.95 4.74
CA GLN C 173 18.88 -36.09 5.02
C GLN C 173 19.19 -37.24 4.07
N VAL C 174 19.42 -38.43 4.65
CA VAL C 174 19.77 -39.60 3.85
C VAL C 174 19.02 -40.82 4.34
N LYS C 175 18.59 -41.64 3.39
CA LYS C 175 17.90 -42.90 3.70
C LYS C 175 18.67 -44.07 3.10
N ASP C 176 17.98 -45.03 2.51
CA ASP C 176 18.63 -46.27 2.10
C ASP C 176 19.80 -46.00 1.14
N SER C 177 19.55 -45.29 0.05
CA SER C 177 20.62 -44.92 -0.86
C SER C 177 20.53 -43.47 -1.31
N LYS C 178 19.32 -42.93 -1.30
CA LYS C 178 19.11 -41.55 -1.75
C LYS C 178 19.33 -40.55 -0.63
N VAL C 179 19.98 -39.44 -0.99
CA VAL C 179 20.22 -38.35 -0.05
C VAL C 179 19.43 -37.13 -0.49
N GLU C 180 18.92 -36.38 0.48
CA GLU C 180 18.10 -35.20 0.18
C GLU C 180 18.91 -34.22 -0.67
N GLN C 181 18.25 -33.64 -1.66
CA GLN C 181 18.88 -32.70 -2.57
C GLN C 181 19.51 -31.53 -1.83
N GLN C 182 20.22 -30.69 -2.56
CA GLN C 182 20.84 -29.51 -1.96
C GLN C 182 19.80 -28.39 -1.78
N ASP C 183 18.91 -28.24 -2.75
CA ASP C 183 17.86 -27.22 -2.67
C ASP C 183 16.93 -27.49 -1.51
N ASN C 184 16.42 -28.72 -1.43
CA ASN C 184 15.52 -29.10 -0.34
C ASN C 184 16.27 -29.27 0.98
N PHE C 185 17.57 -29.02 0.98
CA PHE C 185 18.38 -29.03 2.19
C PHE C 185 18.76 -27.62 2.61
N LEU C 186 19.22 -26.84 1.63
CA LEU C 186 19.66 -25.47 1.88
C LEU C 186 18.55 -24.65 2.54
N LYS C 187 17.33 -24.85 2.07
CA LYS C 187 16.18 -24.13 2.59
C LYS C 187 15.94 -24.53 4.06
N ARG C 188 16.02 -25.82 4.35
CA ARG C 188 15.90 -26.29 5.72
C ARG C 188 16.93 -25.64 6.65
N MET C 189 18.06 -25.22 6.08
CA MET C 189 19.12 -24.60 6.87
C MET C 189 18.98 -23.09 6.94
N SER C 190 18.44 -22.49 5.88
CA SER C 190 18.13 -21.07 5.93
C SER C 190 17.09 -20.82 7.01
N GLY C 191 15.96 -21.49 6.90
CA GLY C 191 14.86 -21.31 7.83
C GLY C 191 15.22 -21.53 9.29
N MET C 192 16.24 -22.33 9.54
CA MET C 192 16.68 -22.58 10.90
C MET C 192 17.41 -21.37 11.49
N ILE C 193 18.28 -20.74 10.71
CA ILE C 193 19.05 -19.62 11.23
C ILE C 193 18.29 -18.30 11.07
N ARG C 194 17.29 -18.28 10.21
CA ARG C 194 16.39 -17.13 10.17
C ARG C 194 15.59 -17.10 11.46
N LEU C 195 15.25 -18.28 11.95
CA LEU C 195 14.60 -18.40 13.26
C LEU C 195 15.57 -17.98 14.36
N TYR C 196 16.80 -18.48 14.28
CA TYR C 196 17.84 -18.15 15.25
C TYR C 196 18.16 -16.65 15.22
N ALA C 197 18.27 -16.11 14.01
CA ALA C 197 18.59 -14.70 13.83
C ALA C 197 17.45 -13.80 14.32
N ALA C 198 16.28 -14.39 14.55
CA ALA C 198 15.12 -13.65 15.02
C ALA C 198 14.99 -13.72 16.54
N ILE C 199 15.37 -14.85 17.12
CA ILE C 199 15.22 -15.04 18.55
C ILE C 199 16.15 -14.13 19.34
N ILE C 200 17.35 -13.90 18.81
CA ILE C 200 18.36 -13.12 19.52
C ILE C 200 18.05 -11.63 19.54
N GLN C 201 17.13 -11.18 18.68
CA GLN C 201 16.83 -9.75 18.60
C GLN C 201 15.46 -9.41 19.18
N LEU C 202 14.63 -10.41 19.45
CA LEU C 202 13.28 -10.18 19.96
C LEU C 202 13.15 -10.59 21.42
N ARG C 203 12.26 -9.91 22.13
CA ARG C 203 12.00 -10.21 23.53
C ARG C 203 10.49 -10.33 23.77
N TRP C 204 10.10 -11.36 24.51
CA TRP C 204 8.70 -11.55 24.84
C TRP C 204 8.24 -10.35 25.65
N PRO C 205 7.23 -9.62 25.16
CA PRO C 205 6.88 -8.36 25.83
C PRO C 205 6.18 -8.54 27.17
N TYR C 206 5.32 -9.55 27.27
CA TYR C 206 4.49 -9.69 28.46
C TYR C 206 5.33 -10.30 29.58
N GLY C 207 4.84 -10.19 30.81
CA GLY C 207 5.59 -10.62 31.97
C GLY C 207 6.47 -9.49 32.48
N ASN C 208 7.04 -9.66 33.67
CA ASN C 208 7.83 -8.62 34.32
C ASN C 208 9.31 -9.00 34.30
N ARG C 209 10.00 -8.70 33.20
CA ARG C 209 11.38 -9.15 33.08
C ARG C 209 12.38 -8.05 33.42
N GLN C 210 13.26 -8.32 34.39
CA GLN C 210 14.39 -7.42 34.67
C GLN C 210 15.73 -8.03 34.24
N GLU C 211 15.73 -9.34 34.06
CA GLU C 211 16.93 -10.06 33.61
C GLU C 211 17.26 -9.71 32.16
N ILE C 212 18.31 -10.33 31.64
CA ILE C 212 18.77 -10.07 30.29
C ILE C 212 18.18 -11.12 29.36
N HIS C 213 18.10 -10.78 28.08
CA HIS C 213 17.68 -11.71 27.05
C HIS C 213 18.38 -13.04 27.27
N PRO C 214 17.62 -14.16 27.26
CA PRO C 214 18.25 -15.42 27.63
C PRO C 214 19.33 -15.84 26.63
N HIS C 215 19.09 -15.57 25.34
CA HIS C 215 20.12 -15.74 24.33
C HIS C 215 20.33 -14.38 23.66
N GLY C 216 21.19 -13.57 24.26
CA GLY C 216 21.32 -12.18 23.88
C GLY C 216 21.84 -11.95 22.47
N LEU C 217 21.67 -10.73 21.99
CA LEU C 217 22.09 -10.34 20.65
C LEU C 217 23.61 -10.33 20.50
N ASN C 218 24.33 -10.51 21.61
CA ASN C 218 25.78 -10.64 21.57
C ASN C 218 26.20 -11.85 20.75
N HIS C 219 25.43 -12.93 20.85
CA HIS C 219 25.73 -14.16 20.14
C HIS C 219 25.59 -13.99 18.63
N GLY C 220 24.99 -12.88 18.20
CA GLY C 220 24.85 -12.58 16.78
C GLY C 220 26.09 -11.98 16.16
N TRP C 221 26.84 -11.19 16.93
CA TRP C 221 28.09 -10.61 16.44
C TRP C 221 29.15 -11.69 16.27
N ARG C 222 29.29 -12.57 17.26
CA ARG C 222 30.27 -13.64 17.17
C ARG C 222 30.01 -14.51 15.94
N TRP C 223 28.73 -14.75 15.65
CA TRP C 223 28.35 -15.58 14.51
C TRP C 223 28.93 -15.01 13.23
N LEU C 224 28.63 -13.74 12.94
CA LEU C 224 29.14 -13.11 11.74
C LEU C 224 30.67 -13.09 11.74
N ALA C 225 31.26 -12.83 12.90
CA ALA C 225 32.71 -12.83 13.03
C ALA C 225 33.28 -14.23 12.81
N GLN C 226 32.74 -15.21 13.54
CA GLN C 226 33.30 -16.57 13.53
C GLN C 226 33.27 -17.24 12.16
N ILE C 227 32.29 -16.90 11.33
CA ILE C 227 32.20 -17.53 10.01
C ILE C 227 33.09 -16.78 9.03
N LEU C 228 33.19 -15.46 9.20
CA LEU C 228 33.97 -14.62 8.30
C LEU C 228 35.47 -14.77 8.53
N ASN C 229 35.85 -15.44 9.61
CA ASN C 229 37.25 -15.69 9.90
C ASN C 229 37.70 -17.03 9.34
N MET C 230 36.77 -17.84 8.88
CA MET C 230 37.09 -19.12 8.26
C MET C 230 36.67 -19.11 6.80
N GLU C 231 37.36 -19.92 5.99
CA GLU C 231 37.18 -19.88 4.54
C GLU C 231 35.77 -20.34 4.19
N PRO C 232 35.10 -19.64 3.27
CA PRO C 232 33.70 -19.97 3.01
C PRO C 232 33.50 -21.21 2.14
N LEU C 233 32.44 -21.96 2.41
CA LEU C 233 31.99 -23.00 1.51
C LEU C 233 31.33 -22.33 0.30
N SER C 234 31.22 -23.07 -0.80
CA SER C 234 30.75 -22.50 -2.05
C SER C 234 29.36 -21.89 -1.94
N ASP C 235 28.34 -22.73 -1.77
CA ASP C 235 26.95 -22.29 -1.81
C ASP C 235 26.34 -22.08 -0.43
N VAL C 236 26.84 -22.80 0.56
CA VAL C 236 26.26 -22.76 1.90
C VAL C 236 26.49 -21.41 2.57
N THR C 237 27.74 -20.97 2.59
CA THR C 237 28.10 -19.75 3.31
C THR C 237 27.39 -18.53 2.71
N ALA C 238 27.58 -18.30 1.42
CA ALA C 238 27.03 -17.12 0.75
C ALA C 238 25.50 -17.05 0.83
N THR C 239 24.86 -18.18 1.10
CA THR C 239 23.42 -18.21 1.26
C THR C 239 23.01 -17.85 2.68
N LEU C 240 23.57 -18.56 3.65
CA LEU C 240 23.25 -18.31 5.06
C LEU C 240 23.66 -16.91 5.47
N LEU C 241 24.75 -16.41 4.90
CA LEU C 241 25.25 -15.09 5.26
C LEU C 241 24.25 -14.01 4.85
N PHE C 242 23.47 -14.28 3.80
CA PHE C 242 22.49 -13.32 3.33
C PHE C 242 21.26 -13.28 4.26
N ASP C 243 20.58 -14.42 4.38
CA ASP C 243 19.32 -14.46 5.10
C ASP C 243 19.49 -14.26 6.61
N PHE C 244 20.73 -14.25 7.09
CA PHE C 244 20.98 -13.89 8.48
C PHE C 244 21.02 -12.37 8.64
N LEU C 245 21.67 -11.69 7.69
CA LEU C 245 21.78 -10.23 7.74
C LEU C 245 20.44 -9.55 7.48
N GLU C 246 19.64 -10.15 6.60
CA GLU C 246 18.32 -9.61 6.31
C GLU C 246 17.45 -9.64 7.57
N VAL C 247 17.68 -10.64 8.41
CA VAL C 247 16.87 -10.85 9.60
C VAL C 247 17.38 -10.07 10.80
N CYS C 248 18.70 -10.08 11.02
CA CYS C 248 19.28 -9.51 12.23
C CYS C 248 20.22 -8.34 11.98
N GLY C 249 20.37 -7.95 10.72
CA GLY C 249 21.26 -6.85 10.37
C GLY C 249 20.70 -5.50 10.76
N ASN C 250 19.40 -5.44 11.03
CA ASN C 250 18.77 -4.20 11.43
C ASN C 250 18.90 -3.98 12.93
N ALA C 251 18.84 -5.08 13.70
CA ALA C 251 18.99 -4.99 15.15
C ALA C 251 20.46 -4.90 15.54
N LEU C 252 21.32 -5.48 14.72
CA LEU C 252 22.76 -5.41 14.96
C LEU C 252 23.32 -4.03 14.63
N MET C 253 22.76 -3.39 13.61
CA MET C 253 23.21 -2.07 13.19
C MET C 253 22.91 -1.02 14.25
N LYS C 254 21.81 -1.18 14.98
CA LYS C 254 21.46 -0.24 16.04
C LYS C 254 22.36 -0.43 17.26
N GLN C 255 22.71 -1.67 17.57
CA GLN C 255 23.50 -1.97 18.76
C GLN C 255 24.96 -1.58 18.54
N TYR C 256 25.58 -2.20 17.54
CA TYR C 256 26.99 -1.95 17.24
C TYR C 256 27.11 -1.14 15.95
N GLN C 257 26.75 0.14 16.04
CA GLN C 257 26.57 0.98 14.86
C GLN C 257 27.80 1.03 13.97
N VAL C 258 28.92 1.50 14.51
CA VAL C 258 30.12 1.75 13.72
C VAL C 258 30.88 0.46 13.44
N GLN C 259 30.88 -0.45 14.40
CA GLN C 259 31.62 -1.70 14.28
C GLN C 259 30.98 -2.66 13.27
N PHE C 260 29.67 -2.58 13.15
CA PHE C 260 28.95 -3.45 12.21
C PHE C 260 29.19 -3.01 10.77
N TRP C 261 29.27 -1.70 10.55
CA TRP C 261 29.55 -1.17 9.21
C TRP C 261 30.94 -1.60 8.75
N LYS C 262 31.90 -1.65 9.67
CA LYS C 262 33.24 -2.12 9.34
C LYS C 262 33.19 -3.56 8.81
N MET C 263 32.41 -4.41 9.47
CA MET C 263 32.25 -5.81 9.05
C MET C 263 31.60 -5.90 7.67
N LEU C 264 30.80 -4.90 7.34
CA LEU C 264 30.08 -4.84 6.06
C LEU C 264 30.97 -4.35 4.92
N ILE C 265 31.79 -3.35 5.19
CA ILE C 265 32.72 -2.82 4.19
C ILE C 265 33.90 -3.78 4.00
N LEU C 266 33.92 -4.86 4.78
CA LEU C 266 34.96 -5.88 4.64
C LEU C 266 34.53 -7.00 3.70
N ILE C 267 33.41 -7.64 4.02
CA ILE C 267 32.94 -8.77 3.24
C ILE C 267 32.67 -8.40 1.78
N LYS C 268 32.38 -7.12 1.56
CA LYS C 268 32.06 -6.64 0.22
C LYS C 268 33.28 -6.71 -0.69
N GLU C 269 34.45 -6.39 -0.15
CA GLU C 269 35.67 -6.32 -0.95
C GLU C 269 36.79 -7.25 -0.47
N ASP C 270 36.60 -7.91 0.68
CA ASP C 270 37.61 -8.85 1.17
C ASP C 270 37.11 -10.28 1.24
N TYR C 271 35.81 -10.47 1.49
CA TYR C 271 35.26 -11.81 1.61
C TYR C 271 34.46 -12.22 0.37
N PHE C 272 34.10 -11.25 -0.47
CA PHE C 272 33.46 -11.56 -1.74
C PHE C 272 34.45 -12.20 -2.71
N PRO C 273 35.67 -11.64 -2.82
CA PRO C 273 36.68 -12.34 -3.61
C PRO C 273 36.96 -13.76 -3.10
N ARG C 274 36.78 -13.98 -1.80
CA ARG C 274 36.99 -15.30 -1.20
C ARG C 274 35.95 -16.31 -1.64
N ILE C 275 34.96 -15.87 -2.40
CA ILE C 275 33.87 -16.74 -2.85
C ILE C 275 33.89 -16.82 -4.36
N GLU C 276 34.30 -15.73 -5.01
CA GLU C 276 34.33 -15.66 -6.46
C GLU C 276 35.17 -16.78 -7.07
N ALA C 277 36.26 -17.15 -6.38
CA ALA C 277 37.13 -18.22 -6.87
C ALA C 277 36.67 -19.60 -6.40
N ILE C 278 36.20 -19.69 -5.16
CA ILE C 278 35.80 -20.97 -4.58
C ILE C 278 34.55 -21.49 -5.27
N THR C 279 33.60 -20.60 -5.54
CA THR C 279 32.35 -20.98 -6.16
C THR C 279 32.49 -21.11 -7.67
N SER C 280 31.96 -22.20 -8.22
CA SER C 280 31.94 -22.39 -9.67
C SER C 280 30.86 -21.48 -10.27
N SER C 281 30.85 -21.37 -11.59
CA SER C 281 29.90 -20.52 -12.28
C SER C 281 28.48 -21.09 -12.22
N GLY C 282 28.37 -22.38 -11.90
CA GLY C 282 27.08 -23.03 -11.83
C GLY C 282 26.40 -22.96 -10.47
N GLN C 283 26.99 -22.20 -9.55
CA GLN C 283 26.41 -22.05 -8.20
C GLN C 283 26.58 -20.63 -7.66
N MET C 284 26.73 -19.66 -8.56
CA MET C 284 26.90 -18.26 -8.16
C MET C 284 25.56 -17.59 -7.81
N GLY C 285 24.48 -18.35 -7.82
CA GLY C 285 23.16 -17.80 -7.52
C GLY C 285 23.11 -17.11 -6.16
N SER C 286 23.59 -17.79 -5.14
CA SER C 286 23.56 -17.26 -3.78
C SER C 286 24.46 -16.04 -3.63
N PHE C 287 25.67 -16.12 -4.14
CA PHE C 287 26.64 -15.02 -4.03
C PHE C 287 26.12 -13.74 -4.69
N ILE C 288 25.22 -13.89 -5.65
CA ILE C 288 24.69 -12.73 -6.37
C ILE C 288 23.65 -12.00 -5.54
N ARG C 289 22.76 -12.76 -4.89
CA ARG C 289 21.78 -12.16 -3.99
C ARG C 289 22.48 -11.42 -2.86
N LEU C 290 23.58 -12.01 -2.39
CA LEU C 290 24.32 -11.45 -1.26
C LEU C 290 24.87 -10.07 -1.57
N LYS C 291 25.25 -9.84 -2.82
CA LYS C 291 25.77 -8.54 -3.23
C LYS C 291 24.64 -7.55 -3.51
N GLN C 292 23.61 -8.01 -4.21
CA GLN C 292 22.45 -7.17 -4.49
C GLN C 292 21.82 -6.66 -3.20
N PHE C 293 22.01 -7.39 -2.10
CA PHE C 293 21.49 -6.99 -0.80
C PHE C 293 22.34 -5.87 -0.20
N LEU C 294 23.64 -5.90 -0.44
CA LEU C 294 24.55 -4.94 0.18
C LEU C 294 24.68 -3.64 -0.61
N GLU C 295 24.68 -3.73 -1.94
CA GLU C 295 24.76 -2.55 -2.79
C GLU C 295 23.74 -1.51 -2.37
N LYS C 296 22.58 -1.98 -1.95
CA LYS C 296 21.54 -1.11 -1.39
C LYS C 296 21.94 -0.63 0.01
N CYS C 297 22.02 -1.58 0.94
CA CYS C 297 22.27 -1.28 2.34
C CYS C 297 23.49 -0.41 2.56
N LEU C 298 24.57 -0.70 1.84
CA LEU C 298 25.83 0.03 2.02
C LEU C 298 25.68 1.50 1.63
N GLN C 299 25.02 1.75 0.50
CA GLN C 299 24.82 3.12 0.03
C GLN C 299 23.66 3.81 0.74
N HIS C 300 22.65 3.02 1.14
CA HIS C 300 21.48 3.55 1.81
C HIS C 300 21.75 3.93 3.27
N LYS C 301 22.90 3.54 3.79
CA LYS C 301 23.25 3.78 5.18
C LYS C 301 22.28 3.09 6.14
N ASP C 302 21.39 2.27 5.61
CA ASP C 302 20.33 1.66 6.41
C ASP C 302 20.05 0.24 5.92
N ILE C 303 19.83 -0.66 6.87
CA ILE C 303 19.44 -2.03 6.55
C ILE C 303 17.94 -2.17 6.82
N PRO C 304 17.13 -2.39 5.77
CA PRO C 304 15.69 -2.49 5.99
C PRO C 304 15.30 -3.48 7.08
N VAL C 305 14.26 -3.16 7.83
CA VAL C 305 13.71 -4.05 8.84
C VAL C 305 13.23 -5.32 8.16
N PRO C 306 13.40 -6.48 8.82
CA PRO C 306 12.93 -7.71 8.16
C PRO C 306 11.45 -7.63 7.82
N LYS C 307 11.09 -7.93 6.58
CA LYS C 307 9.69 -7.97 6.17
C LYS C 307 8.96 -9.02 6.99
N GLY C 308 8.01 -8.58 7.81
CA GLY C 308 7.26 -9.47 8.68
C GLY C 308 7.50 -9.21 10.16
N PHE C 309 8.28 -8.18 10.47
CA PHE C 309 8.58 -7.81 11.85
C PHE C 309 7.28 -7.51 12.59
N LEU C 310 7.21 -7.92 13.86
CA LEU C 310 6.00 -7.73 14.63
C LEU C 310 5.81 -6.27 15.00
N THR C 311 4.81 -5.65 14.38
CA THR C 311 4.52 -4.23 14.57
C THR C 311 3.62 -4.03 15.78
N SER C 312 3.46 -2.78 16.20
CA SER C 312 2.58 -2.44 17.29
C SER C 312 1.19 -3.04 17.04
N SER C 313 0.67 -2.80 15.83
CA SER C 313 -0.65 -3.29 15.45
C SER C 313 -0.83 -4.77 15.76
N PHE C 314 0.20 -5.57 15.48
CA PHE C 314 0.12 -7.00 15.73
C PHE C 314 -0.07 -7.29 17.22
N TRP C 315 0.56 -6.47 18.08
CA TRP C 315 0.46 -6.70 19.51
C TRP C 315 -0.88 -6.18 20.04
N ARG C 316 -1.20 -4.95 19.69
CA ARG C 316 -2.45 -4.32 20.11
C ARG C 316 -3.63 -5.12 19.57
N SER C 317 -3.60 -5.44 18.28
CA SER C 317 -4.67 -6.22 17.65
C SER C 317 -4.96 -7.48 18.48
N VAL D 12 25.55 -10.71 28.36
CA VAL D 12 26.52 -9.64 28.29
C VAL D 12 26.50 -9.03 26.88
N LEU D 13 25.76 -7.94 26.73
CA LEU D 13 25.61 -7.29 25.43
C LEU D 13 26.93 -6.79 24.86
N PHE D 14 27.57 -5.86 25.57
CA PHE D 14 28.91 -5.37 25.20
C PHE D 14 29.99 -5.98 26.08
N THR D 15 31.24 -5.90 25.61
CA THR D 15 32.39 -6.31 26.41
C THR D 15 33.12 -5.06 26.89
N PRO D 16 33.54 -5.03 28.17
CA PRO D 16 34.22 -3.82 28.66
C PRO D 16 35.51 -3.54 27.90
N ARG D 17 36.06 -2.32 28.05
CA ARG D 17 37.35 -2.01 27.47
C ARG D 17 38.48 -2.74 28.17
N ASP D 18 38.33 -2.91 29.48
CA ASP D 18 39.25 -3.72 30.26
C ASP D 18 38.91 -5.20 30.09
N LYS D 19 39.80 -6.07 30.58
CA LYS D 19 39.65 -7.51 30.40
C LYS D 19 39.66 -7.90 28.93
N LEU D 20 39.93 -6.92 28.06
CA LEU D 20 39.90 -7.11 26.61
C LEU D 20 41.30 -7.00 26.06
N THR D 21 41.76 -8.02 25.36
CA THR D 21 43.13 -8.06 24.87
C THR D 21 43.40 -6.90 23.92
N VAL D 22 44.67 -6.65 23.66
CA VAL D 22 45.08 -5.51 22.84
C VAL D 22 44.85 -5.79 21.37
N GLU D 23 44.87 -7.07 21.00
CA GLU D 23 44.59 -7.44 19.61
C GLU D 23 43.17 -7.08 19.23
N GLU D 24 42.24 -7.29 20.17
CA GLU D 24 40.84 -6.96 19.94
C GLU D 24 40.61 -5.46 20.07
N LEU D 25 41.28 -4.84 21.05
CA LEU D 25 41.16 -3.40 21.25
C LEU D 25 41.62 -2.63 20.03
N GLU D 26 42.67 -3.11 19.36
CA GLU D 26 43.23 -2.42 18.21
C GLU D 26 42.42 -2.65 16.94
N GLN D 27 41.72 -3.77 16.87
CA GLN D 27 40.83 -4.04 15.73
C GLN D 27 39.65 -3.07 15.76
N PHE D 28 38.97 -3.00 16.91
CA PHE D 28 37.82 -2.12 17.06
C PHE D 28 38.20 -0.65 16.82
N GLN D 29 39.48 -0.34 16.96
CA GLN D 29 39.95 1.04 16.82
C GLN D 29 40.39 1.38 15.40
N SER D 30 40.43 0.37 14.52
CA SER D 30 40.83 0.58 13.14
C SER D 30 39.63 1.02 12.31
N LYS D 31 39.88 1.83 11.29
CA LYS D 31 38.81 2.27 10.39
C LYS D 31 38.35 1.15 9.46
N LYS D 32 39.16 0.10 9.34
CA LYS D 32 38.79 -1.08 8.57
C LYS D 32 39.19 -2.33 9.32
N PHE D 33 38.40 -3.40 9.17
CA PHE D 33 38.75 -4.69 9.73
C PHE D 33 39.76 -5.40 8.84
N THR D 34 40.54 -6.29 9.44
CA THR D 34 41.50 -7.10 8.71
C THR D 34 40.94 -8.49 8.51
N LEU D 35 40.93 -8.97 7.27
CA LEU D 35 40.32 -10.24 6.94
C LEU D 35 40.89 -11.36 7.81
N GLY D 36 40.01 -12.16 8.39
CA GLY D 36 40.42 -13.30 9.19
C GLY D 36 40.80 -12.99 10.62
N LYS D 37 40.61 -11.74 11.05
CA LYS D 37 40.97 -11.34 12.41
C LYS D 37 39.90 -10.50 13.09
N ILE D 38 38.64 -10.77 12.75
CA ILE D 38 37.53 -10.08 13.41
C ILE D 38 37.43 -10.61 14.84
N PRO D 39 37.35 -9.71 15.84
CA PRO D 39 37.23 -10.16 17.22
C PRO D 39 35.92 -10.90 17.50
N LEU D 40 35.98 -11.98 18.26
CA LEU D 40 34.78 -12.75 18.57
C LEU D 40 33.91 -12.02 19.60
N LYS D 41 34.54 -11.45 20.63
CA LYS D 41 33.79 -10.70 21.62
C LYS D 41 33.17 -9.45 20.99
N PRO D 42 31.99 -9.05 21.46
CA PRO D 42 31.35 -7.85 20.92
C PRO D 42 32.19 -6.60 21.23
N PRO D 43 31.96 -5.51 20.49
CA PRO D 43 32.74 -4.29 20.74
C PRO D 43 32.37 -3.62 22.05
N PRO D 44 33.20 -2.66 22.50
CA PRO D 44 32.90 -1.97 23.75
C PRO D 44 32.02 -0.75 23.55
N LEU D 45 31.47 -0.24 24.66
CA LEU D 45 30.60 0.92 24.63
C LEU D 45 31.35 2.21 24.24
N GLU D 46 32.67 2.19 24.38
CA GLU D 46 33.45 3.40 24.22
C GLU D 46 33.60 3.89 22.77
N LEU D 47 33.80 2.97 21.83
CA LEU D 47 34.15 3.37 20.48
C LEU D 47 33.08 3.08 19.43
N LEU D 48 31.81 3.19 19.82
CA LEU D 48 30.73 3.19 18.84
C LEU D 48 30.70 4.56 18.17
N ASN D 49 31.82 4.88 17.49
CA ASN D 49 32.16 6.24 17.04
C ASN D 49 32.86 6.99 18.16
N GLU E 5 -17.93 -25.12 -17.63
CA GLU E 5 -19.13 -24.53 -17.05
C GLU E 5 -18.78 -23.71 -15.80
N ASP E 6 -19.17 -22.44 -15.79
CA ASP E 6 -18.90 -21.57 -14.64
C ASP E 6 -17.41 -21.30 -14.48
N ARG E 7 -16.70 -21.35 -15.60
CA ARG E 7 -15.24 -21.21 -15.64
C ARG E 7 -14.76 -19.77 -15.41
N ALA E 8 -15.62 -18.79 -15.69
CA ALA E 8 -15.24 -17.39 -15.52
C ALA E 8 -14.92 -17.08 -14.06
N ALA E 9 -15.72 -17.58 -13.14
CA ALA E 9 -15.46 -17.38 -11.72
C ALA E 9 -14.16 -18.05 -11.32
N GLN E 10 -13.95 -19.27 -11.82
CA GLN E 10 -12.72 -20.01 -11.55
C GLN E 10 -11.51 -19.22 -12.04
N SER E 11 -11.63 -18.65 -13.24
CA SER E 11 -10.55 -17.87 -13.82
C SER E 11 -10.31 -16.57 -13.05
N LEU E 12 -11.39 -15.90 -12.66
CA LEU E 12 -11.29 -14.64 -11.96
C LEU E 12 -10.52 -14.81 -10.65
N LEU E 13 -10.87 -15.83 -9.88
CA LEU E 13 -10.17 -16.10 -8.63
C LEU E 13 -8.70 -16.39 -8.89
N ASN E 14 -8.42 -17.12 -9.97
CA ASN E 14 -7.04 -17.41 -10.34
C ASN E 14 -6.26 -16.14 -10.65
N LYS E 15 -6.96 -15.10 -11.08
CA LYS E 15 -6.33 -13.82 -11.37
C LYS E 15 -5.95 -13.09 -10.07
N LEU E 16 -6.86 -13.12 -9.11
CA LEU E 16 -6.67 -12.38 -7.86
C LEU E 16 -5.56 -12.96 -6.99
N ILE E 17 -5.28 -14.25 -7.15
CA ILE E 17 -4.31 -14.92 -6.29
C ILE E 17 -2.96 -15.17 -6.98
N ARG E 18 -2.93 -15.08 -8.31
CA ARG E 18 -1.70 -15.35 -9.05
C ARG E 18 -0.69 -14.21 -8.83
N SER E 19 0.48 -14.55 -8.32
CA SER E 19 1.48 -13.56 -7.96
C SER E 19 2.70 -13.55 -8.89
N ASN E 20 2.91 -14.66 -9.60
CA ASN E 20 4.05 -14.78 -10.51
C ASN E 20 3.83 -15.92 -11.50
N LEU E 21 4.84 -16.19 -12.33
CA LEU E 21 4.72 -17.23 -13.35
C LEU E 21 4.52 -18.61 -12.74
N VAL E 22 3.92 -19.49 -13.53
CA VAL E 22 3.90 -20.91 -13.23
C VAL E 22 5.02 -21.56 -14.05
N ASP E 23 6.12 -21.90 -13.38
CA ASP E 23 7.28 -22.43 -14.08
C ASP E 23 6.89 -23.65 -14.90
N ASN E 24 7.59 -23.85 -16.02
CA ASN E 24 7.23 -24.90 -16.96
C ASN E 24 8.48 -25.43 -17.65
N THR E 25 8.53 -26.74 -17.84
CA THR E 25 9.71 -27.39 -18.42
C THR E 25 9.41 -28.02 -19.77
N ASN E 26 8.25 -27.72 -20.33
CA ASN E 26 7.90 -28.18 -21.68
C ASN E 26 8.31 -27.15 -22.72
N GLN E 27 8.91 -27.61 -23.81
CA GLN E 27 9.30 -26.73 -24.89
C GLN E 27 8.06 -26.29 -25.67
N VAL E 28 8.09 -25.07 -26.18
CA VAL E 28 6.95 -24.49 -26.85
C VAL E 28 6.90 -24.95 -28.30
N GLU E 29 5.73 -25.39 -28.75
CA GLU E 29 5.52 -25.76 -30.13
C GLU E 29 5.12 -24.54 -30.97
N VAL E 30 5.63 -24.48 -32.19
CA VAL E 30 5.32 -23.38 -33.10
C VAL E 30 4.80 -23.94 -34.42
N LEU E 31 3.68 -23.38 -34.89
CA LEU E 31 3.09 -23.78 -36.16
C LEU E 31 2.95 -22.54 -37.04
N GLN E 32 4.06 -22.14 -37.64
CA GLN E 32 4.13 -20.90 -38.40
C GLN E 32 3.39 -21.00 -39.74
N ARG E 33 2.78 -19.89 -40.14
CA ARG E 33 1.97 -19.84 -41.35
C ARG E 33 2.80 -20.28 -42.55
N ASP E 34 4.00 -19.73 -42.63
CA ASP E 34 4.98 -20.08 -43.64
C ASP E 34 6.10 -20.94 -43.04
N PRO E 35 6.08 -22.26 -43.28
CA PRO E 35 7.11 -23.08 -42.63
C PRO E 35 8.54 -22.67 -42.99
N ASN E 36 8.73 -22.13 -44.17
CA ASN E 36 10.05 -21.66 -44.60
C ASN E 36 10.54 -20.52 -43.71
N SER E 37 9.62 -19.76 -43.12
CA SER E 37 10.02 -18.66 -42.27
C SER E 37 10.82 -19.17 -41.08
N PRO E 38 12.06 -18.69 -40.91
CA PRO E 38 12.87 -19.07 -39.75
C PRO E 38 12.51 -18.26 -38.51
N LEU E 39 12.72 -18.81 -37.32
CA LEU E 39 12.45 -18.07 -36.10
C LEU E 39 13.60 -18.20 -35.09
N TYR E 40 14.01 -17.06 -34.56
CA TYR E 40 14.98 -17.02 -33.47
C TYR E 40 14.22 -16.76 -32.19
N SER E 41 14.32 -17.66 -31.22
CA SER E 41 13.60 -17.48 -29.97
C SER E 41 14.29 -16.39 -29.14
N VAL E 42 13.48 -15.49 -28.60
CA VAL E 42 13.98 -14.37 -27.81
C VAL E 42 14.42 -14.81 -26.42
N LYS E 43 15.38 -14.07 -25.85
CA LYS E 43 15.86 -14.34 -24.50
C LYS E 43 15.80 -13.10 -23.61
N SER E 44 15.46 -11.95 -24.19
CA SER E 44 15.33 -10.72 -23.43
C SER E 44 14.46 -9.70 -24.15
N PHE E 45 13.89 -8.77 -23.38
CA PHE E 45 13.02 -7.74 -23.93
C PHE E 45 13.81 -6.76 -24.78
N GLU E 46 15.12 -6.69 -24.55
CA GLU E 46 15.98 -5.75 -25.25
C GLU E 46 16.01 -6.05 -26.76
N GLU E 47 16.06 -7.33 -27.13
CA GLU E 47 16.17 -7.72 -28.53
C GLU E 47 14.97 -7.24 -29.35
N LEU E 48 13.82 -7.14 -28.71
CA LEU E 48 12.59 -6.73 -29.38
C LEU E 48 12.63 -5.26 -29.79
N ARG E 49 13.49 -4.49 -29.14
CA ARG E 49 13.58 -3.05 -29.36
C ARG E 49 12.20 -2.41 -29.27
N LEU E 50 11.65 -2.37 -28.06
CA LEU E 50 10.37 -1.74 -27.80
C LEU E 50 10.58 -0.24 -27.58
N LYS E 51 9.48 0.52 -27.52
CA LYS E 51 9.58 1.94 -27.21
C LYS E 51 10.15 2.11 -25.81
N PRO E 52 10.81 3.25 -25.55
CA PRO E 52 11.44 3.42 -24.23
C PRO E 52 10.44 3.42 -23.09
N GLN E 53 9.36 4.19 -23.20
CA GLN E 53 8.35 4.22 -22.14
C GLN E 53 7.68 2.86 -21.95
N LEU E 54 7.62 2.08 -23.01
CA LEU E 54 6.98 0.77 -22.94
C LEU E 54 7.88 -0.24 -22.21
N LEU E 55 9.12 -0.36 -22.66
CA LEU E 55 10.08 -1.24 -21.98
C LEU E 55 10.26 -0.80 -20.54
N GLN E 56 10.18 0.52 -20.32
CA GLN E 56 10.28 1.08 -18.97
C GLN E 56 9.12 0.56 -18.13
N GLY E 57 7.94 0.50 -18.73
CA GLY E 57 6.75 0.02 -18.04
C GLY E 57 6.83 -1.46 -17.74
N VAL E 58 7.43 -2.21 -18.65
CA VAL E 58 7.62 -3.65 -18.46
C VAL E 58 8.51 -3.88 -17.24
N TYR E 59 9.69 -3.26 -17.23
CA TYR E 59 10.61 -3.37 -16.11
C TYR E 59 10.04 -2.79 -14.82
N ALA E 60 9.11 -1.86 -14.95
CA ALA E 60 8.54 -1.19 -13.79
C ALA E 60 7.72 -2.15 -12.93
N MET E 61 6.92 -2.99 -13.59
CA MET E 61 5.99 -3.87 -12.90
C MET E 61 6.57 -5.24 -12.58
N GLY E 62 7.89 -5.39 -12.72
CA GLY E 62 8.58 -6.56 -12.18
C GLY E 62 9.01 -7.64 -13.16
N PHE E 63 8.92 -7.37 -14.46
CA PHE E 63 9.32 -8.35 -15.45
C PHE E 63 10.80 -8.21 -15.78
N ASN E 64 11.54 -9.31 -15.64
CA ASN E 64 12.98 -9.29 -15.92
C ASN E 64 13.26 -9.71 -17.37
N ARG E 65 12.67 -10.83 -17.78
CA ARG E 65 12.84 -11.33 -19.13
C ARG E 65 11.56 -12.01 -19.58
N PRO E 66 11.36 -12.17 -20.90
CA PRO E 66 10.11 -12.76 -21.38
C PRO E 66 9.89 -14.18 -20.85
N SER E 67 8.63 -14.55 -20.66
CA SER E 67 8.28 -15.89 -20.22
C SER E 67 8.44 -16.88 -21.36
N LYS E 68 8.31 -18.16 -21.05
CA LYS E 68 8.56 -19.22 -22.01
C LYS E 68 7.66 -19.07 -23.24
N ILE E 69 6.38 -18.78 -23.01
CA ILE E 69 5.44 -18.56 -24.09
C ILE E 69 5.77 -17.26 -24.81
N GLN E 70 6.31 -16.31 -24.06
CA GLN E 70 6.63 -14.99 -24.61
C GLN E 70 7.94 -14.99 -25.40
N GLU E 71 8.84 -15.93 -25.10
CA GLU E 71 10.08 -16.03 -25.85
C GLU E 71 9.82 -16.23 -27.33
N ASN E 72 8.65 -16.79 -27.65
CA ASN E 72 8.27 -17.03 -29.04
C ASN E 72 7.07 -16.20 -29.49
N ALA E 73 6.23 -15.78 -28.55
CA ALA E 73 4.99 -15.09 -28.89
C ALA E 73 5.21 -13.64 -29.29
N LEU E 74 6.10 -12.95 -28.59
CA LEU E 74 6.30 -11.51 -28.80
C LEU E 74 6.82 -11.18 -30.20
N PRO E 75 7.87 -11.89 -30.67
CA PRO E 75 8.37 -11.54 -32.00
C PRO E 75 7.34 -11.77 -33.09
N LEU E 76 6.59 -12.85 -32.96
CA LEU E 76 5.59 -13.21 -33.95
C LEU E 76 4.50 -12.14 -34.02
N MET E 77 4.25 -11.48 -32.89
CA MET E 77 3.22 -10.45 -32.82
C MET E 77 3.77 -9.07 -33.22
N LEU E 78 5.05 -8.85 -32.98
CA LEU E 78 5.69 -7.58 -33.34
C LEU E 78 6.29 -7.60 -34.75
N ALA E 79 6.35 -8.78 -35.35
CA ALA E 79 6.95 -8.92 -36.67
C ALA E 79 6.18 -8.14 -37.72
N GLU E 80 6.91 -7.66 -38.74
CA GLU E 80 6.29 -6.95 -39.86
C GLU E 80 6.35 -7.84 -41.11
N PRO E 81 5.20 -7.98 -41.81
CA PRO E 81 3.89 -7.39 -41.54
C PRO E 81 3.20 -8.01 -40.33
N PRO E 82 2.08 -7.42 -39.88
CA PRO E 82 1.34 -7.97 -38.74
C PRO E 82 0.85 -9.40 -39.01
N GLN E 83 1.26 -10.35 -38.16
CA GLN E 83 0.89 -11.75 -38.35
C GLN E 83 -0.09 -12.19 -37.26
N ASN E 84 -1.19 -12.81 -37.66
CA ASN E 84 -2.17 -13.31 -36.69
C ASN E 84 -1.57 -14.45 -35.88
N LEU E 85 -2.26 -14.82 -34.79
CA LEU E 85 -1.77 -15.84 -33.88
C LEU E 85 -2.88 -16.41 -32.98
N ILE E 86 -2.80 -17.71 -32.75
CA ILE E 86 -3.64 -18.39 -31.78
C ILE E 86 -2.73 -19.10 -30.79
N ALA E 87 -2.77 -18.67 -29.52
CA ALA E 87 -1.89 -19.24 -28.51
C ALA E 87 -2.67 -20.09 -27.51
N GLN E 88 -2.10 -21.24 -27.16
CA GLN E 88 -2.70 -22.13 -26.17
C GLN E 88 -1.65 -22.51 -25.12
N SER E 89 -1.88 -22.07 -23.90
CA SER E 89 -0.97 -22.37 -22.80
C SER E 89 -1.70 -22.17 -21.47
N GLN E 90 -1.36 -22.98 -20.48
CA GLN E 90 -2.09 -22.99 -19.22
C GLN E 90 -2.15 -21.61 -18.58
N SER E 91 -3.11 -21.44 -17.67
CA SER E 91 -3.27 -20.16 -16.98
C SER E 91 -2.05 -19.86 -16.11
N GLY E 92 -1.42 -18.72 -16.39
CA GLY E 92 -0.30 -18.24 -15.62
C GLY E 92 1.03 -18.23 -16.34
N THR E 93 1.00 -18.49 -17.65
CA THR E 93 2.23 -18.57 -18.43
C THR E 93 2.62 -17.22 -19.03
N GLY E 94 1.72 -16.25 -18.96
CA GLY E 94 2.01 -14.90 -19.43
C GLY E 94 1.27 -14.45 -20.66
N LYS E 95 0.12 -15.06 -20.94
CA LYS E 95 -0.64 -14.74 -22.14
C LYS E 95 -1.15 -13.30 -22.11
N THR E 96 -1.76 -12.90 -21.00
CA THR E 96 -2.33 -11.56 -20.89
C THR E 96 -1.22 -10.52 -20.90
N ALA E 97 -0.16 -10.77 -20.15
CA ALA E 97 0.98 -9.87 -20.13
C ALA E 97 1.59 -9.75 -21.53
N ALA E 98 1.38 -10.77 -22.35
CA ALA E 98 1.93 -10.78 -23.70
C ALA E 98 1.17 -9.85 -24.65
N PHE E 99 -0.15 -10.02 -24.76
CA PHE E 99 -0.90 -9.25 -25.73
C PHE E 99 -1.15 -7.82 -25.26
N VAL E 100 -0.95 -7.57 -23.96
CA VAL E 100 -1.01 -6.20 -23.46
C VAL E 100 0.20 -5.43 -23.97
N LEU E 101 1.35 -6.10 -23.99
CA LEU E 101 2.57 -5.51 -24.50
C LEU E 101 2.44 -5.24 -25.99
N ALA E 102 1.80 -6.17 -26.70
CA ALA E 102 1.62 -6.04 -28.14
C ALA E 102 0.72 -4.86 -28.48
N MET E 103 -0.37 -4.72 -27.73
CA MET E 103 -1.29 -3.61 -27.92
C MET E 103 -0.57 -2.27 -27.81
N LEU E 104 0.11 -2.07 -26.70
CA LEU E 104 0.73 -0.78 -26.39
C LEU E 104 1.83 -0.41 -27.39
N SER E 105 2.30 -1.38 -28.16
CA SER E 105 3.35 -1.12 -29.15
C SER E 105 2.77 -0.48 -30.41
N GLN E 106 1.59 -0.93 -30.82
CA GLN E 106 0.99 -0.45 -32.07
C GLN E 106 0.27 0.88 -31.89
N VAL E 107 -0.19 1.16 -30.68
CA VAL E 107 -0.96 2.38 -30.44
C VAL E 107 -0.09 3.62 -30.56
N GLU E 108 -0.69 4.70 -31.05
CA GLU E 108 -0.08 6.01 -31.02
C GLU E 108 -1.01 6.93 -30.23
N PRO E 109 -0.54 7.50 -29.12
CA PRO E 109 -1.48 8.22 -28.24
C PRO E 109 -2.13 9.44 -28.90
N ALA E 110 -1.51 9.98 -29.95
CA ALA E 110 -1.93 11.27 -30.48
C ALA E 110 -3.23 11.16 -31.28
N ASN E 111 -3.57 9.95 -31.72
CA ASN E 111 -4.81 9.75 -32.47
C ASN E 111 -5.91 9.40 -31.48
N LYS E 112 -6.91 10.26 -31.36
CA LYS E 112 -7.92 10.11 -30.32
C LYS E 112 -9.14 9.32 -30.83
N TYR E 113 -8.95 8.01 -30.98
CA TYR E 113 -10.05 7.10 -31.31
C TYR E 113 -9.56 5.67 -31.05
N PRO E 114 -10.50 4.73 -30.91
CA PRO E 114 -10.10 3.35 -30.58
C PRO E 114 -9.20 2.72 -31.64
N GLN E 115 -8.03 2.25 -31.22
CA GLN E 115 -7.09 1.59 -32.12
C GLN E 115 -6.88 0.12 -31.75
N CYS E 116 -7.24 -0.22 -30.51
CA CYS E 116 -7.12 -1.59 -30.03
C CYS E 116 -8.41 -2.00 -29.34
N LEU E 117 -8.84 -3.23 -29.61
CA LEU E 117 -10.09 -3.73 -29.07
C LEU E 117 -9.88 -5.11 -28.44
N CYS E 118 -10.29 -5.25 -27.18
CA CYS E 118 -10.14 -6.52 -26.48
C CYS E 118 -11.50 -7.09 -26.10
N LEU E 119 -11.65 -8.40 -26.24
CA LEU E 119 -12.86 -9.09 -25.82
C LEU E 119 -12.58 -9.98 -24.62
N SER E 120 -13.19 -9.66 -23.49
CA SER E 120 -13.10 -10.48 -22.30
C SER E 120 -14.47 -11.07 -21.98
N PRO E 121 -14.52 -12.35 -21.57
CA PRO E 121 -15.81 -13.01 -21.39
C PRO E 121 -16.78 -12.27 -20.45
N THR E 122 -16.25 -11.59 -19.44
CA THR E 122 -17.10 -10.98 -18.43
C THR E 122 -16.64 -9.57 -18.06
N TYR E 123 -17.45 -8.89 -17.25
CA TYR E 123 -17.14 -7.54 -16.81
C TYR E 123 -15.99 -7.53 -15.81
N GLU E 124 -16.01 -8.47 -14.86
CA GLU E 124 -14.98 -8.56 -13.84
C GLU E 124 -13.62 -8.92 -14.44
N LEU E 125 -13.60 -9.89 -15.35
CA LEU E 125 -12.35 -10.31 -15.99
C LEU E 125 -11.77 -9.19 -16.85
N ALA E 126 -12.64 -8.38 -17.44
CA ALA E 126 -12.20 -7.25 -18.25
C ALA E 126 -11.37 -6.29 -17.41
N LEU E 127 -11.82 -6.05 -16.18
CA LEU E 127 -11.14 -5.12 -15.29
C LEU E 127 -9.71 -5.58 -14.97
N GLN E 128 -9.54 -6.89 -14.75
CA GLN E 128 -8.22 -7.42 -14.41
C GLN E 128 -7.25 -7.22 -15.56
N THR E 129 -7.71 -7.45 -16.78
CA THR E 129 -6.89 -7.18 -17.96
C THR E 129 -6.66 -5.67 -18.05
N GLY E 130 -7.64 -4.89 -17.65
CA GLY E 130 -7.52 -3.45 -17.63
C GLY E 130 -6.43 -2.97 -16.70
N LYS E 131 -6.26 -3.67 -15.58
CA LYS E 131 -5.21 -3.30 -14.62
C LYS E 131 -3.82 -3.52 -15.19
N VAL E 132 -3.67 -4.52 -16.04
CA VAL E 132 -2.38 -4.80 -16.65
C VAL E 132 -2.06 -3.75 -17.72
N ILE E 133 -3.09 -3.26 -18.41
CA ILE E 133 -2.89 -2.20 -19.38
C ILE E 133 -2.46 -0.91 -18.70
N GLU E 134 -3.20 -0.53 -17.67
CA GLU E 134 -2.92 0.70 -16.94
C GLU E 134 -1.54 0.67 -16.28
N GLN E 135 -1.14 -0.51 -15.83
CA GLN E 135 0.17 -0.67 -15.19
C GLN E 135 1.30 -0.61 -16.22
N MET E 136 1.22 -1.47 -17.23
CA MET E 136 2.28 -1.54 -18.23
C MET E 136 2.39 -0.24 -19.03
N GLY E 137 1.25 0.45 -19.18
CA GLY E 137 1.22 1.70 -19.92
C GLY E 137 1.04 2.93 -19.04
N LYS E 138 1.60 2.91 -17.85
CA LYS E 138 1.52 4.07 -16.96
C LYS E 138 2.42 5.19 -17.44
N PHE E 139 3.45 4.84 -18.21
CA PHE E 139 4.37 5.85 -18.76
C PHE E 139 3.88 6.34 -20.11
N TYR E 140 2.60 6.10 -20.40
CA TYR E 140 1.96 6.65 -21.58
C TYR E 140 0.93 7.71 -21.19
N PRO E 141 1.38 8.96 -21.01
CA PRO E 141 0.40 10.02 -20.77
C PRO E 141 -0.55 10.17 -21.94
N GLU E 142 -1.76 10.65 -21.68
CA GLU E 142 -2.78 10.83 -22.72
C GLU E 142 -3.37 9.52 -23.22
N LEU E 143 -2.72 8.39 -22.91
CA LEU E 143 -3.27 7.09 -23.24
C LEU E 143 -4.32 6.70 -22.20
N LYS E 144 -5.57 6.64 -22.62
CA LYS E 144 -6.65 6.27 -21.72
C LYS E 144 -7.30 4.98 -22.21
N LEU E 145 -8.15 4.41 -21.36
CA LEU E 145 -8.82 3.17 -21.68
C LEU E 145 -10.32 3.37 -21.56
N ALA E 146 -11.08 2.66 -22.38
CA ALA E 146 -12.53 2.76 -22.36
C ALA E 146 -13.15 1.39 -22.15
N TYR E 147 -14.05 1.30 -21.18
CA TYR E 147 -14.66 0.04 -20.83
C TYR E 147 -16.03 -0.08 -21.49
N ALA E 148 -16.12 -0.95 -22.48
CA ALA E 148 -17.38 -1.18 -23.19
C ALA E 148 -18.11 -2.37 -22.58
N VAL E 149 -18.68 -2.15 -21.39
CA VAL E 149 -19.35 -3.22 -20.65
C VAL E 149 -20.75 -2.78 -20.26
N ARG E 150 -21.58 -3.75 -19.89
CA ARG E 150 -22.91 -3.45 -19.36
C ARG E 150 -22.76 -2.58 -18.11
N GLY E 151 -23.56 -1.51 -18.02
CA GLY E 151 -23.47 -0.60 -16.88
C GLY E 151 -22.78 0.72 -17.15
N ASN E 152 -22.04 0.80 -18.26
CA ASN E 152 -21.32 2.01 -18.65
C ASN E 152 -22.22 3.02 -19.34
N LYS E 153 -22.67 4.03 -18.59
CA LYS E 153 -23.59 5.00 -19.15
C LYS E 153 -22.94 5.82 -20.25
N LEU E 154 -23.54 5.74 -21.43
CA LEU E 154 -23.10 6.46 -22.62
C LEU E 154 -24.32 6.86 -23.43
N GLU E 155 -24.25 7.97 -24.15
CA GLU E 155 -25.39 8.48 -24.91
C GLU E 155 -25.07 8.81 -26.37
N ARG E 156 -26.14 8.99 -27.14
CA ARG E 156 -26.07 9.26 -28.57
C ARG E 156 -25.20 10.47 -28.90
N GLY E 157 -24.45 10.36 -30.00
CA GLY E 157 -23.65 11.44 -30.52
C GLY E 157 -22.19 11.49 -30.10
N GLN E 158 -21.81 10.76 -29.06
CA GLN E 158 -20.42 10.75 -28.64
C GLN E 158 -19.60 9.77 -29.47
N LYS E 159 -18.34 10.12 -29.68
CA LYS E 159 -17.39 9.24 -30.34
C LYS E 159 -16.25 9.04 -29.35
N ILE E 160 -15.90 7.80 -29.08
CA ILE E 160 -14.87 7.51 -28.09
C ILE E 160 -13.54 8.06 -28.58
N SER E 161 -12.78 8.64 -27.65
CA SER E 161 -11.49 9.23 -27.96
C SER E 161 -10.33 8.43 -27.34
N GLU E 162 -10.66 7.43 -26.53
CA GLU E 162 -9.65 6.56 -25.94
C GLU E 162 -8.96 5.74 -27.03
N GLN E 163 -7.68 5.48 -26.87
CA GLN E 163 -6.90 4.74 -27.86
C GLN E 163 -6.99 3.22 -27.68
N ILE E 164 -7.63 2.79 -26.60
CA ILE E 164 -7.82 1.37 -26.36
C ILE E 164 -9.23 1.13 -25.81
N VAL E 165 -9.80 -0.02 -26.15
CA VAL E 165 -11.12 -0.40 -25.64
C VAL E 165 -11.10 -1.85 -25.17
N ILE E 166 -11.82 -2.10 -24.09
CA ILE E 166 -12.01 -3.45 -23.57
C ILE E 166 -13.48 -3.57 -23.23
N GLY E 167 -14.08 -4.71 -23.58
CA GLY E 167 -15.49 -4.91 -23.32
C GLY E 167 -16.01 -6.30 -23.57
N THR E 168 -17.22 -6.55 -23.08
CA THR E 168 -17.92 -7.79 -23.31
C THR E 168 -18.31 -7.85 -24.80
N PRO E 169 -18.58 -9.05 -25.32
CA PRO E 169 -18.94 -9.14 -26.74
C PRO E 169 -20.24 -8.41 -27.06
N GLY E 170 -21.23 -8.54 -26.18
CA GLY E 170 -22.55 -7.99 -26.43
C GLY E 170 -22.59 -6.47 -26.52
N THR E 171 -21.74 -5.81 -25.75
CA THR E 171 -21.73 -4.35 -25.70
C THR E 171 -20.83 -3.77 -26.79
N VAL E 172 -19.69 -4.42 -27.02
CA VAL E 172 -18.77 -3.97 -28.06
C VAL E 172 -19.46 -3.98 -29.41
N LEU E 173 -20.32 -4.96 -29.63
CA LEU E 173 -21.08 -5.06 -30.87
C LEU E 173 -21.94 -3.82 -31.06
N ASP E 174 -22.57 -3.36 -29.99
CA ASP E 174 -23.38 -2.14 -30.03
C ASP E 174 -22.50 -0.92 -30.29
N TRP E 175 -21.32 -0.91 -29.67
CA TRP E 175 -20.36 0.17 -29.85
C TRP E 175 -19.97 0.32 -31.31
N CYS E 176 -19.76 -0.82 -31.97
CA CYS E 176 -19.24 -0.85 -33.33
C CYS E 176 -20.33 -0.79 -34.40
N SER E 177 -21.51 -1.28 -34.07
CA SER E 177 -22.56 -1.46 -35.07
C SER E 177 -23.63 -0.38 -34.99
N LYS E 178 -24.54 -0.51 -34.02
CA LYS E 178 -25.71 0.37 -33.94
C LYS E 178 -25.36 1.76 -33.41
N LEU E 179 -24.66 1.80 -32.28
CA LEU E 179 -24.35 3.07 -31.65
C LEU E 179 -23.15 3.75 -32.31
N LYS E 180 -22.41 2.97 -33.10
CA LYS E 180 -21.30 3.49 -33.88
C LYS E 180 -20.34 4.32 -33.02
N PHE E 181 -20.26 3.99 -31.74
CA PHE E 181 -19.35 4.66 -30.82
C PHE E 181 -17.91 4.41 -31.24
N ILE E 182 -17.71 3.30 -31.94
CA ILE E 182 -16.39 2.93 -32.43
C ILE E 182 -16.45 2.75 -33.93
N ASP E 183 -15.39 3.17 -34.61
CA ASP E 183 -15.24 2.91 -36.03
C ASP E 183 -14.38 1.65 -36.18
N PRO E 184 -14.98 0.52 -36.58
CA PRO E 184 -14.20 -0.72 -36.63
C PRO E 184 -13.03 -0.66 -37.58
N LYS E 185 -13.10 0.23 -38.57
CA LYS E 185 -12.13 0.24 -39.67
C LYS E 185 -10.79 0.86 -39.27
N LYS E 186 -10.73 1.43 -38.06
CA LYS E 186 -9.49 2.03 -37.56
C LYS E 186 -8.77 1.13 -36.56
N ILE E 187 -9.39 0.01 -36.21
CA ILE E 187 -8.80 -0.92 -35.25
C ILE E 187 -7.57 -1.59 -35.87
N LYS E 188 -6.44 -1.50 -35.18
CA LYS E 188 -5.19 -2.08 -35.68
C LYS E 188 -4.86 -3.40 -34.99
N VAL E 189 -5.45 -3.63 -33.82
CA VAL E 189 -5.23 -4.87 -33.09
C VAL E 189 -6.55 -5.33 -32.47
N PHE E 190 -6.78 -6.64 -32.51
CA PHE E 190 -8.00 -7.23 -31.95
C PHE E 190 -7.66 -8.50 -31.19
N VAL E 191 -8.15 -8.58 -29.95
CA VAL E 191 -7.83 -9.70 -29.08
C VAL E 191 -9.11 -10.37 -28.59
N LEU E 192 -9.05 -11.69 -28.45
CA LEU E 192 -10.11 -12.43 -27.77
C LEU E 192 -9.47 -13.23 -26.65
N ASP E 193 -9.55 -12.69 -25.42
CA ASP E 193 -8.85 -13.27 -24.29
C ASP E 193 -9.67 -14.38 -23.63
N GLU E 194 -9.02 -15.51 -23.37
CA GLU E 194 -9.66 -16.63 -22.70
C GLU E 194 -10.85 -17.16 -23.48
N ALA E 195 -10.56 -17.82 -24.60
CA ALA E 195 -11.61 -18.44 -25.41
C ALA E 195 -12.19 -19.65 -24.68
N ASP E 196 -11.41 -20.24 -23.79
CA ASP E 196 -11.86 -21.40 -23.03
C ASP E 196 -13.13 -21.08 -22.25
N VAL E 197 -13.19 -19.88 -21.67
CA VAL E 197 -14.36 -19.44 -20.93
C VAL E 197 -15.38 -18.79 -21.87
N MET E 198 -14.89 -18.23 -22.96
CA MET E 198 -15.75 -17.50 -23.90
C MET E 198 -16.81 -18.43 -24.51
N ILE E 199 -16.43 -19.67 -24.80
CA ILE E 199 -17.34 -20.61 -25.46
C ILE E 199 -18.41 -21.12 -24.49
N ALA E 200 -18.17 -20.99 -23.20
CA ALA E 200 -19.10 -21.49 -22.19
C ALA E 200 -20.49 -20.87 -22.35
N THR E 201 -20.57 -19.77 -23.09
CA THR E 201 -21.84 -19.16 -23.46
C THR E 201 -21.97 -19.17 -24.97
N GLN E 202 -23.08 -19.73 -25.47
CA GLN E 202 -23.29 -19.85 -26.91
C GLN E 202 -23.40 -18.48 -27.56
N GLY E 203 -23.95 -17.51 -26.83
CA GLY E 203 -24.11 -16.16 -27.34
C GLY E 203 -22.80 -15.46 -27.64
N HIS E 204 -21.81 -15.68 -26.78
CA HIS E 204 -20.51 -15.03 -26.93
C HIS E 204 -19.82 -15.44 -28.21
N GLN E 205 -19.94 -16.71 -28.57
CA GLN E 205 -19.23 -17.25 -29.72
C GLN E 205 -19.66 -16.56 -31.02
N ASP E 206 -20.97 -16.36 -31.19
CA ASP E 206 -21.49 -15.73 -32.40
C ASP E 206 -21.18 -14.24 -32.44
N GLN E 207 -21.34 -13.56 -31.31
CA GLN E 207 -21.13 -12.12 -31.23
C GLN E 207 -19.67 -11.74 -31.45
N SER E 208 -18.75 -12.61 -31.05
CA SER E 208 -17.32 -12.35 -31.23
C SER E 208 -16.95 -12.41 -32.72
N ILE E 209 -17.53 -13.36 -33.44
CA ILE E 209 -17.25 -13.52 -34.85
C ILE E 209 -17.81 -12.32 -35.62
N ARG E 210 -19.06 -11.97 -35.35
CA ARG E 210 -19.69 -10.83 -36.01
C ARG E 210 -18.82 -9.58 -35.85
N ILE E 211 -18.25 -9.42 -34.66
CA ILE E 211 -17.33 -8.32 -34.39
C ILE E 211 -16.08 -8.48 -35.24
N GLN E 212 -15.58 -9.70 -35.31
CA GLN E 212 -14.34 -9.98 -36.05
C GLN E 212 -14.50 -9.68 -37.54
N ARG E 213 -15.74 -9.74 -38.04
CA ARG E 213 -16.01 -9.55 -39.46
C ARG E 213 -16.10 -8.07 -39.85
N MET E 214 -16.34 -7.19 -38.87
CA MET E 214 -16.40 -5.76 -39.12
C MET E 214 -15.01 -5.13 -39.18
N LEU E 215 -13.98 -5.90 -38.84
CA LEU E 215 -12.62 -5.37 -38.77
C LEU E 215 -11.96 -5.35 -40.15
N PRO E 216 -10.88 -4.56 -40.29
CA PRO E 216 -10.10 -4.61 -41.53
C PRO E 216 -9.36 -5.93 -41.69
N ARG E 217 -8.74 -6.13 -42.85
CA ARG E 217 -7.97 -7.36 -43.09
C ARG E 217 -6.54 -7.22 -42.58
N ASN E 218 -6.02 -6.00 -42.59
CA ASN E 218 -4.68 -5.76 -42.07
C ASN E 218 -4.64 -5.74 -40.54
N CYS E 219 -5.83 -5.83 -39.92
CA CYS E 219 -5.92 -5.81 -38.47
C CYS E 219 -5.35 -7.09 -37.86
N GLN E 220 -4.41 -6.92 -36.93
CA GLN E 220 -3.74 -8.05 -36.30
C GLN E 220 -4.68 -8.80 -35.36
N MET E 221 -5.04 -10.02 -35.73
CA MET E 221 -5.98 -10.82 -34.94
C MET E 221 -5.27 -11.77 -33.99
N LEU E 222 -5.67 -11.74 -32.73
CA LEU E 222 -5.07 -12.56 -31.68
C LEU E 222 -6.14 -13.25 -30.84
N LEU E 223 -5.89 -14.50 -30.48
CA LEU E 223 -6.80 -15.24 -29.61
C LEU E 223 -6.00 -16.09 -28.62
N PHE E 224 -6.51 -16.19 -27.40
CA PHE E 224 -5.80 -16.91 -26.35
C PHE E 224 -6.76 -17.80 -25.58
N SER E 225 -6.26 -18.97 -25.18
CA SER E 225 -7.06 -19.93 -24.44
C SER E 225 -6.17 -20.77 -23.54
N ALA E 226 -6.63 -21.03 -22.33
CA ALA E 226 -5.87 -21.82 -21.38
C ALA E 226 -5.89 -23.29 -21.78
N THR E 227 -7.02 -23.73 -22.34
CA THR E 227 -7.21 -25.14 -22.67
C THR E 227 -7.07 -25.41 -24.16
N PHE E 228 -6.83 -26.67 -24.50
CA PHE E 228 -6.66 -27.09 -25.88
C PHE E 228 -7.89 -27.87 -26.36
N GLU E 229 -9.05 -27.55 -25.80
CA GLU E 229 -10.28 -28.26 -26.15
C GLU E 229 -10.56 -28.21 -27.65
N ASP E 230 -11.33 -29.17 -28.14
CA ASP E 230 -11.70 -29.23 -29.54
C ASP E 230 -12.74 -28.17 -29.86
N SER E 231 -13.71 -28.01 -28.96
CA SER E 231 -14.72 -26.96 -29.10
C SER E 231 -14.07 -25.60 -29.13
N VAL E 232 -12.92 -25.49 -28.45
CA VAL E 232 -12.12 -24.27 -28.48
C VAL E 232 -11.44 -24.14 -29.83
N TRP E 233 -10.71 -25.17 -30.23
CA TRP E 233 -9.96 -25.16 -31.48
C TRP E 233 -10.89 -24.96 -32.67
N LYS E 234 -12.10 -25.49 -32.56
CA LYS E 234 -13.11 -25.32 -33.61
C LYS E 234 -13.64 -23.88 -33.60
N PHE E 235 -13.68 -23.26 -32.43
CA PHE E 235 -14.17 -21.90 -32.31
C PHE E 235 -13.11 -20.87 -32.70
N ALA E 236 -11.85 -21.19 -32.48
CA ALA E 236 -10.76 -20.26 -32.74
C ALA E 236 -10.51 -20.09 -34.24
N GLN E 237 -10.76 -21.15 -35.02
CA GLN E 237 -10.52 -21.12 -36.46
C GLN E 237 -11.46 -20.15 -37.18
N LYS E 238 -12.68 -20.02 -36.67
CA LYS E 238 -13.68 -19.13 -37.27
C LYS E 238 -13.34 -17.65 -37.05
N VAL E 239 -12.46 -17.38 -36.09
CA VAL E 239 -12.19 -16.01 -35.67
C VAL E 239 -10.89 -15.46 -36.27
N VAL E 240 -9.91 -16.34 -36.44
CA VAL E 240 -8.58 -15.92 -36.89
C VAL E 240 -8.26 -16.55 -38.25
N PRO E 241 -8.38 -15.77 -39.34
CA PRO E 241 -7.99 -16.33 -40.65
C PRO E 241 -6.48 -16.25 -40.89
N ASP E 242 -5.96 -17.20 -41.66
CA ASP E 242 -4.54 -17.25 -41.99
C ASP E 242 -3.66 -17.15 -40.73
N PRO E 243 -3.88 -18.03 -39.74
CA PRO E 243 -3.21 -17.84 -38.45
C PRO E 243 -1.95 -18.68 -38.21
N ASN E 244 -1.11 -18.18 -37.31
CA ASN E 244 -0.03 -18.98 -36.73
C ASN E 244 -0.53 -19.55 -35.40
N VAL E 245 0.07 -20.64 -34.94
CA VAL E 245 -0.36 -21.26 -33.68
C VAL E 245 0.83 -21.58 -32.77
N ILE E 246 0.67 -21.23 -31.49
CA ILE E 246 1.65 -21.55 -30.47
C ILE E 246 0.96 -22.37 -29.39
N LYS E 247 1.54 -23.52 -29.06
CA LYS E 247 1.01 -24.38 -28.02
C LYS E 247 2.10 -24.69 -26.99
N LEU E 248 1.71 -24.72 -25.73
CA LEU E 248 2.61 -25.16 -24.67
C LEU E 248 1.83 -26.14 -23.80
N LYS E 249 2.21 -27.42 -23.87
CA LYS E 249 1.48 -28.44 -23.14
C LYS E 249 1.52 -28.13 -21.66
N ARG E 250 0.34 -28.19 -21.03
CA ARG E 250 0.18 -27.83 -19.64
C ARG E 250 1.16 -28.67 -18.81
N GLU E 251 1.85 -28.03 -17.86
CA GLU E 251 2.83 -28.71 -17.04
C GLU E 251 2.23 -29.94 -16.36
N GLU E 252 2.70 -31.12 -16.76
CA GLU E 252 2.27 -32.35 -16.13
C GLU E 252 3.00 -32.50 -14.80
N GLU E 253 2.24 -32.75 -13.74
CA GLU E 253 2.79 -32.87 -12.40
C GLU E 253 2.65 -34.30 -11.92
N THR E 254 3.64 -34.76 -11.16
CA THR E 254 3.75 -36.17 -10.80
C THR E 254 3.80 -36.35 -9.30
N LEU E 255 3.83 -37.62 -8.87
CA LEU E 255 3.87 -37.96 -7.45
C LEU E 255 5.21 -38.57 -7.07
N ASP E 256 6.25 -38.25 -7.84
CA ASP E 256 7.57 -38.83 -7.65
C ASP E 256 8.11 -38.61 -6.24
N THR E 257 7.87 -37.42 -5.69
CA THR E 257 8.49 -37.02 -4.43
C THR E 257 7.50 -36.92 -3.28
N ILE E 258 6.25 -37.28 -3.51
CA ILE E 258 5.23 -37.24 -2.46
C ILE E 258 5.01 -38.63 -1.89
N LYS E 259 4.84 -38.69 -0.57
CA LYS E 259 4.50 -39.93 0.12
C LYS E 259 3.00 -40.04 0.33
N GLN E 260 2.38 -41.05 -0.24
CA GLN E 260 0.94 -41.23 -0.15
C GLN E 260 0.58 -42.22 0.96
N TYR E 261 -0.51 -41.94 1.66
CA TYR E 261 -0.96 -42.80 2.75
C TYR E 261 -2.48 -42.77 2.87
N TYR E 262 -3.01 -43.57 3.78
CA TYR E 262 -4.44 -43.55 4.05
C TYR E 262 -4.70 -44.12 5.43
N VAL E 263 -5.91 -43.87 5.94
CA VAL E 263 -6.28 -44.31 7.27
C VAL E 263 -7.66 -44.95 7.22
N LEU E 264 -7.83 -46.04 7.96
CA LEU E 264 -9.14 -46.65 8.12
C LEU E 264 -9.81 -46.07 9.35
N CYS E 265 -11.07 -45.64 9.18
CA CYS E 265 -11.82 -45.02 10.27
C CYS E 265 -13.27 -45.49 10.23
N SER E 266 -13.84 -45.68 11.41
CA SER E 266 -15.19 -46.24 11.53
C SER E 266 -16.26 -45.17 11.27
N SER E 267 -15.93 -43.92 11.58
CA SER E 267 -16.88 -42.83 11.44
C SER E 267 -16.18 -41.48 11.34
N ARG E 268 -16.99 -40.42 11.30
CA ARG E 268 -16.52 -39.06 11.12
C ARG E 268 -15.68 -38.59 12.30
N ASP E 269 -16.20 -38.81 13.51
CA ASP E 269 -15.52 -38.39 14.74
C ASP E 269 -14.16 -39.06 14.87
N GLU E 270 -13.98 -40.20 14.22
CA GLU E 270 -12.69 -40.88 14.22
C GLU E 270 -11.73 -40.23 13.22
N LYS E 271 -12.26 -39.79 12.09
CA LYS E 271 -11.45 -39.09 11.10
C LYS E 271 -10.90 -37.80 11.68
N PHE E 272 -11.66 -37.16 12.56
CA PHE E 272 -11.19 -35.96 13.24
C PHE E 272 -10.15 -36.34 14.30
N GLN E 273 -10.45 -37.36 15.09
CA GLN E 273 -9.49 -37.89 16.05
C GLN E 273 -8.27 -38.41 15.32
N ALA E 274 -8.51 -39.01 14.17
CA ALA E 274 -7.44 -39.50 13.30
C ALA E 274 -6.55 -38.34 12.87
N LEU E 275 -7.19 -37.20 12.63
CA LEU E 275 -6.52 -36.00 12.17
C LEU E 275 -5.74 -35.34 13.30
N CYS E 276 -6.38 -35.22 14.47
CA CYS E 276 -5.74 -34.59 15.63
C CYS E 276 -4.43 -35.29 16.01
N ASN E 277 -4.45 -36.61 16.07
CA ASN E 277 -3.26 -37.38 16.43
C ASN E 277 -2.09 -37.13 15.48
N LEU E 278 -2.40 -36.77 14.25
CA LEU E 278 -1.36 -36.55 13.24
C LEU E 278 -0.57 -35.27 13.49
N TYR E 279 -1.26 -34.23 13.96
CA TYR E 279 -0.64 -32.92 14.12
C TYR E 279 0.50 -32.93 15.14
N GLY E 280 0.34 -33.70 16.21
CA GLY E 280 1.36 -33.79 17.23
C GLY E 280 2.53 -34.69 16.88
N ALA E 281 2.40 -35.45 15.81
CA ALA E 281 3.38 -36.48 15.48
C ALA E 281 4.59 -35.92 14.73
N ILE E 282 4.35 -34.99 13.80
CA ILE E 282 5.43 -34.47 12.98
C ILE E 282 5.34 -32.95 12.82
N THR E 283 6.43 -32.37 12.35
CA THR E 283 6.48 -30.95 11.99
C THR E 283 5.58 -30.64 10.81
N ILE E 284 4.64 -29.73 11.00
CA ILE E 284 3.71 -29.36 9.94
C ILE E 284 3.53 -27.84 9.91
N ALA E 285 3.75 -27.25 8.75
CA ALA E 285 3.67 -25.80 8.61
C ALA E 285 2.23 -25.36 8.42
N GLN E 286 1.72 -25.55 7.20
CA GLN E 286 0.33 -25.26 6.90
C GLN E 286 -0.23 -26.42 6.10
N ALA E 287 -1.54 -26.64 6.19
CA ALA E 287 -2.14 -27.80 5.55
C ALA E 287 -3.53 -27.51 5.00
N MET E 288 -3.93 -28.33 4.03
CA MET E 288 -5.26 -28.23 3.44
C MET E 288 -6.06 -29.48 3.74
N ILE E 289 -7.37 -29.32 3.84
CA ILE E 289 -8.26 -30.44 4.09
C ILE E 289 -9.45 -30.34 3.14
N PHE E 290 -9.64 -31.37 2.32
CA PHE E 290 -10.74 -31.39 1.38
C PHE E 290 -11.90 -32.24 1.89
N CYS E 291 -13.09 -31.64 1.93
CA CYS E 291 -14.30 -32.35 2.35
C CYS E 291 -15.27 -32.42 1.18
N HIS E 292 -16.26 -33.31 1.28
CA HIS E 292 -17.25 -33.44 0.21
C HIS E 292 -18.45 -32.54 0.47
N THR E 293 -18.95 -32.58 1.70
CA THR E 293 -20.18 -31.89 2.05
C THR E 293 -19.91 -30.65 2.88
N ARG E 294 -20.71 -29.61 2.63
CA ARG E 294 -20.56 -28.32 3.31
C ARG E 294 -20.73 -28.50 4.81
N LYS E 295 -21.56 -29.47 5.20
CA LYS E 295 -21.83 -29.74 6.60
C LYS E 295 -20.59 -30.31 7.29
N THR E 296 -19.82 -31.13 6.57
CA THR E 296 -18.60 -31.69 7.12
C THR E 296 -17.55 -30.61 7.26
N ALA E 297 -17.42 -29.76 6.24
CA ALA E 297 -16.46 -28.67 6.28
C ALA E 297 -16.80 -27.70 7.40
N SER E 298 -18.05 -27.23 7.41
CA SER E 298 -18.49 -26.29 8.43
C SER E 298 -18.37 -26.92 9.82
N TRP E 299 -18.65 -28.23 9.91
CA TRP E 299 -18.49 -28.95 11.17
C TRP E 299 -17.01 -29.09 11.50
N LEU E 300 -16.25 -29.64 10.57
CA LEU E 300 -14.82 -29.85 10.75
C LEU E 300 -14.13 -28.54 11.13
N ALA E 301 -14.37 -27.50 10.34
CA ALA E 301 -13.80 -26.19 10.61
C ALA E 301 -14.13 -25.74 12.03
N ALA E 302 -15.34 -26.07 12.47
CA ALA E 302 -15.76 -25.75 13.83
C ALA E 302 -14.99 -26.61 14.85
N GLU E 303 -14.89 -27.90 14.57
CA GLU E 303 -14.18 -28.81 15.47
C GLU E 303 -12.72 -28.41 15.61
N LEU E 304 -12.13 -27.91 14.53
CA LEU E 304 -10.74 -27.48 14.54
C LEU E 304 -10.57 -26.14 15.27
N SER E 305 -11.37 -25.14 14.90
CA SER E 305 -11.25 -23.83 15.51
C SER E 305 -11.47 -23.86 17.03
N LYS E 306 -12.50 -24.58 17.47
CA LYS E 306 -12.80 -24.70 18.89
C LYS E 306 -11.61 -25.27 19.65
N GLU E 307 -10.79 -26.06 18.95
CA GLU E 307 -9.60 -26.68 19.53
C GLU E 307 -8.40 -25.74 19.58
N GLY E 308 -8.66 -24.44 19.43
CA GLY E 308 -7.60 -23.46 19.44
C GLY E 308 -6.69 -23.59 18.24
N HIS E 309 -7.29 -23.54 17.06
CA HIS E 309 -6.54 -23.68 15.81
C HIS E 309 -6.97 -22.57 14.85
N GLN E 310 -6.01 -21.77 14.39
CA GLN E 310 -6.33 -20.72 13.44
C GLN E 310 -6.51 -21.36 12.07
N VAL E 311 -7.75 -21.37 11.58
CA VAL E 311 -8.08 -22.04 10.33
C VAL E 311 -8.86 -21.13 9.40
N ALA E 312 -8.71 -21.38 8.10
CA ALA E 312 -9.42 -20.63 7.07
C ALA E 312 -10.47 -21.52 6.41
N LEU E 313 -11.67 -20.99 6.22
CA LEU E 313 -12.75 -21.77 5.64
C LEU E 313 -13.23 -21.17 4.32
N LEU E 314 -13.20 -21.97 3.26
CA LEU E 314 -13.68 -21.55 1.95
C LEU E 314 -15.03 -22.20 1.69
N SER E 315 -16.07 -21.38 1.56
CA SER E 315 -17.41 -21.88 1.29
C SER E 315 -18.03 -21.12 0.12
N GLY E 316 -19.03 -21.73 -0.50
CA GLY E 316 -19.61 -21.19 -1.73
C GLY E 316 -20.36 -19.89 -1.54
N GLU E 317 -20.83 -19.62 -0.33
CA GLU E 317 -21.58 -18.37 -0.10
C GLU E 317 -20.69 -17.16 -0.30
N MET E 318 -19.38 -17.34 -0.11
CA MET E 318 -18.44 -16.25 -0.20
C MET E 318 -18.38 -15.65 -1.61
N MET E 319 -18.25 -14.33 -1.67
CA MET E 319 -18.02 -13.64 -2.93
C MET E 319 -16.65 -14.06 -3.45
N VAL E 320 -16.33 -13.69 -4.69
CA VAL E 320 -15.07 -14.09 -5.29
C VAL E 320 -13.90 -13.38 -4.59
N GLU E 321 -14.03 -12.07 -4.41
CA GLU E 321 -12.98 -11.30 -3.75
C GLU E 321 -12.78 -11.77 -2.31
N GLN E 322 -13.85 -12.26 -1.69
CA GLN E 322 -13.76 -12.75 -0.33
C GLN E 322 -12.97 -14.05 -0.27
N ARG E 323 -13.13 -14.90 -1.29
CA ARG E 323 -12.36 -16.13 -1.36
C ARG E 323 -10.87 -15.82 -1.47
N ALA E 324 -10.54 -14.80 -2.25
CA ALA E 324 -9.14 -14.41 -2.46
C ALA E 324 -8.50 -13.89 -1.18
N ALA E 325 -9.23 -13.08 -0.43
CA ALA E 325 -8.71 -12.49 0.80
C ALA E 325 -8.38 -13.59 1.81
N VAL E 326 -9.22 -14.62 1.84
CA VAL E 326 -8.99 -15.77 2.71
C VAL E 326 -7.76 -16.54 2.25
N ILE E 327 -7.61 -16.68 0.94
CA ILE E 327 -6.45 -17.36 0.37
C ILE E 327 -5.18 -16.58 0.67
N GLU E 328 -5.26 -15.26 0.56
CA GLU E 328 -4.11 -14.41 0.83
C GLU E 328 -3.64 -14.55 2.27
N ARG E 329 -4.58 -14.42 3.21
CA ARG E 329 -4.26 -14.57 4.63
C ARG E 329 -3.60 -15.92 4.88
N PHE E 330 -4.10 -16.95 4.21
CA PHE E 330 -3.51 -18.29 4.31
C PHE E 330 -2.06 -18.28 3.85
N ARG E 331 -1.80 -17.57 2.76
CA ARG E 331 -0.43 -17.41 2.27
C ARG E 331 0.40 -16.51 3.19
N GLU E 332 -0.22 -15.48 3.75
CA GLU E 332 0.48 -14.56 4.65
C GLU E 332 0.89 -15.25 5.94
N GLY E 333 0.41 -16.47 6.14
CA GLY E 333 0.73 -17.25 7.32
C GLY E 333 -0.23 -17.00 8.47
N LYS E 334 -1.19 -16.10 8.26
CA LYS E 334 -2.19 -15.82 9.29
C LYS E 334 -2.99 -17.07 9.62
N GLU E 335 -3.40 -17.81 8.60
CA GLU E 335 -4.15 -19.04 8.79
C GLU E 335 -3.27 -20.23 8.44
N LYS E 336 -3.26 -21.24 9.30
CA LYS E 336 -2.36 -22.37 9.15
C LYS E 336 -3.06 -23.63 8.66
N VAL E 337 -4.39 -23.55 8.53
CA VAL E 337 -5.17 -24.67 8.02
C VAL E 337 -6.27 -24.12 7.14
N LEU E 338 -6.42 -24.70 5.96
CA LEU E 338 -7.44 -24.25 5.01
C LEU E 338 -8.34 -25.43 4.65
N VAL E 339 -9.61 -25.35 5.07
CA VAL E 339 -10.58 -26.41 4.80
C VAL E 339 -11.52 -25.97 3.69
N THR E 340 -11.49 -26.67 2.57
CA THR E 340 -12.33 -26.31 1.42
C THR E 340 -13.12 -27.53 0.97
N THR E 341 -14.18 -27.29 0.21
CA THR E 341 -15.04 -28.36 -0.28
C THR E 341 -15.80 -27.92 -1.53
N ASN E 342 -15.32 -28.38 -2.68
CA ASN E 342 -15.95 -28.09 -3.98
C ASN E 342 -15.71 -26.65 -4.43
N VAL E 343 -15.17 -25.81 -3.55
CA VAL E 343 -14.84 -24.44 -3.88
C VAL E 343 -13.33 -24.32 -3.96
N CYS E 344 -12.80 -24.13 -5.18
CA CYS E 344 -11.36 -23.98 -5.37
C CYS E 344 -10.61 -25.22 -4.89
N ALA E 345 -11.00 -26.38 -5.41
CA ALA E 345 -10.44 -27.65 -4.94
C ALA E 345 -9.40 -28.24 -5.88
N ARG E 346 -9.27 -27.70 -7.10
CA ARG E 346 -8.34 -28.24 -8.08
C ARG E 346 -6.88 -27.89 -7.76
N GLY E 347 -6.52 -27.91 -6.47
CA GLY E 347 -5.18 -27.58 -6.06
C GLY E 347 -4.89 -26.09 -6.08
N ILE E 348 -4.40 -25.58 -4.94
CA ILE E 348 -4.04 -24.19 -4.81
C ILE E 348 -2.53 -24.10 -4.55
N ASP E 349 -1.86 -23.19 -5.25
CA ASP E 349 -0.40 -23.06 -5.12
C ASP E 349 -0.05 -22.20 -3.92
N VAL E 350 -0.07 -22.84 -2.75
CA VAL E 350 0.35 -22.24 -1.50
C VAL E 350 1.69 -22.85 -1.11
N GLU E 351 2.67 -21.99 -0.83
CA GLU E 351 4.05 -22.41 -0.73
C GLU E 351 4.33 -23.27 0.50
N GLN E 352 3.70 -22.93 1.62
CA GLN E 352 3.97 -23.62 2.88
C GLN E 352 3.16 -24.88 3.12
N VAL E 353 2.51 -25.41 2.08
CA VAL E 353 1.68 -26.58 2.30
C VAL E 353 2.60 -27.76 2.55
N SER E 354 2.48 -28.34 3.74
CA SER E 354 3.30 -29.46 4.14
C SER E 354 2.53 -30.77 4.03
N VAL E 355 1.21 -30.69 4.15
CA VAL E 355 0.36 -31.88 4.10
C VAL E 355 -0.96 -31.57 3.42
N VAL E 356 -1.44 -32.52 2.61
CA VAL E 356 -2.77 -32.44 2.03
C VAL E 356 -3.62 -33.56 2.62
N ILE E 357 -4.77 -33.21 3.18
CA ILE E 357 -5.64 -34.19 3.80
C ILE E 357 -6.89 -34.36 2.95
N ASN E 358 -7.22 -35.61 2.64
CA ASN E 358 -8.46 -35.90 1.92
C ASN E 358 -9.45 -36.53 2.89
N PHE E 359 -10.02 -35.67 3.74
CA PHE E 359 -11.06 -36.07 4.68
C PHE E 359 -12.16 -36.85 3.97
N ASP E 360 -12.37 -36.52 2.70
CA ASP E 360 -13.24 -37.29 1.82
C ASP E 360 -12.57 -37.43 0.46
N LEU E 361 -12.83 -38.56 -0.22
CA LEU E 361 -12.11 -38.89 -1.43
C LEU E 361 -12.56 -38.04 -2.62
N PRO E 362 -11.62 -37.71 -3.54
CA PRO E 362 -12.01 -36.95 -4.74
C PRO E 362 -12.94 -37.73 -5.66
N VAL E 363 -14.23 -37.48 -5.56
CA VAL E 363 -15.22 -38.26 -6.29
C VAL E 363 -15.72 -37.52 -7.52
N ASP E 364 -15.64 -38.19 -8.67
CA ASP E 364 -16.25 -37.68 -9.90
C ASP E 364 -17.76 -37.84 -9.84
N LYS E 365 -18.46 -37.12 -10.72
CA LYS E 365 -19.88 -37.36 -10.90
C LYS E 365 -20.06 -38.78 -11.45
N ASP E 366 -21.21 -39.38 -11.15
CA ASP E 366 -21.50 -40.78 -11.50
C ASP E 366 -20.85 -41.77 -10.54
N GLY E 367 -19.99 -41.28 -9.65
CA GLY E 367 -19.40 -42.11 -8.63
C GLY E 367 -18.15 -42.88 -9.05
N ASN E 368 -17.22 -42.20 -9.70
CA ASN E 368 -15.96 -42.79 -10.12
C ASN E 368 -14.80 -41.95 -9.57
N PRO E 369 -13.58 -42.52 -9.54
CA PRO E 369 -12.47 -41.76 -8.98
C PRO E 369 -12.07 -40.54 -9.82
N ASP E 370 -11.85 -39.42 -9.14
CA ASP E 370 -11.44 -38.19 -9.79
C ASP E 370 -9.92 -38.06 -9.74
N ASN E 371 -9.23 -38.73 -10.66
CA ASN E 371 -7.78 -38.82 -10.63
C ASN E 371 -7.09 -37.49 -10.95
N GLU E 372 -7.65 -36.72 -11.86
CA GLU E 372 -7.09 -35.42 -12.19
C GLU E 372 -7.07 -34.52 -10.96
N THR E 373 -8.20 -34.45 -10.26
CA THR E 373 -8.29 -33.65 -9.04
C THR E 373 -7.31 -34.16 -7.98
N TYR E 374 -7.18 -35.47 -7.87
CA TYR E 374 -6.28 -36.07 -6.90
C TYR E 374 -4.83 -35.68 -7.19
N LEU E 375 -4.49 -35.59 -8.47
CA LEU E 375 -3.11 -35.29 -8.88
C LEU E 375 -2.79 -33.80 -8.71
N HIS E 376 -3.72 -32.94 -9.12
CA HIS E 376 -3.55 -31.50 -9.00
C HIS E 376 -3.49 -31.07 -7.53
N ARG E 377 -4.34 -31.65 -6.71
CA ARG E 377 -4.35 -31.34 -5.28
C ARG E 377 -3.00 -31.59 -4.63
N ILE E 378 -2.34 -32.66 -5.06
CA ILE E 378 -1.07 -33.06 -4.48
C ILE E 378 0.12 -32.74 -5.39
N GLY E 379 -0.14 -32.60 -6.68
CA GLY E 379 0.92 -32.29 -7.62
C GLY E 379 1.58 -30.95 -7.36
N ARG E 380 0.83 -30.02 -6.79
CA ARG E 380 1.35 -28.69 -6.47
C ARG E 380 2.37 -28.76 -5.34
N THR E 381 2.04 -29.49 -4.30
CA THR E 381 2.98 -29.72 -3.21
C THR E 381 3.94 -30.82 -3.65
N GLY E 382 5.24 -30.55 -3.56
CA GLY E 382 6.23 -31.52 -3.97
C GLY E 382 6.48 -31.44 -5.46
N ARG E 383 6.91 -30.27 -5.91
CA ARG E 383 7.25 -30.03 -7.31
C ARG E 383 8.75 -29.86 -7.49
N PHE E 384 9.31 -30.50 -8.50
CA PHE E 384 10.73 -30.37 -8.79
C PHE E 384 11.59 -30.85 -7.63
N GLY E 385 11.03 -31.73 -6.80
CA GLY E 385 11.80 -32.39 -5.77
C GLY E 385 11.48 -31.93 -4.36
N LYS E 386 10.55 -31.00 -4.23
CA LYS E 386 10.08 -30.59 -2.90
C LYS E 386 9.37 -31.80 -2.32
N ARG E 387 9.32 -31.89 -0.99
CA ARG E 387 8.68 -33.02 -0.34
C ARG E 387 7.32 -32.66 0.25
N GLY E 388 6.32 -33.45 -0.11
CA GLY E 388 4.97 -33.25 0.39
C GLY E 388 4.42 -34.47 1.10
N LEU E 389 3.14 -34.44 1.40
CA LEU E 389 2.48 -35.52 2.12
C LEU E 389 1.00 -35.57 1.79
N ALA E 390 0.44 -36.78 1.77
CA ALA E 390 -0.97 -36.96 1.48
C ALA E 390 -1.57 -38.02 2.39
N VAL E 391 -2.71 -37.69 2.98
CA VAL E 391 -3.39 -38.60 3.89
C VAL E 391 -4.86 -38.69 3.49
N ASN E 392 -5.30 -39.90 3.16
CA ASN E 392 -6.67 -40.12 2.74
C ASN E 392 -7.45 -40.80 3.84
N MET E 393 -8.55 -40.19 4.25
CA MET E 393 -9.41 -40.76 5.28
C MET E 393 -10.45 -41.67 4.65
N VAL E 394 -10.40 -42.95 5.04
CA VAL E 394 -11.37 -43.93 4.54
C VAL E 394 -12.34 -44.24 5.67
N ASP E 395 -13.63 -44.02 5.41
CA ASP E 395 -14.65 -44.20 6.43
C ASP E 395 -15.60 -45.36 6.15
N SER E 396 -15.36 -46.08 5.05
CA SER E 396 -16.22 -47.20 4.68
C SER E 396 -15.51 -48.10 3.69
N LYS E 397 -16.15 -49.22 3.35
CA LYS E 397 -15.58 -50.16 2.39
C LYS E 397 -15.72 -49.63 0.97
N HIS E 398 -16.75 -48.82 0.73
CA HIS E 398 -16.91 -48.16 -0.55
C HIS E 398 -15.78 -47.17 -0.79
N SER E 399 -15.45 -46.40 0.24
CA SER E 399 -14.34 -45.46 0.17
C SER E 399 -13.01 -46.19 -0.01
N MET E 400 -12.88 -47.35 0.63
CA MET E 400 -11.68 -48.16 0.47
C MET E 400 -11.59 -48.71 -0.94
N ASN E 401 -12.74 -49.07 -1.50
CA ASN E 401 -12.79 -49.58 -2.86
C ASN E 401 -12.24 -48.57 -3.84
N ILE E 402 -12.55 -47.29 -3.61
CA ILE E 402 -12.07 -46.22 -4.46
C ILE E 402 -10.56 -46.00 -4.26
N LEU E 403 -10.08 -46.23 -3.05
CA LEU E 403 -8.68 -45.93 -2.72
C LEU E 403 -7.72 -46.79 -3.55
N ASN E 404 -8.00 -48.09 -3.60
CA ASN E 404 -7.17 -48.99 -4.39
C ASN E 404 -7.30 -48.65 -5.87
N ARG E 405 -8.44 -48.08 -6.25
CA ARG E 405 -8.67 -47.73 -7.64
C ARG E 405 -7.81 -46.54 -8.10
N ILE E 406 -7.52 -45.62 -7.18
CA ILE E 406 -6.55 -44.55 -7.46
C ILE E 406 -5.15 -45.17 -7.49
N GLN E 407 -4.89 -46.04 -6.54
CA GLN E 407 -3.63 -46.78 -6.48
C GLN E 407 -3.39 -47.47 -7.83
N GLU E 408 -4.47 -47.88 -8.49
CA GLU E 408 -4.38 -48.52 -9.80
C GLU E 408 -3.92 -47.56 -10.89
N HIS E 409 -4.57 -46.40 -10.98
CA HIS E 409 -4.30 -45.47 -12.06
C HIS E 409 -2.86 -44.98 -12.02
N PHE E 410 -2.37 -44.67 -10.83
CA PHE E 410 -1.02 -44.15 -10.67
C PHE E 410 0.01 -45.26 -10.52
N ASN E 411 -0.46 -46.44 -10.11
CA ASN E 411 0.42 -47.59 -9.94
C ASN E 411 1.40 -47.35 -8.80
N LYS E 412 1.13 -46.34 -7.98
CA LYS E 412 1.98 -46.03 -6.84
C LYS E 412 1.26 -46.44 -5.55
N LYS E 413 2.00 -47.09 -4.64
CA LYS E 413 1.38 -47.65 -3.44
C LYS E 413 0.99 -46.61 -2.40
N ILE E 414 -0.29 -46.63 -2.04
CA ILE E 414 -0.79 -45.85 -0.91
C ILE E 414 -0.81 -46.76 0.31
N GLU E 415 0.25 -46.76 1.10
CA GLU E 415 0.33 -47.66 2.24
C GLU E 415 -0.56 -47.17 3.38
N ARG E 416 -0.90 -48.08 4.28
CA ARG E 416 -1.78 -47.76 5.41
C ARG E 416 -1.01 -47.02 6.51
N LEU E 417 -1.69 -46.07 7.15
CA LEU E 417 -1.14 -45.36 8.30
C LEU E 417 -2.04 -45.55 9.51
N ASP E 418 -1.46 -46.00 10.61
CA ASP E 418 -2.17 -46.07 11.89
C ASP E 418 -2.02 -44.76 12.65
N THR E 419 -3.15 -44.11 12.94
CA THR E 419 -3.14 -42.79 13.57
C THR E 419 -2.78 -42.88 15.05
N ASP E 420 -2.78 -44.10 15.57
CA ASP E 420 -2.21 -44.39 16.87
C ASP E 420 -0.78 -44.86 16.65
N ASP E 421 -0.08 -45.18 17.74
CA ASP E 421 1.31 -45.61 17.62
C ASP E 421 2.18 -44.55 16.97
N LEU E 422 2.60 -43.57 17.77
CA LEU E 422 3.42 -42.47 17.27
C LEU E 422 4.64 -43.00 16.53
N ASP E 423 5.15 -44.15 16.98
CA ASP E 423 6.33 -44.75 16.35
C ASP E 423 6.15 -44.89 14.85
N GLU E 424 4.98 -45.37 14.41
CA GLU E 424 4.70 -45.47 12.98
C GLU E 424 4.63 -44.08 12.35
N ILE E 425 3.98 -43.14 13.02
CA ILE E 425 3.86 -41.80 12.48
C ILE E 425 5.24 -41.17 12.55
N GLU E 426 5.99 -41.52 13.59
CA GLU E 426 7.37 -41.04 13.74
C GLU E 426 8.21 -41.50 12.56
N LYS E 427 7.88 -42.66 11.98
CA LYS E 427 8.61 -43.15 10.83
C LYS E 427 8.19 -42.40 9.56
N ILE E 428 7.05 -41.74 9.60
CA ILE E 428 6.52 -41.07 8.41
C ILE E 428 7.46 -39.90 8.11
N ALA E 429 7.93 -39.25 9.18
CA ALA E 429 8.80 -38.09 9.05
C ALA E 429 10.14 -38.48 8.44
N ASN E 430 10.73 -39.54 8.97
CA ASN E 430 12.00 -40.05 8.46
C ASN E 430 12.47 -41.28 9.24
N GLU F 5 -31.39 8.12 -10.90
CA GLU F 5 -30.60 7.97 -12.11
C GLU F 5 -29.11 8.15 -11.81
N ASP F 6 -28.59 9.35 -12.00
CA ASP F 6 -27.18 9.59 -11.71
C ASP F 6 -26.93 9.85 -10.24
N ARG F 7 -27.88 9.58 -9.36
CA ARG F 7 -27.65 9.85 -7.95
C ARG F 7 -26.87 8.70 -7.32
N ALA F 8 -27.08 7.49 -7.83
CA ALA F 8 -26.38 6.32 -7.34
C ALA F 8 -24.89 6.43 -7.67
N ALA F 9 -24.60 6.86 -8.89
CA ALA F 9 -23.22 7.05 -9.33
C ALA F 9 -22.53 8.17 -8.54
N GLN F 10 -23.25 9.28 -8.35
CA GLN F 10 -22.72 10.40 -7.58
C GLN F 10 -22.38 9.96 -6.17
N SER F 11 -23.22 9.11 -5.58
CA SER F 11 -22.94 8.58 -4.26
C SER F 11 -21.69 7.71 -4.32
N LEU F 12 -21.58 6.89 -5.36
CA LEU F 12 -20.44 5.99 -5.49
C LEU F 12 -19.13 6.77 -5.59
N LEU F 13 -19.07 7.76 -6.48
CA LEU F 13 -17.87 8.56 -6.65
C LEU F 13 -17.56 9.33 -5.36
N ASN F 14 -18.61 9.81 -4.69
CA ASN F 14 -18.45 10.53 -3.43
C ASN F 14 -17.83 9.63 -2.36
N LYS F 15 -18.04 8.33 -2.47
CA LYS F 15 -17.47 7.38 -1.52
C LYS F 15 -15.98 7.18 -1.77
N LEU F 16 -15.63 7.03 -3.05
CA LEU F 16 -14.25 6.72 -3.44
C LEU F 16 -13.28 7.89 -3.22
N ILE F 17 -13.79 9.12 -3.19
CA ILE F 17 -12.92 10.29 -3.09
C ILE F 17 -12.94 10.92 -1.70
N ARG F 18 -13.93 10.58 -0.89
CA ARG F 18 -14.03 11.19 0.44
C ARG F 18 -12.96 10.64 1.37
N SER F 19 -12.16 11.54 1.92
CA SER F 19 -11.00 11.18 2.74
C SER F 19 -11.24 11.45 4.22
N ASN F 20 -12.24 12.29 4.51
CA ASN F 20 -12.55 12.66 5.89
C ASN F 20 -13.95 13.25 5.97
N LEU F 21 -14.34 13.67 7.18
CA LEU F 21 -15.67 14.25 7.38
C LEU F 21 -15.80 15.54 6.59
N VAL F 22 -17.03 15.92 6.28
CA VAL F 22 -17.31 17.26 5.79
C VAL F 22 -17.81 18.04 6.99
N ASP F 23 -16.93 18.84 7.57
CA ASP F 23 -17.23 19.57 8.79
C ASP F 23 -18.47 20.45 8.63
N ASN F 24 -19.17 20.66 9.74
CA ASN F 24 -20.45 21.36 9.73
C ASN F 24 -20.64 22.14 11.03
N THR F 25 -21.19 23.35 10.93
CA THR F 25 -21.35 24.22 12.08
C THR F 25 -22.82 24.44 12.44
N ASN F 26 -23.70 23.64 11.85
CA ASN F 26 -25.11 23.68 12.20
C ASN F 26 -25.38 22.69 13.34
N GLN F 27 -26.13 23.13 14.35
CA GLN F 27 -26.47 22.25 15.45
C GLN F 27 -27.53 21.25 15.03
N VAL F 28 -27.45 20.04 15.59
CA VAL F 28 -28.35 18.95 15.20
C VAL F 28 -29.66 19.04 15.95
N GLU F 29 -30.77 18.94 15.21
CA GLU F 29 -32.09 18.89 15.82
C GLU F 29 -32.43 17.44 16.14
N VAL F 30 -33.12 17.25 17.27
CA VAL F 30 -33.50 15.92 17.70
C VAL F 30 -35.02 15.89 17.92
N LEU F 31 -35.68 14.88 17.38
CA LEU F 31 -37.12 14.72 17.54
C LEU F 31 -37.42 13.36 18.17
N GLN F 32 -37.20 13.27 19.47
CA GLN F 32 -37.34 12.00 20.18
C GLN F 32 -38.82 11.70 20.34
N ARG F 33 -39.22 10.45 20.15
CA ARG F 33 -40.63 10.10 20.19
C ARG F 33 -41.25 10.40 21.55
N ASP F 34 -40.54 10.08 22.63
CA ASP F 34 -41.01 10.46 23.95
C ASP F 34 -40.23 11.71 24.35
N PRO F 35 -40.81 12.90 24.11
CA PRO F 35 -40.08 14.13 24.43
C PRO F 35 -39.74 14.22 25.92
N ASN F 36 -40.53 13.55 26.74
CA ASN F 36 -40.31 13.52 28.19
C ASN F 36 -38.92 12.93 28.48
N SER F 37 -38.48 12.03 27.60
CA SER F 37 -37.16 11.41 27.69
C SER F 37 -36.07 12.47 27.52
N PRO F 38 -35.04 12.46 28.38
CA PRO F 38 -34.01 13.47 28.16
C PRO F 38 -33.17 13.20 26.92
N LEU F 39 -32.65 14.28 26.33
CA LEU F 39 -31.85 14.21 25.11
C LEU F 39 -30.57 13.42 25.35
N TYR F 40 -30.21 12.58 24.39
CA TYR F 40 -28.98 11.79 24.47
C TYR F 40 -27.84 12.51 23.75
N SER F 41 -26.77 12.79 24.50
CA SER F 41 -25.62 13.50 23.96
C SER F 41 -24.30 12.93 24.51
N VAL F 42 -23.35 12.72 23.61
CA VAL F 42 -22.04 12.18 23.96
C VAL F 42 -20.97 13.00 23.24
N LYS F 43 -19.76 13.05 23.83
CA LYS F 43 -18.68 13.83 23.23
C LYS F 43 -17.38 13.02 23.04
N SER F 44 -17.40 11.75 23.45
CA SER F 44 -16.25 10.88 23.27
C SER F 44 -16.68 9.41 23.25
N PHE F 45 -15.87 8.57 22.62
CA PHE F 45 -16.19 7.14 22.50
C PHE F 45 -16.12 6.41 23.83
N GLU F 46 -15.39 6.97 24.79
CA GLU F 46 -15.24 6.33 26.09
C GLU F 46 -16.59 6.26 26.80
N GLU F 47 -17.37 7.32 26.67
CA GLU F 47 -18.65 7.44 27.36
C GLU F 47 -19.65 6.37 26.93
N LEU F 48 -19.57 5.95 25.68
CA LEU F 48 -20.51 4.95 25.16
C LEU F 48 -20.28 3.59 25.80
N ARG F 49 -19.08 3.39 26.34
CA ARG F 49 -18.71 2.10 26.90
C ARG F 49 -18.99 1.00 25.87
N LEU F 50 -18.21 1.00 24.80
CA LEU F 50 -18.30 0.00 23.76
C LEU F 50 -17.50 -1.23 24.17
N LYS F 51 -17.64 -2.31 23.40
CA LYS F 51 -16.84 -3.50 23.64
C LYS F 51 -15.37 -3.16 23.40
N PRO F 52 -14.46 -3.87 24.06
CA PRO F 52 -13.04 -3.52 23.88
C PRO F 52 -12.57 -3.70 22.44
N GLN F 53 -12.92 -4.85 21.85
CA GLN F 53 -12.51 -5.15 20.48
C GLN F 53 -13.10 -4.12 19.50
N LEU F 54 -14.26 -3.58 19.84
CA LEU F 54 -14.93 -2.62 18.97
C LEU F 54 -14.27 -1.24 19.05
N LEU F 55 -14.09 -0.74 20.28
CA LEU F 55 -13.39 0.52 20.48
C LEU F 55 -11.98 0.44 19.90
N GLN F 56 -11.40 -0.75 19.94
CA GLN F 56 -10.07 -0.97 19.38
C GLN F 56 -10.07 -0.66 17.90
N GLY F 57 -11.12 -1.11 17.20
CA GLY F 57 -11.26 -0.87 15.77
C GLY F 57 -11.58 0.56 15.43
N VAL F 58 -12.35 1.21 16.27
CA VAL F 58 -12.73 2.61 16.06
C VAL F 58 -11.48 3.49 16.05
N TYR F 59 -10.69 3.41 17.12
CA TYR F 59 -9.44 4.18 17.19
C TYR F 59 -8.46 3.73 16.11
N ALA F 60 -8.60 2.50 15.65
CA ALA F 60 -7.68 1.93 14.68
C ALA F 60 -7.75 2.65 13.34
N MET F 61 -8.97 2.95 12.89
CA MET F 61 -9.17 3.50 11.56
C MET F 61 -9.17 5.03 11.55
N GLY F 62 -8.74 5.65 12.65
CA GLY F 62 -8.44 7.06 12.66
C GLY F 62 -9.46 7.98 13.32
N PHE F 63 -10.45 7.42 14.00
CA PHE F 63 -11.47 8.23 14.66
C PHE F 63 -11.03 8.58 16.08
N ASN F 64 -11.02 9.87 16.38
CA ASN F 64 -10.64 10.34 17.72
C ASN F 64 -11.86 10.48 18.61
N ARG F 65 -12.89 11.14 18.09
CA ARG F 65 -14.13 11.36 18.81
C ARG F 65 -15.30 11.36 17.84
N PRO F 66 -16.52 11.13 18.34
CA PRO F 66 -17.67 11.04 17.43
C PRO F 66 -17.89 12.32 16.63
N SER F 67 -18.41 12.18 15.41
CA SER F 67 -18.74 13.33 14.58
C SER F 67 -20.01 13.99 15.11
N LYS F 68 -20.35 15.15 14.57
CA LYS F 68 -21.46 15.95 15.07
C LYS F 68 -22.78 15.16 15.04
N ILE F 69 -23.04 14.46 13.94
CA ILE F 69 -24.24 13.66 13.82
C ILE F 69 -24.16 12.43 14.74
N GLN F 70 -22.95 11.96 15.00
CA GLN F 70 -22.75 10.77 15.82
C GLN F 70 -22.85 11.08 17.31
N GLU F 71 -22.61 12.33 17.68
CA GLU F 71 -22.74 12.75 19.07
C GLU F 71 -24.15 12.51 19.61
N ASN F 72 -25.13 12.46 18.72
CA ASN F 72 -26.52 12.23 19.12
C ASN F 72 -27.06 10.88 18.65
N ALA F 73 -26.50 10.36 17.56
CA ALA F 73 -27.03 9.14 16.97
C ALA F 73 -26.59 7.88 17.72
N LEU F 74 -25.33 7.85 18.13
CA LEU F 74 -24.77 6.64 18.73
C LEU F 74 -25.44 6.26 20.05
N PRO F 75 -25.61 7.23 20.97
CA PRO F 75 -26.24 6.86 22.24
C PRO F 75 -27.69 6.43 22.06
N LEU F 76 -28.39 7.11 21.16
CA LEU F 76 -29.80 6.83 20.90
C LEU F 76 -29.98 5.41 20.36
N MET F 77 -28.98 4.93 19.64
CA MET F 77 -29.05 3.60 19.03
C MET F 77 -28.58 2.51 20.00
N LEU F 78 -27.70 2.87 20.92
CA LEU F 78 -27.18 1.91 21.90
C LEU F 78 -28.05 1.86 23.16
N ALA F 79 -28.97 2.81 23.30
CA ALA F 79 -29.82 2.88 24.48
C ALA F 79 -30.74 1.67 24.58
N GLU F 80 -31.08 1.29 25.81
CA GLU F 80 -32.02 0.19 26.05
C GLU F 80 -33.33 0.74 26.59
N PRO F 81 -34.48 0.29 26.04
CA PRO F 81 -34.65 -0.70 24.98
C PRO F 81 -34.24 -0.18 23.61
N PRO F 82 -34.21 -1.06 22.59
CA PRO F 82 -33.85 -0.62 21.24
C PRO F 82 -34.78 0.45 20.69
N GLN F 83 -34.21 1.60 20.35
CA GLN F 83 -34.98 2.71 19.82
C GLN F 83 -34.66 2.91 18.34
N ASN F 84 -35.69 2.95 17.52
CA ASN F 84 -35.54 3.12 16.08
C ASN F 84 -35.01 4.52 15.78
N LEU F 85 -34.65 4.77 14.53
CA LEU F 85 -34.07 6.06 14.16
C LEU F 85 -34.19 6.34 12.67
N ILE F 86 -34.48 7.60 12.35
CA ILE F 86 -34.42 8.09 10.98
C ILE F 86 -33.49 9.30 10.99
N ALA F 87 -32.35 9.18 10.33
CA ALA F 87 -31.35 10.25 10.35
C ALA F 87 -31.25 10.95 9.00
N GLN F 88 -31.14 12.27 9.04
CA GLN F 88 -30.97 13.06 7.83
C GLN F 88 -29.76 13.98 7.98
N SER F 89 -28.74 13.73 7.16
CA SER F 89 -27.53 14.54 7.17
C SER F 89 -26.79 14.36 5.85
N GLN F 90 -26.18 15.43 5.36
CA GLN F 90 -25.58 15.42 4.04
C GLN F 90 -24.52 14.33 3.92
N SER F 91 -24.18 13.99 2.67
CA SER F 91 -23.17 12.96 2.41
C SER F 91 -21.80 13.40 2.93
N GLY F 92 -21.25 12.60 3.84
CA GLY F 92 -19.92 12.81 4.36
C GLY F 92 -19.88 13.17 5.83
N THR F 93 -21.04 13.09 6.50
CA THR F 93 -21.12 13.50 7.90
C THR F 93 -20.85 12.36 8.88
N GLY F 94 -20.83 11.12 8.39
CA GLY F 94 -20.53 9.99 9.24
C GLY F 94 -21.69 9.05 9.48
N LYS F 95 -22.66 9.05 8.57
CA LYS F 95 -23.85 8.21 8.71
C LYS F 95 -23.49 6.74 8.65
N THR F 96 -22.70 6.35 7.65
CA THR F 96 -22.37 4.95 7.45
C THR F 96 -21.52 4.43 8.61
N ALA F 97 -20.56 5.22 9.05
CA ALA F 97 -19.74 4.86 10.20
C ALA F 97 -20.59 4.70 11.45
N ALA F 98 -21.75 5.35 11.47
CA ALA F 98 -22.62 5.31 12.64
C ALA F 98 -23.34 3.96 12.77
N PHE F 99 -24.03 3.54 11.72
CA PHE F 99 -24.82 2.31 11.81
C PHE F 99 -23.93 1.07 11.71
N VAL F 100 -22.71 1.24 11.21
CA VAL F 100 -21.75 0.14 11.22
C VAL F 100 -21.29 -0.11 12.65
N LEU F 101 -21.07 0.98 13.40
CA LEU F 101 -20.70 0.85 14.80
C LEU F 101 -21.83 0.24 15.60
N ALA F 102 -23.05 0.66 15.28
CA ALA F 102 -24.24 0.17 15.99
C ALA F 102 -24.43 -1.32 15.76
N MET F 103 -24.28 -1.75 14.51
CA MET F 103 -24.40 -3.16 14.17
C MET F 103 -23.44 -4.02 14.98
N LEU F 104 -22.15 -3.70 14.90
CA LEU F 104 -21.11 -4.54 15.50
C LEU F 104 -21.24 -4.65 17.02
N SER F 105 -21.97 -3.73 17.64
CA SER F 105 -22.15 -3.75 19.09
C SER F 105 -23.25 -4.73 19.51
N GLN F 106 -24.31 -4.80 18.71
CA GLN F 106 -25.48 -5.59 19.05
C GLN F 106 -25.31 -7.08 18.70
N VAL F 107 -24.40 -7.40 17.79
CA VAL F 107 -24.20 -8.77 17.35
C VAL F 107 -23.65 -9.63 18.49
N GLU F 108 -23.91 -10.93 18.43
CA GLU F 108 -23.40 -11.88 19.41
C GLU F 108 -22.35 -12.82 18.78
N PRO F 109 -21.16 -12.90 19.40
CA PRO F 109 -20.02 -13.51 18.69
C PRO F 109 -20.14 -14.99 18.31
N ALA F 110 -20.81 -15.79 19.15
CA ALA F 110 -20.80 -17.24 18.99
C ALA F 110 -21.87 -17.78 18.04
N ASN F 111 -22.88 -16.96 17.74
CA ASN F 111 -24.03 -17.43 16.98
C ASN F 111 -23.82 -17.29 15.47
N LYS F 112 -23.81 -18.43 14.79
CA LYS F 112 -23.50 -18.49 13.36
C LYS F 112 -24.78 -18.41 12.52
N TYR F 113 -25.35 -17.22 12.46
CA TYR F 113 -26.48 -16.95 11.58
C TYR F 113 -26.66 -15.43 11.50
N PRO F 114 -27.35 -14.95 10.46
CA PRO F 114 -27.49 -13.49 10.28
C PRO F 114 -28.19 -12.81 11.45
N GLN F 115 -27.53 -11.81 12.03
CA GLN F 115 -28.12 -11.04 13.13
C GLN F 115 -28.34 -9.58 12.74
N CYS F 116 -27.63 -9.14 11.71
CA CYS F 116 -27.77 -7.77 11.22
C CYS F 116 -27.91 -7.75 9.70
N LEU F 117 -28.83 -6.93 9.19
CA LEU F 117 -29.10 -6.86 7.76
C LEU F 117 -29.13 -5.42 7.26
N CYS F 118 -28.34 -5.15 6.22
CA CYS F 118 -28.30 -3.82 5.61
C CYS F 118 -28.77 -3.87 4.16
N LEU F 119 -29.51 -2.84 3.76
CA LEU F 119 -29.95 -2.72 2.38
C LEU F 119 -29.23 -1.55 1.71
N SER F 120 -28.44 -1.87 0.69
CA SER F 120 -27.78 -0.84 -0.11
C SER F 120 -28.38 -0.84 -1.52
N PRO F 121 -28.59 0.36 -2.11
CA PRO F 121 -29.29 0.41 -3.39
C PRO F 121 -28.64 -0.44 -4.49
N THR F 122 -27.32 -0.56 -4.48
CA THR F 122 -26.62 -1.25 -5.55
C THR F 122 -25.50 -2.16 -5.03
N TYR F 123 -24.90 -2.92 -5.94
CA TYR F 123 -23.82 -3.84 -5.62
C TYR F 123 -22.54 -3.10 -5.26
N GLU F 124 -22.21 -2.07 -6.03
CA GLU F 124 -21.00 -1.30 -5.78
C GLU F 124 -21.07 -0.58 -4.43
N LEU F 125 -22.21 0.05 -4.15
CA LEU F 125 -22.40 0.75 -2.89
C LEU F 125 -22.38 -0.22 -1.72
N ALA F 126 -22.89 -1.42 -1.94
CA ALA F 126 -22.88 -2.45 -0.92
C ALA F 126 -21.44 -2.77 -0.51
N LEU F 127 -20.56 -2.84 -1.50
CA LEU F 127 -19.16 -3.15 -1.27
C LEU F 127 -18.49 -2.12 -0.38
N GLN F 128 -18.77 -0.84 -0.64
CA GLN F 128 -18.17 0.24 0.11
C GLN F 128 -18.60 0.22 1.57
N THR F 129 -19.88 -0.04 1.81
CA THR F 129 -20.37 -0.19 3.17
C THR F 129 -19.76 -1.41 3.82
N GLY F 130 -19.55 -2.46 3.03
CA GLY F 130 -18.92 -3.68 3.52
C GLY F 130 -17.49 -3.46 3.95
N LYS F 131 -16.79 -2.58 3.24
CA LYS F 131 -15.41 -2.26 3.55
C LYS F 131 -15.28 -1.59 4.91
N VAL F 132 -16.27 -0.80 5.30
CA VAL F 132 -16.24 -0.12 6.58
C VAL F 132 -16.46 -1.14 7.70
N ILE F 133 -17.26 -2.16 7.41
CA ILE F 133 -17.50 -3.22 8.37
C ILE F 133 -16.21 -3.97 8.64
N GLU F 134 -15.53 -4.34 7.55
CA GLU F 134 -14.30 -5.11 7.64
C GLU F 134 -13.21 -4.37 8.40
N GLN F 135 -13.17 -3.05 8.27
CA GLN F 135 -12.17 -2.25 8.97
C GLN F 135 -12.49 -2.11 10.46
N MET F 136 -13.68 -1.63 10.77
CA MET F 136 -14.07 -1.37 12.15
C MET F 136 -14.14 -2.66 12.97
N GLY F 137 -14.49 -3.76 12.31
CA GLY F 137 -14.62 -5.05 12.96
C GLY F 137 -13.50 -6.02 12.59
N LYS F 138 -12.30 -5.48 12.39
CA LYS F 138 -11.15 -6.31 12.07
C LYS F 138 -10.66 -7.08 13.30
N PHE F 139 -10.95 -6.55 14.48
CA PHE F 139 -10.59 -7.18 15.74
C PHE F 139 -11.69 -8.11 16.25
N TYR F 140 -12.59 -8.49 15.36
CA TYR F 140 -13.63 -9.45 15.69
C TYR F 140 -13.36 -10.74 14.92
N PRO F 141 -12.51 -11.62 15.47
CA PRO F 141 -12.26 -12.88 14.78
C PRO F 141 -13.53 -13.72 14.61
N GLU F 142 -13.56 -14.53 13.55
CA GLU F 142 -14.70 -15.39 13.25
C GLU F 142 -15.93 -14.62 12.76
N LEU F 143 -15.92 -13.29 12.92
CA LEU F 143 -16.98 -12.46 12.39
C LEU F 143 -16.77 -12.24 10.90
N LYS F 144 -17.66 -12.79 10.09
CA LYS F 144 -17.57 -12.66 8.64
C LYS F 144 -18.77 -11.91 8.07
N LEU F 145 -18.67 -11.55 6.80
CA LEU F 145 -19.72 -10.83 6.10
C LEU F 145 -20.12 -11.59 4.84
N ALA F 146 -21.40 -11.49 4.47
CA ALA F 146 -21.92 -12.16 3.29
C ALA F 146 -22.65 -11.17 2.39
N TYR F 147 -22.33 -11.21 1.10
CA TYR F 147 -22.94 -10.28 0.16
C TYR F 147 -24.09 -10.94 -0.58
N ALA F 148 -25.31 -10.53 -0.24
CA ALA F 148 -26.50 -11.09 -0.87
C ALA F 148 -26.95 -10.20 -2.02
N VAL F 149 -26.21 -10.27 -3.12
CA VAL F 149 -26.47 -9.41 -4.28
C VAL F 149 -26.64 -10.28 -5.53
N ARG F 150 -27.24 -9.71 -6.57
CA ARG F 150 -27.28 -10.41 -7.84
C ARG F 150 -25.87 -10.65 -8.32
N GLY F 151 -25.62 -11.87 -8.78
CA GLY F 151 -24.31 -12.29 -9.22
C GLY F 151 -23.65 -13.18 -8.19
N ASN F 152 -24.09 -13.08 -6.94
CA ASN F 152 -23.60 -14.00 -5.92
C ASN F 152 -24.47 -15.24 -6.00
N LYS F 153 -24.16 -16.10 -6.96
CA LYS F 153 -24.91 -17.32 -7.19
C LYS F 153 -24.61 -18.32 -6.10
N LEU F 154 -25.65 -18.94 -5.57
CA LEU F 154 -25.49 -19.87 -4.47
C LEU F 154 -26.26 -21.14 -4.76
N GLU F 155 -25.79 -22.26 -4.22
CA GLU F 155 -26.43 -23.53 -4.52
C GLU F 155 -27.58 -23.71 -3.55
N ARG F 156 -28.66 -24.29 -4.05
CA ARG F 156 -29.86 -24.51 -3.25
C ARG F 156 -29.54 -25.42 -2.07
N GLY F 157 -30.14 -25.14 -0.91
CA GLY F 157 -29.94 -25.98 0.26
C GLY F 157 -28.87 -25.47 1.21
N GLN F 158 -28.10 -24.47 0.77
CA GLN F 158 -27.05 -23.92 1.61
C GLN F 158 -27.62 -23.02 2.70
N LYS F 159 -26.97 -23.02 3.86
CA LYS F 159 -27.39 -22.17 4.97
C LYS F 159 -26.29 -21.20 5.39
N ILE F 160 -26.64 -19.92 5.45
CA ILE F 160 -25.69 -18.86 5.77
C ILE F 160 -25.25 -18.94 7.24
N SER F 161 -23.96 -18.75 7.49
CA SER F 161 -23.42 -18.77 8.84
C SER F 161 -22.85 -17.41 9.27
N GLU F 162 -22.80 -16.46 8.35
CA GLU F 162 -22.28 -15.12 8.66
C GLU F 162 -23.19 -14.37 9.64
N GLN F 163 -22.57 -13.55 10.50
CA GLN F 163 -23.32 -12.81 11.50
C GLN F 163 -23.84 -11.48 10.97
N ILE F 164 -23.47 -11.13 9.75
CA ILE F 164 -23.97 -9.91 9.11
C ILE F 164 -24.24 -10.19 7.63
N VAL F 165 -25.23 -9.50 7.07
CA VAL F 165 -25.54 -9.61 5.66
C VAL F 165 -25.76 -8.22 5.06
N ILE F 166 -25.28 -8.05 3.84
CA ILE F 166 -25.50 -6.82 3.08
C ILE F 166 -25.86 -7.23 1.66
N GLY F 167 -26.83 -6.55 1.06
CA GLY F 167 -27.25 -6.90 -0.27
C GLY F 167 -28.20 -5.90 -0.91
N THR F 168 -28.38 -6.04 -2.22
CA THR F 168 -29.33 -5.21 -2.94
C THR F 168 -30.75 -5.56 -2.47
N PRO F 169 -31.70 -4.66 -2.68
CA PRO F 169 -33.06 -4.89 -2.16
C PRO F 169 -33.78 -6.10 -2.74
N GLY F 170 -33.71 -6.27 -4.06
CA GLY F 170 -34.43 -7.34 -4.73
C GLY F 170 -33.98 -8.74 -4.37
N THR F 171 -32.69 -8.89 -4.12
CA THR F 171 -32.11 -10.20 -3.85
C THR F 171 -32.23 -10.60 -2.38
N VAL F 172 -32.07 -9.64 -1.47
CA VAL F 172 -32.19 -9.92 -0.05
C VAL F 172 -33.57 -10.50 0.25
N LEU F 173 -34.57 -10.03 -0.47
CA LEU F 173 -35.93 -10.54 -0.31
C LEU F 173 -36.01 -12.03 -0.62
N ASP F 174 -35.31 -12.45 -1.68
CA ASP F 174 -35.26 -13.85 -2.07
C ASP F 174 -34.53 -14.70 -1.03
N TRP F 175 -33.47 -14.12 -0.45
CA TRP F 175 -32.67 -14.79 0.56
C TRP F 175 -33.51 -15.27 1.76
N CYS F 176 -34.44 -14.41 2.20
CA CYS F 176 -35.17 -14.65 3.44
C CYS F 176 -36.46 -15.46 3.27
N SER F 177 -37.08 -15.35 2.10
CA SER F 177 -38.41 -15.90 1.89
C SER F 177 -38.41 -17.19 1.08
N LYS F 178 -38.23 -17.07 -0.23
CA LYS F 178 -38.41 -18.19 -1.14
C LYS F 178 -37.25 -19.19 -1.02
N LEU F 179 -36.02 -18.68 -1.06
CA LEU F 179 -34.84 -19.53 -0.99
C LEU F 179 -34.48 -19.93 0.45
N LYS F 180 -35.12 -19.30 1.43
CA LYS F 180 -34.92 -19.64 2.84
C LYS F 180 -33.46 -19.59 3.28
N PHE F 181 -32.65 -18.78 2.62
CA PHE F 181 -31.24 -18.64 3.01
C PHE F 181 -31.09 -17.95 4.36
N ILE F 182 -32.04 -17.08 4.70
CA ILE F 182 -32.02 -16.39 5.99
C ILE F 182 -33.35 -16.56 6.74
N ASP F 183 -33.27 -16.70 8.06
CA ASP F 183 -34.46 -16.69 8.91
C ASP F 183 -34.67 -15.28 9.49
N PRO F 184 -35.72 -14.56 9.03
CA PRO F 184 -35.86 -13.16 9.46
C PRO F 184 -36.04 -12.94 10.96
N LYS F 185 -36.49 -13.95 11.68
CA LYS F 185 -36.88 -13.76 13.09
C LYS F 185 -35.70 -13.66 14.05
N LYS F 186 -34.49 -13.84 13.55
CA LYS F 186 -33.29 -13.73 14.37
C LYS F 186 -32.56 -12.39 14.16
N ILE F 187 -33.05 -11.59 13.21
CA ILE F 187 -32.45 -10.29 12.92
C ILE F 187 -32.68 -9.34 14.10
N LYS F 188 -31.58 -8.76 14.61
CA LYS F 188 -31.66 -7.82 15.73
C LYS F 188 -31.49 -6.37 15.30
N VAL F 189 -30.90 -6.16 14.12
CA VAL F 189 -30.72 -4.81 13.58
C VAL F 189 -30.99 -4.79 12.08
N PHE F 190 -31.63 -3.72 11.63
CA PHE F 190 -31.96 -3.57 10.22
C PHE F 190 -31.67 -2.14 9.75
N VAL F 191 -30.92 -2.02 8.66
CA VAL F 191 -30.51 -0.72 8.15
C VAL F 191 -30.92 -0.56 6.69
N LEU F 192 -31.31 0.65 6.32
CA LEU F 192 -31.53 1.00 4.93
C LEU F 192 -30.65 2.21 4.61
N ASP F 193 -29.50 1.95 4.01
CA ASP F 193 -28.50 2.98 3.79
C ASP F 193 -28.80 3.76 2.51
N GLU F 194 -28.73 5.09 2.62
CA GLU F 194 -28.94 5.96 1.47
C GLU F 194 -30.33 5.78 0.89
N ALA F 195 -31.34 6.20 1.63
CA ALA F 195 -32.72 6.13 1.16
C ALA F 195 -32.97 7.14 0.05
N ASP F 196 -32.18 8.21 0.03
CA ASP F 196 -32.33 9.26 -0.97
C ASP F 196 -32.20 8.68 -2.38
N VAL F 197 -31.26 7.75 -2.55
CA VAL F 197 -31.07 7.09 -3.83
C VAL F 197 -31.99 5.87 -3.94
N MET F 198 -32.36 5.29 -2.81
CA MET F 198 -33.17 4.08 -2.80
C MET F 198 -34.50 4.27 -3.54
N ILE F 199 -35.09 5.45 -3.38
CA ILE F 199 -36.40 5.73 -3.96
C ILE F 199 -36.35 5.92 -5.49
N ALA F 200 -35.16 6.20 -6.01
CA ALA F 200 -35.01 6.46 -7.44
C ALA F 200 -35.50 5.30 -8.31
N THR F 201 -35.64 4.13 -7.69
CA THR F 201 -36.21 2.96 -8.36
C THR F 201 -37.49 2.54 -7.64
N GLN F 202 -38.59 2.44 -8.38
CA GLN F 202 -39.87 2.09 -7.78
C GLN F 202 -39.85 0.68 -7.19
N GLY F 203 -39.10 -0.21 -7.83
CA GLY F 203 -39.00 -1.58 -7.37
C GLY F 203 -38.34 -1.71 -6.01
N HIS F 204 -37.34 -0.88 -5.77
CA HIS F 204 -36.58 -0.94 -4.52
C HIS F 204 -37.42 -0.59 -3.30
N GLN F 205 -38.28 0.41 -3.42
CA GLN F 205 -39.06 0.89 -2.28
C GLN F 205 -40.00 -0.19 -1.75
N ASP F 206 -40.66 -0.91 -2.65
CA ASP F 206 -41.60 -1.96 -2.25
C ASP F 206 -40.86 -3.16 -1.69
N GLN F 207 -39.78 -3.54 -2.34
CA GLN F 207 -39.01 -4.72 -1.93
C GLN F 207 -38.36 -4.50 -0.58
N SER F 208 -38.01 -3.26 -0.28
CA SER F 208 -37.40 -2.92 1.00
C SER F 208 -38.42 -3.04 2.14
N ILE F 209 -39.64 -2.60 1.89
CA ILE F 209 -40.69 -2.63 2.91
C ILE F 209 -41.05 -4.08 3.25
N ARG F 210 -41.30 -4.88 2.22
CA ARG F 210 -41.66 -6.29 2.41
C ARG F 210 -40.65 -7.00 3.30
N ILE F 211 -39.37 -6.69 3.11
CA ILE F 211 -38.32 -7.25 3.95
C ILE F 211 -38.49 -6.76 5.38
N GLN F 212 -38.76 -5.46 5.52
CA GLN F 212 -38.89 -4.85 6.84
C GLN F 212 -40.05 -5.46 7.62
N ARG F 213 -41.04 -5.96 6.92
CA ARG F 213 -42.25 -6.49 7.54
C ARG F 213 -42.08 -7.94 8.00
N MET F 214 -41.11 -8.64 7.44
CA MET F 214 -40.82 -10.01 7.87
C MET F 214 -39.99 -10.03 9.16
N LEU F 215 -39.56 -8.86 9.60
CA LEU F 215 -38.71 -8.77 10.78
C LEU F 215 -39.54 -8.81 12.06
N PRO F 216 -38.91 -9.14 13.19
CA PRO F 216 -39.60 -9.03 14.49
C PRO F 216 -39.88 -7.58 14.86
N ARG F 217 -40.61 -7.37 15.94
CA ARG F 217 -40.92 -6.03 16.42
C ARG F 217 -39.83 -5.45 17.31
N ASN F 218 -39.12 -6.32 18.03
CA ASN F 218 -38.01 -5.88 18.88
C ASN F 218 -36.76 -5.55 18.05
N CYS F 219 -36.82 -5.81 16.75
CA CYS F 219 -35.69 -5.54 15.86
C CYS F 219 -35.47 -4.04 15.68
N GLN F 220 -34.25 -3.59 15.92
CA GLN F 220 -33.93 -2.17 15.84
C GLN F 220 -33.95 -1.70 14.40
N MET F 221 -34.90 -0.83 14.07
CA MET F 221 -35.05 -0.34 12.71
C MET F 221 -34.30 0.97 12.53
N LEU F 222 -33.45 1.02 11.51
CA LEU F 222 -32.63 2.20 11.25
C LEU F 222 -32.69 2.56 9.77
N LEU F 223 -32.77 3.85 9.49
CA LEU F 223 -32.78 4.33 8.11
C LEU F 223 -31.99 5.62 7.99
N PHE F 224 -31.30 5.78 6.87
CA PHE F 224 -30.44 6.94 6.66
C PHE F 224 -30.62 7.51 5.25
N SER F 225 -30.57 8.83 5.15
CA SER F 225 -30.72 9.52 3.88
C SER F 225 -29.96 10.82 3.88
N ALA F 226 -29.30 11.11 2.76
CA ALA F 226 -28.54 12.35 2.64
C ALA F 226 -29.45 13.55 2.46
N THR F 227 -30.57 13.36 1.78
CA THR F 227 -31.46 14.47 1.43
C THR F 227 -32.69 14.53 2.33
N PHE F 228 -33.33 15.70 2.37
CA PHE F 228 -34.52 15.90 3.19
C PHE F 228 -35.78 15.99 2.32
N GLU F 229 -35.76 15.35 1.15
CA GLU F 229 -36.89 15.40 0.24
C GLU F 229 -38.16 14.86 0.90
N ASP F 230 -39.31 15.25 0.37
CA ASP F 230 -40.59 14.80 0.90
C ASP F 230 -40.86 13.35 0.49
N SER F 231 -40.53 13.02 -0.76
CA SER F 231 -40.69 11.65 -1.25
C SER F 231 -39.86 10.68 -0.42
N VAL F 232 -38.76 11.17 0.14
CA VAL F 232 -37.94 10.39 1.07
C VAL F 232 -38.65 10.27 2.41
N TRP F 233 -39.03 11.41 2.99
CA TRP F 233 -39.65 11.44 4.31
C TRP F 233 -40.96 10.67 4.34
N LYS F 234 -41.68 10.66 3.21
CA LYS F 234 -42.90 9.87 3.11
C LYS F 234 -42.58 8.39 3.03
N PHE F 235 -41.43 8.06 2.43
CA PHE F 235 -41.01 6.67 2.31
C PHE F 235 -40.37 6.13 3.59
N ALA F 236 -39.73 7.01 4.35
CA ALA F 236 -39.03 6.59 5.56
C ALA F 236 -40.00 6.20 6.68
N GLN F 237 -41.15 6.85 6.72
CA GLN F 237 -42.14 6.57 7.76
C GLN F 237 -42.73 5.17 7.62
N LYS F 238 -42.87 4.70 6.38
CA LYS F 238 -43.43 3.38 6.12
C LYS F 238 -42.48 2.27 6.54
N VAL F 239 -41.21 2.60 6.70
CA VAL F 239 -40.19 1.59 6.94
C VAL F 239 -39.83 1.54 8.42
N VAL F 240 -39.88 2.68 9.09
CA VAL F 240 -39.49 2.77 10.49
C VAL F 240 -40.69 3.16 11.34
N PRO F 241 -41.32 2.18 12.03
CA PRO F 241 -42.42 2.50 12.93
C PRO F 241 -41.97 3.01 14.29
N ASP F 242 -42.78 3.87 14.91
CA ASP F 242 -42.45 4.46 16.21
C ASP F 242 -41.03 5.02 16.20
N PRO F 243 -40.73 5.93 15.25
CA PRO F 243 -39.33 6.31 15.07
C PRO F 243 -38.91 7.59 15.77
N ASN F 244 -37.61 7.71 16.00
CA ASN F 244 -36.97 8.97 16.38
C ASN F 244 -36.47 9.61 15.10
N VAL F 245 -36.29 10.93 15.12
CA VAL F 245 -35.83 11.64 13.93
C VAL F 245 -34.69 12.57 14.30
N ILE F 246 -33.61 12.50 13.53
CA ILE F 246 -32.48 13.40 13.70
C ILE F 246 -32.22 14.10 12.37
N LYS F 247 -32.13 15.43 12.41
CA LYS F 247 -31.87 16.21 11.20
C LYS F 247 -30.66 17.11 11.39
N LEU F 248 -29.86 17.25 10.34
CA LEU F 248 -28.77 18.20 10.32
C LEU F 248 -28.79 18.97 9.01
N LYS F 249 -29.09 20.26 9.11
CA LYS F 249 -29.24 21.11 7.93
C LYS F 249 -27.97 21.16 7.10
N ARG F 250 -28.12 21.00 5.79
CA ARG F 250 -27.00 20.98 4.87
C ARG F 250 -26.17 22.27 5.00
N GLU F 251 -24.85 22.10 5.09
CA GLU F 251 -23.94 23.24 5.19
C GLU F 251 -24.12 24.19 4.01
N GLU F 252 -24.62 25.39 4.29
CA GLU F 252 -24.75 26.40 3.25
C GLU F 252 -23.41 27.06 2.98
N GLU F 253 -23.05 27.15 1.70
CA GLU F 253 -21.77 27.70 1.28
C GLU F 253 -21.99 29.04 0.59
N THR F 254 -21.08 29.98 0.83
CA THR F 254 -21.27 31.36 0.39
C THR F 254 -20.13 31.90 -0.46
N LEU F 255 -20.29 33.13 -0.96
CA LEU F 255 -19.27 33.80 -1.76
C LEU F 255 -18.68 35.00 -1.04
N ASP F 256 -18.83 35.02 0.29
CA ASP F 256 -18.37 36.14 1.10
C ASP F 256 -16.88 36.38 0.92
N THR F 257 -16.13 35.29 0.77
CA THR F 257 -14.67 35.36 0.78
C THR F 257 -14.06 35.14 -0.60
N ILE F 258 -14.90 34.96 -1.62
CA ILE F 258 -14.41 34.80 -2.98
C ILE F 258 -14.57 36.11 -3.75
N LYS F 259 -13.55 36.42 -4.55
CA LYS F 259 -13.60 37.56 -5.44
C LYS F 259 -14.00 37.07 -6.83
N GLN F 260 -15.12 37.57 -7.34
CA GLN F 260 -15.63 37.12 -8.64
C GLN F 260 -15.24 38.09 -9.73
N TYR F 261 -14.93 37.54 -10.90
CA TYR F 261 -14.54 38.36 -12.05
C TYR F 261 -14.97 37.68 -13.34
N TYR F 262 -14.77 38.38 -14.45
CA TYR F 262 -15.07 37.83 -15.76
C TYR F 262 -14.32 38.61 -16.84
N VAL F 263 -14.27 38.04 -18.03
CA VAL F 263 -13.55 38.64 -19.14
C VAL F 263 -14.41 38.62 -20.40
N LEU F 264 -14.34 39.69 -21.17
CA LEU F 264 -14.98 39.73 -22.46
C LEU F 264 -14.01 39.24 -23.53
N CYS F 265 -14.46 38.29 -24.33
CA CYS F 265 -13.62 37.69 -25.37
C CYS F 265 -14.44 37.44 -26.64
N SER F 266 -13.80 37.63 -27.80
CA SER F 266 -14.51 37.56 -29.07
C SER F 266 -14.77 36.14 -29.55
N SER F 267 -13.89 35.21 -29.19
CA SER F 267 -14.00 33.83 -29.66
C SER F 267 -13.25 32.88 -28.74
N ARG F 268 -13.19 31.60 -29.10
CA ARG F 268 -12.54 30.61 -28.25
C ARG F 268 -11.05 30.91 -28.14
N ASP F 269 -10.40 31.17 -29.27
CA ASP F 269 -8.96 31.42 -29.29
C ASP F 269 -8.58 32.62 -28.41
N GLU F 270 -9.53 33.53 -28.20
CA GLU F 270 -9.31 34.65 -27.30
C GLU F 270 -9.55 34.22 -25.85
N LYS F 271 -10.54 33.36 -25.64
CA LYS F 271 -10.78 32.80 -24.31
C LYS F 271 -9.57 31.99 -23.86
N PHE F 272 -8.92 31.32 -24.82
CA PHE F 272 -7.71 30.56 -24.52
C PHE F 272 -6.52 31.49 -24.30
N GLN F 273 -6.36 32.48 -25.17
CA GLN F 273 -5.31 33.48 -25.00
C GLN F 273 -5.52 34.24 -23.69
N ALA F 274 -6.79 34.48 -23.36
CA ALA F 274 -7.15 35.14 -22.11
C ALA F 274 -6.70 34.31 -20.90
N LEU F 275 -6.81 33.00 -21.01
CA LEU F 275 -6.44 32.11 -19.91
C LEU F 275 -4.93 31.98 -19.75
N CYS F 276 -4.24 31.70 -20.86
CA CYS F 276 -2.80 31.54 -20.85
C CYS F 276 -2.12 32.80 -20.32
N ASN F 277 -2.58 33.95 -20.81
CA ASN F 277 -2.03 35.25 -20.40
C ASN F 277 -2.16 35.47 -18.90
N LEU F 278 -3.16 34.84 -18.29
CA LEU F 278 -3.41 35.02 -16.87
C LEU F 278 -2.37 34.24 -16.04
N TYR F 279 -1.94 33.08 -16.55
CA TYR F 279 -1.10 32.18 -15.78
C TYR F 279 0.20 32.85 -15.33
N GLY F 280 0.74 33.73 -16.16
CA GLY F 280 1.94 34.46 -15.80
C GLY F 280 1.66 35.63 -14.86
N ALA F 281 0.38 35.95 -14.67
CA ALA F 281 0.00 37.17 -13.97
C ALA F 281 -0.03 37.02 -12.44
N ILE F 282 -0.54 35.90 -11.94
CA ILE F 282 -0.72 35.73 -10.51
C ILE F 282 -0.28 34.36 -10.04
N THR F 283 -0.24 34.21 -8.71
CA THR F 283 -0.01 32.91 -8.11
C THR F 283 -1.19 32.03 -8.45
N ILE F 284 -0.92 30.94 -9.17
CA ILE F 284 -1.95 29.99 -9.51
C ILE F 284 -1.34 28.61 -9.34
N ALA F 285 -1.87 27.86 -8.39
CA ALA F 285 -1.37 26.54 -8.08
C ALA F 285 -2.07 25.53 -8.98
N GLN F 286 -3.31 25.24 -8.64
CA GLN F 286 -4.14 24.38 -9.46
C GLN F 286 -5.50 25.01 -9.65
N ALA F 287 -6.13 24.71 -10.77
CA ALA F 287 -7.40 25.32 -11.13
C ALA F 287 -8.27 24.34 -11.91
N MET F 288 -9.57 24.58 -11.92
CA MET F 288 -10.51 23.78 -12.68
C MET F 288 -11.14 24.62 -13.77
N ILE F 289 -11.50 23.98 -14.87
CA ILE F 289 -12.14 24.66 -15.98
C ILE F 289 -13.37 23.88 -16.40
N PHE F 290 -14.53 24.51 -16.31
CA PHE F 290 -15.77 23.88 -16.71
C PHE F 290 -16.16 24.37 -18.10
N CYS F 291 -16.39 23.43 -19.00
CA CYS F 291 -16.77 23.75 -20.36
C CYS F 291 -18.20 23.30 -20.67
N HIS F 292 -18.74 23.78 -21.79
CA HIS F 292 -20.09 23.46 -22.18
C HIS F 292 -20.17 22.17 -23.00
N THR F 293 -19.33 22.09 -24.03
CA THR F 293 -19.36 20.95 -24.94
C THR F 293 -18.14 20.06 -24.80
N ARG F 294 -18.35 18.76 -24.93
CA ARG F 294 -17.28 17.78 -24.83
C ARG F 294 -16.24 17.99 -25.91
N LYS F 295 -16.67 18.51 -27.06
CA LYS F 295 -15.77 18.78 -28.17
C LYS F 295 -14.83 19.95 -27.83
N THR F 296 -15.36 20.93 -27.11
CA THR F 296 -14.57 22.08 -26.68
C THR F 296 -13.57 21.72 -25.58
N ALA F 297 -14.01 20.92 -24.62
CA ALA F 297 -13.15 20.52 -23.51
C ALA F 297 -11.92 19.78 -24.00
N SER F 298 -12.13 18.75 -24.82
CA SER F 298 -11.04 17.97 -25.37
C SER F 298 -10.08 18.87 -26.16
N TRP F 299 -10.64 19.88 -26.81
CA TRP F 299 -9.84 20.85 -27.56
C TRP F 299 -9.01 21.70 -26.62
N LEU F 300 -9.65 22.33 -25.65
CA LEU F 300 -8.97 23.19 -24.69
C LEU F 300 -7.83 22.46 -24.01
N ALA F 301 -8.14 21.31 -23.42
CA ALA F 301 -7.13 20.49 -22.75
C ALA F 301 -5.98 20.15 -23.68
N ALA F 302 -6.30 19.92 -24.95
CA ALA F 302 -5.28 19.63 -25.95
C ALA F 302 -4.43 20.87 -26.21
N GLU F 303 -5.09 22.01 -26.40
CA GLU F 303 -4.40 23.28 -26.59
C GLU F 303 -3.56 23.63 -25.36
N LEU F 304 -4.03 23.23 -24.19
CA LEU F 304 -3.31 23.49 -22.95
C LEU F 304 -2.06 22.61 -22.89
N SER F 305 -2.26 21.32 -23.14
CA SER F 305 -1.16 20.37 -23.14
C SER F 305 -0.09 20.78 -24.16
N LYS F 306 -0.54 21.22 -25.33
CA LYS F 306 0.36 21.63 -26.40
C LYS F 306 1.36 22.69 -25.95
N GLU F 307 0.97 23.53 -24.99
CA GLU F 307 1.85 24.57 -24.48
C GLU F 307 2.76 24.04 -23.37
N GLY F 308 2.86 22.73 -23.24
CA GLY F 308 3.65 22.13 -22.17
C GLY F 308 3.00 22.40 -20.83
N HIS F 309 1.75 21.95 -20.70
CA HIS F 309 0.95 22.18 -19.50
C HIS F 309 0.34 20.85 -19.06
N GLN F 310 0.63 20.42 -17.84
CA GLN F 310 0.07 19.18 -17.32
C GLN F 310 -1.39 19.34 -16.95
N VAL F 311 -2.26 18.67 -17.70
CA VAL F 311 -3.70 18.81 -17.49
C VAL F 311 -4.39 17.46 -17.35
N ALA F 312 -5.46 17.45 -16.57
CA ALA F 312 -6.29 16.26 -16.37
C ALA F 312 -7.62 16.46 -17.06
N LEU F 313 -8.10 15.43 -17.77
CA LEU F 313 -9.34 15.54 -18.52
C LEU F 313 -10.40 14.59 -17.99
N LEU F 314 -11.52 15.16 -17.57
CA LEU F 314 -12.66 14.40 -17.09
C LEU F 314 -13.77 14.42 -18.15
N SER F 315 -14.09 13.26 -18.70
CA SER F 315 -15.14 13.17 -19.71
C SER F 315 -16.12 12.04 -19.35
N GLY F 316 -17.33 12.13 -19.90
CA GLY F 316 -18.42 11.25 -19.50
C GLY F 316 -18.28 9.78 -19.88
N GLU F 317 -17.53 9.51 -20.94
CA GLU F 317 -17.36 8.13 -21.40
C GLU F 317 -16.59 7.29 -20.37
N MET F 318 -15.79 7.97 -19.56
CA MET F 318 -14.95 7.28 -18.58
C MET F 318 -15.81 6.53 -17.57
N MET F 319 -15.32 5.37 -17.14
CA MET F 319 -15.96 4.66 -16.04
C MET F 319 -15.90 5.47 -14.76
N VAL F 320 -16.63 5.02 -13.76
CA VAL F 320 -16.73 5.73 -12.49
C VAL F 320 -15.40 5.66 -11.75
N GLU F 321 -14.83 4.47 -11.68
CA GLU F 321 -13.54 4.28 -11.02
C GLU F 321 -12.42 5.04 -11.74
N GLN F 322 -12.58 5.19 -13.05
CA GLN F 322 -11.60 5.92 -13.86
C GLN F 322 -11.63 7.41 -13.55
N ARG F 323 -12.83 7.94 -13.32
CA ARG F 323 -12.99 9.34 -12.92
C ARG F 323 -12.28 9.61 -11.60
N ALA F 324 -12.39 8.65 -10.69
CA ALA F 324 -11.79 8.78 -9.36
C ALA F 324 -10.26 8.84 -9.45
N ALA F 325 -9.69 7.99 -10.30
CA ALA F 325 -8.24 7.91 -10.42
C ALA F 325 -7.64 9.22 -10.91
N VAL F 326 -8.33 9.87 -11.86
CA VAL F 326 -7.87 11.16 -12.36
C VAL F 326 -8.01 12.22 -11.27
N ILE F 327 -9.11 12.14 -10.52
CA ILE F 327 -9.34 13.07 -9.42
C ILE F 327 -8.29 12.88 -8.34
N GLU F 328 -7.98 11.62 -8.03
CA GLU F 328 -7.00 11.33 -6.99
C GLU F 328 -5.64 11.88 -7.37
N ARG F 329 -5.20 11.59 -8.59
CA ARG F 329 -3.96 12.17 -9.11
C ARG F 329 -4.00 13.69 -9.03
N PHE F 330 -5.16 14.27 -9.33
CA PHE F 330 -5.31 15.71 -9.29
C PHE F 330 -5.04 16.24 -7.88
N ARG F 331 -5.57 15.56 -6.87
CA ARG F 331 -5.32 15.96 -5.49
C ARG F 331 -3.86 15.74 -5.12
N GLU F 332 -3.26 14.66 -5.62
CA GLU F 332 -1.86 14.36 -5.35
C GLU F 332 -0.91 15.33 -6.03
N GLY F 333 -1.43 16.19 -6.90
CA GLY F 333 -0.61 17.17 -7.58
C GLY F 333 0.01 16.70 -8.89
N LYS F 334 -0.30 15.48 -9.29
CA LYS F 334 0.22 14.92 -10.53
C LYS F 334 -0.17 15.81 -11.71
N GLU F 335 -1.44 16.21 -11.71
CA GLU F 335 -2.00 17.10 -12.73
C GLU F 335 -2.35 18.45 -12.09
N LYS F 336 -2.07 19.55 -12.79
CA LYS F 336 -2.24 20.88 -12.20
C LYS F 336 -3.51 21.61 -12.64
N VAL F 337 -4.21 21.06 -13.63
CA VAL F 337 -5.45 21.67 -14.10
C VAL F 337 -6.42 20.58 -14.56
N LEU F 338 -7.68 20.73 -14.18
CA LEU F 338 -8.69 19.76 -14.54
C LEU F 338 -9.79 20.40 -15.37
N VAL F 339 -9.87 19.97 -16.64
CA VAL F 339 -10.87 20.48 -17.57
C VAL F 339 -11.98 19.45 -17.68
N THR F 340 -13.19 19.84 -17.26
CA THR F 340 -14.31 18.91 -17.18
C THR F 340 -15.55 19.43 -17.92
N THR F 341 -16.49 18.52 -18.17
CA THR F 341 -17.71 18.85 -18.87
C THR F 341 -18.83 17.91 -18.45
N ASN F 342 -19.69 18.40 -17.56
CA ASN F 342 -20.85 17.65 -17.09
C ASN F 342 -20.51 16.52 -16.13
N VAL F 343 -19.22 16.24 -15.95
CA VAL F 343 -18.79 15.20 -15.03
C VAL F 343 -18.28 15.84 -13.75
N CYS F 344 -19.07 15.68 -12.68
CA CYS F 344 -18.71 16.21 -11.37
C CYS F 344 -18.53 17.72 -11.50
N ALA F 345 -19.59 18.40 -11.95
CA ALA F 345 -19.52 19.82 -12.28
C ALA F 345 -20.05 20.71 -11.16
N ARG F 346 -20.65 20.11 -10.13
CA ARG F 346 -21.22 20.88 -9.04
C ARG F 346 -20.13 21.48 -8.17
N GLY F 347 -19.09 20.69 -7.90
CA GLY F 347 -18.01 21.13 -7.05
C GLY F 347 -17.23 19.95 -6.51
N ILE F 348 -15.92 19.97 -6.71
CA ILE F 348 -15.06 18.88 -6.24
C ILE F 348 -14.15 19.46 -5.16
N ASP F 349 -14.02 18.74 -4.05
CA ASP F 349 -13.24 19.24 -2.93
C ASP F 349 -11.75 18.90 -3.09
N VAL F 350 -11.06 19.66 -3.92
CA VAL F 350 -9.62 19.55 -4.04
C VAL F 350 -9.05 20.80 -3.39
N GLU F 351 -8.22 20.65 -2.37
CA GLU F 351 -7.87 21.78 -1.52
C GLU F 351 -6.87 22.75 -2.15
N GLN F 352 -5.96 22.24 -2.96
CA GLN F 352 -4.91 23.09 -3.51
C GLN F 352 -5.38 23.92 -4.71
N VAL F 353 -6.70 23.94 -4.92
CA VAL F 353 -7.30 24.73 -6.01
C VAL F 353 -7.34 26.21 -5.62
N SER F 354 -6.72 27.05 -6.43
CA SER F 354 -6.69 28.49 -6.16
C SER F 354 -7.68 29.26 -7.02
N VAL F 355 -8.08 28.70 -8.15
CA VAL F 355 -8.96 29.40 -9.09
C VAL F 355 -9.99 28.48 -9.72
N VAL F 356 -11.19 29.00 -9.91
CA VAL F 356 -12.24 28.30 -10.67
C VAL F 356 -12.50 29.08 -11.95
N ILE F 357 -12.40 28.40 -13.08
CA ILE F 357 -12.61 29.04 -14.39
C ILE F 357 -13.89 28.52 -15.02
N ASN F 358 -14.74 29.44 -15.46
CA ASN F 358 -15.95 29.10 -16.20
C ASN F 358 -15.78 29.45 -17.68
N PHE F 359 -15.01 28.62 -18.39
CA PHE F 359 -14.81 28.79 -19.83
C PHE F 359 -16.14 28.96 -20.54
N ASP F 360 -17.16 28.32 -20.00
CA ASP F 360 -18.54 28.54 -20.41
C ASP F 360 -19.39 28.61 -19.14
N LEU F 361 -20.45 29.40 -19.19
CA LEU F 361 -21.21 29.71 -17.98
C LEU F 361 -22.01 28.50 -17.50
N PRO F 362 -22.17 28.35 -16.16
CA PRO F 362 -22.98 27.23 -15.68
C PRO F 362 -24.42 27.36 -16.13
N VAL F 363 -24.76 26.71 -17.24
CA VAL F 363 -26.06 26.87 -17.85
C VAL F 363 -26.96 25.69 -17.52
N ASP F 364 -28.14 25.98 -16.98
CA ASP F 364 -29.17 24.97 -16.81
C ASP F 364 -29.77 24.70 -18.18
N LYS F 365 -30.45 23.58 -18.35
CA LYS F 365 -31.23 23.38 -19.55
C LYS F 365 -32.35 24.43 -19.56
N ASP F 366 -32.83 24.74 -20.76
CA ASP F 366 -33.80 25.82 -20.99
C ASP F 366 -33.10 27.18 -21.12
N GLY F 367 -31.82 27.23 -20.82
CA GLY F 367 -31.03 28.44 -21.02
C GLY F 367 -31.18 29.46 -19.91
N ASN F 368 -31.09 28.99 -18.66
CA ASN F 368 -31.17 29.88 -17.50
C ASN F 368 -29.94 29.67 -16.62
N PRO F 369 -29.65 30.64 -15.73
CA PRO F 369 -28.47 30.45 -14.88
C PRO F 369 -28.64 29.30 -13.88
N ASP F 370 -27.60 28.48 -13.76
CA ASP F 370 -27.60 27.38 -12.81
C ASP F 370 -26.92 27.85 -11.54
N ASN F 371 -27.69 28.54 -10.70
CA ASN F 371 -27.15 29.21 -9.53
C ASN F 371 -26.67 28.22 -8.47
N GLU F 372 -27.38 27.11 -8.32
CA GLU F 372 -26.93 26.07 -7.40
C GLU F 372 -25.57 25.56 -7.84
N THR F 373 -25.43 25.26 -9.12
CA THR F 373 -24.16 24.81 -9.66
C THR F 373 -23.09 25.88 -9.50
N TYR F 374 -23.45 27.13 -9.79
CA TYR F 374 -22.48 28.22 -9.67
C TYR F 374 -22.02 28.39 -8.22
N LEU F 375 -22.93 28.20 -7.27
CA LEU F 375 -22.60 28.41 -5.88
C LEU F 375 -21.75 27.27 -5.32
N HIS F 376 -22.13 26.04 -5.60
CA HIS F 376 -21.36 24.89 -5.15
C HIS F 376 -20.01 24.86 -5.85
N ARG F 377 -20.00 25.20 -7.13
CA ARG F 377 -18.76 25.23 -7.91
C ARG F 377 -17.69 26.10 -7.24
N ILE F 378 -18.12 27.23 -6.67
CA ILE F 378 -17.21 28.15 -6.00
C ILE F 378 -17.33 28.02 -4.49
N GLY F 379 -18.44 27.45 -4.03
CA GLY F 379 -18.65 27.24 -2.61
C GLY F 379 -17.59 26.33 -2.01
N ARG F 380 -17.02 25.48 -2.84
CA ARG F 380 -15.99 24.54 -2.39
C ARG F 380 -14.73 25.32 -2.01
N THR F 381 -14.32 26.23 -2.88
CA THR F 381 -13.19 27.10 -2.60
C THR F 381 -13.66 28.23 -1.70
N GLY F 382 -12.98 28.42 -0.58
CA GLY F 382 -13.33 29.47 0.35
C GLY F 382 -14.41 29.12 1.36
N ARG F 383 -14.19 28.08 2.15
CA ARG F 383 -15.09 27.75 3.25
C ARG F 383 -14.39 28.06 4.57
N PHE F 384 -15.15 28.61 5.51
CA PHE F 384 -14.64 28.99 6.82
C PHE F 384 -13.57 30.08 6.71
N GLY F 385 -13.60 30.85 5.63
CA GLY F 385 -12.78 32.04 5.52
C GLY F 385 -11.61 32.01 4.56
N LYS F 386 -11.40 30.89 3.89
CA LYS F 386 -10.33 30.81 2.90
C LYS F 386 -10.67 31.73 1.71
N ARG F 387 -9.64 32.20 1.02
CA ARG F 387 -9.84 33.06 -0.15
C ARG F 387 -9.63 32.30 -1.45
N GLY F 388 -10.61 32.43 -2.33
CA GLY F 388 -10.60 31.77 -3.62
C GLY F 388 -10.69 32.77 -4.75
N LEU F 389 -10.91 32.27 -5.96
CA LEU F 389 -10.96 33.13 -7.13
C LEU F 389 -11.90 32.53 -8.17
N ALA F 390 -12.57 33.39 -8.91
CA ALA F 390 -13.51 32.96 -9.93
C ALA F 390 -13.40 33.83 -11.18
N VAL F 391 -13.28 33.18 -12.33
CA VAL F 391 -13.16 33.89 -13.59
C VAL F 391 -14.15 33.30 -14.60
N ASN F 392 -15.03 34.14 -15.11
CA ASN F 392 -16.05 33.70 -16.06
C ASN F 392 -15.73 34.20 -17.47
N MET F 393 -15.67 33.29 -18.43
CA MET F 393 -15.41 33.65 -19.82
C MET F 393 -16.72 33.94 -20.55
N VAL F 394 -16.87 35.17 -21.02
CA VAL F 394 -18.05 35.57 -21.78
C VAL F 394 -17.66 35.73 -23.24
N ASP F 395 -18.35 35.00 -24.11
CA ASP F 395 -18.02 35.01 -25.54
C ASP F 395 -19.12 35.66 -26.40
N SER F 396 -20.18 36.14 -25.76
CA SER F 396 -21.28 36.76 -26.48
C SER F 396 -22.13 37.63 -25.57
N LYS F 397 -23.09 38.34 -26.15
CA LYS F 397 -23.98 39.20 -25.38
C LYS F 397 -25.04 38.38 -24.65
N HIS F 398 -25.41 37.24 -25.22
CA HIS F 398 -26.34 36.34 -24.56
C HIS F 398 -25.68 35.75 -23.31
N SER F 399 -24.42 35.35 -23.44
CA SER F 399 -23.65 34.87 -22.29
C SER F 399 -23.48 35.98 -21.27
N MET F 400 -23.30 37.20 -21.77
CA MET F 400 -23.18 38.38 -20.92
C MET F 400 -24.49 38.63 -20.17
N ASN F 401 -25.61 38.40 -20.86
CA ASN F 401 -26.93 38.57 -20.26
C ASN F 401 -27.12 37.66 -19.05
N ILE F 402 -26.62 36.44 -19.16
CA ILE F 402 -26.74 35.47 -18.07
C ILE F 402 -25.89 35.90 -16.88
N LEU F 403 -24.77 36.55 -17.17
CA LEU F 403 -23.80 36.91 -16.14
C LEU F 403 -24.40 37.90 -15.14
N ASN F 404 -25.07 38.93 -15.67
CA ASN F 404 -25.70 39.94 -14.82
C ASN F 404 -26.85 39.33 -14.01
N ARG F 405 -27.51 38.32 -14.57
CA ARG F 405 -28.61 37.65 -13.89
C ARG F 405 -28.12 36.80 -12.73
N ILE F 406 -26.91 36.26 -12.86
CA ILE F 406 -26.29 35.54 -11.76
C ILE F 406 -25.86 36.57 -10.71
N GLN F 407 -25.26 37.66 -11.19
CA GLN F 407 -24.87 38.77 -10.33
C GLN F 407 -26.05 39.27 -9.50
N GLU F 408 -27.24 39.19 -10.07
CA GLU F 408 -28.45 39.63 -9.38
C GLU F 408 -28.77 38.72 -8.20
N HIS F 409 -28.77 37.41 -8.43
CA HIS F 409 -29.18 36.45 -7.41
C HIS F 409 -28.28 36.48 -6.17
N PHE F 410 -26.97 36.55 -6.38
CA PHE F 410 -26.02 36.45 -5.26
C PHE F 410 -25.69 37.79 -4.60
N ASN F 411 -25.99 38.89 -5.29
CA ASN F 411 -25.75 40.24 -4.76
C ASN F 411 -24.27 40.61 -4.64
N LYS F 412 -23.40 39.81 -5.23
CA LYS F 412 -21.97 40.16 -5.29
C LYS F 412 -21.56 40.60 -6.69
N LYS F 413 -20.81 41.67 -6.76
CA LYS F 413 -20.42 42.24 -8.04
C LYS F 413 -19.36 41.36 -8.70
N ILE F 414 -19.65 40.92 -9.92
CA ILE F 414 -18.67 40.23 -10.73
C ILE F 414 -18.02 41.30 -11.58
N GLU F 415 -16.89 41.83 -11.09
CA GLU F 415 -16.24 42.95 -11.76
C GLU F 415 -15.58 42.49 -13.05
N ARG F 416 -15.32 43.46 -13.93
CA ARG F 416 -14.73 43.17 -15.22
C ARG F 416 -13.24 42.92 -15.07
N LEU F 417 -12.72 41.99 -15.85
CA LEU F 417 -11.28 41.77 -15.93
C LEU F 417 -10.82 41.95 -17.36
N ASP F 418 -9.91 42.89 -17.56
CA ASP F 418 -9.21 42.99 -18.83
C ASP F 418 -7.93 42.17 -18.66
N THR F 419 -7.78 41.13 -19.46
CA THR F 419 -6.65 40.22 -19.30
C THR F 419 -5.35 40.85 -19.77
N ASP F 420 -5.44 42.05 -20.33
CA ASP F 420 -4.25 42.86 -20.57
C ASP F 420 -4.03 43.74 -19.35
N ASP F 421 -2.96 44.55 -19.38
CA ASP F 421 -2.58 45.37 -18.23
C ASP F 421 -2.34 44.46 -17.04
N LEU F 422 -1.17 43.82 -17.05
CA LEU F 422 -0.78 42.87 -16.02
C LEU F 422 -0.89 43.43 -14.61
N ASP F 423 -0.59 44.71 -14.46
CA ASP F 423 -0.58 45.37 -13.16
C ASP F 423 -1.90 45.15 -12.42
N GLU F 424 -3.01 45.30 -13.14
CA GLU F 424 -4.33 45.07 -12.58
C GLU F 424 -4.54 43.61 -12.20
N ILE F 425 -4.06 42.70 -13.05
CA ILE F 425 -4.27 41.28 -12.84
C ILE F 425 -3.52 40.78 -11.59
N GLU F 426 -2.33 41.34 -11.35
CA GLU F 426 -1.56 40.96 -10.17
C GLU F 426 -2.34 41.28 -8.89
N LYS F 427 -3.14 42.34 -8.93
CA LYS F 427 -3.94 42.78 -7.79
C LYS F 427 -5.19 41.96 -7.53
N ILE F 428 -5.52 41.05 -8.46
CA ILE F 428 -6.81 40.36 -8.43
C ILE F 428 -7.08 39.54 -7.18
N ALA F 429 -6.08 38.83 -6.65
CA ALA F 429 -6.32 37.99 -5.49
C ALA F 429 -5.16 37.95 -4.51
N ASN F 430 -4.49 39.08 -4.36
CA ASN F 430 -3.40 39.21 -3.40
C ASN F 430 -2.81 40.62 -3.47
P PO4 G . 16.96 2.46 -5.66
O1 PO4 G . 15.45 2.42 -5.58
O2 PO4 G . 17.44 1.40 -6.63
O3 PO4 G . 17.40 3.82 -6.17
O4 PO4 G . 17.55 2.20 -4.30
P PO4 H . 3.80 3.30 17.16
O1 PO4 H . 2.81 2.90 16.08
O2 PO4 H . 3.35 2.75 18.48
O3 PO4 H . 3.87 4.81 17.22
O4 PO4 H . 5.16 2.76 16.81
P PO4 I . -4.54 -24.72 -11.63
O1 PO4 I . -5.38 -24.82 -12.88
O2 PO4 I . -3.85 -26.04 -11.39
O3 PO4 I . -3.51 -23.63 -11.82
O4 PO4 I . -5.42 -24.39 -10.45
P PO4 J . -22.78 -8.68 -22.50
O1 PO4 J . -24.08 -8.05 -22.93
O2 PO4 J . -23.06 -10.05 -21.92
O3 PO4 J . -21.87 -8.81 -23.70
O4 PO4 J . -22.12 -7.83 -21.43
MG MG K . -5.47 -13.20 -18.67
PG ANP L . -4.99 -16.37 -17.76
O1G ANP L . -5.94 -16.82 -16.76
O2G ANP L . -5.53 -15.14 -18.58
O3G ANP L . -4.66 -17.53 -18.79
PB ANP L . -2.04 -15.90 -17.66
O1B ANP L . -1.93 -14.64 -18.39
O2B ANP L . -1.94 -16.41 -19.14
N3B ANP L . -3.59 -15.90 -17.07
PA ANP L . -0.88 -13.26 -16.78
O1A ANP L . -0.54 -12.56 -18.04
O2A ANP L . -2.17 -12.80 -16.11
O3A ANP L . -0.99 -14.84 -17.01
O5' ANP L . 0.31 -13.12 -15.70
C5' ANP L . 0.60 -14.19 -14.77
C4' ANP L . 1.54 -13.69 -13.72
O4' ANP L . 2.91 -13.76 -14.21
C3' ANP L . 1.34 -12.25 -13.27
O3' ANP L . 1.59 -12.11 -11.87
C2' ANP L . 2.35 -11.47 -14.11
O2' ANP L . 2.79 -10.28 -13.44
C1' ANP L . 3.50 -12.48 -14.20
N9 ANP L . 4.34 -12.34 -15.38
C8 ANP L . 3.93 -12.47 -16.69
N7 ANP L . 4.90 -12.35 -17.55
C5 ANP L . 6.03 -12.13 -16.78
C6 ANP L . 7.38 -11.93 -17.10
N6 ANP L . 7.85 -11.95 -18.35
N1 ANP L . 8.24 -11.74 -16.08
C2 ANP L . 7.78 -11.74 -14.82
N3 ANP L . 6.52 -11.92 -14.40
C4 ANP L . 5.69 -12.11 -15.43
HOG2 ANP L . -6.26 -15.28 -19.25
HOG3 ANP L . -5.34 -18.02 -19.33
HOB2 ANP L . -1.23 -17.01 -19.49
HNB1 ANP L . -3.69 -15.55 -16.13
HOA2 ANP L . -2.65 -11.93 -16.15
H5'1 ANP L . 1.01 -14.98 -15.39
H5'2 ANP L . -0.32 -14.57 -14.31
H4' ANP L . 1.56 -14.37 -12.86
H3' ANP L . 0.31 -11.93 -13.45
HO3' ANP L . 0.81 -11.67 -11.44
H2' ANP L . 1.94 -11.25 -15.09
HO2' ANP L . 2.42 -9.54 -13.97
H1' ANP L . 4.14 -12.43 -13.32
H8 ANP L . 2.89 -12.65 -16.95
HN61 ANP L . 7.22 -12.11 -19.13
HN62 ANP L . 8.84 -11.80 -18.55
H2 ANP L . 8.53 -11.58 -14.05
P PO4 M . -21.94 17.83 -3.58
O1 PO4 M . -22.93 16.79 -4.06
O2 PO4 M . -22.69 18.97 -2.91
O3 PO4 M . -21.16 18.38 -4.75
O4 PO4 M . -20.99 17.20 -2.59
P PO4 N . -31.75 -6.19 -7.20
O1 PO4 N . -32.25 -5.94 -8.60
O2 PO4 N . -32.21 -7.56 -6.74
O3 PO4 N . -32.30 -5.16 -6.26
O4 PO4 N . -30.24 -6.13 -7.20
MG MG O . -23.88 6.13 4.31
PG ANP P . -22.93 8.84 2.50
O1G ANP P . -22.71 9.02 1.08
O2G ANP P . -23.14 7.32 2.87
O3G ANP P . -24.18 9.64 3.00
PB ANP P . -21.49 9.70 4.97
O1B ANP P . -21.55 8.42 5.64
O2B ANP P . -22.85 9.83 5.71
N3B ANP P . -21.64 9.36 3.37
PA ANP P . -19.23 7.97 5.91
O1A ANP P . -19.72 7.17 7.07
O2A ANP P . -19.19 7.24 4.58
O3A ANP P . -20.10 9.28 5.70
O5' ANP P . -17.76 8.56 6.18
C5' ANP P . -17.25 9.66 5.40
C4' ANP P . -15.77 9.77 5.61
O4' ANP P . -15.50 10.28 6.94
C3' ANP P . -15.00 8.44 5.50
O3' ANP P . -13.73 8.63 4.90
C2' ANP P . -14.89 8.01 6.97
O2' ANP P . -13.73 7.21 7.18
C1' ANP P . -14.73 9.36 7.67
N9 ANP P . -15.20 9.36 9.05
C8 ANP P . -16.39 8.88 9.53
N7 ANP P . -16.55 9.02 10.81
C5 ANP P . -15.40 9.66 11.22
C6 ANP P . -14.93 10.09 12.49
N6 ANP P . -15.64 9.95 13.62
N1 ANP P . -13.73 10.68 12.55
C2 ANP P . -13.02 10.82 11.43
N3 ANP P . -13.34 10.47 10.18
C4 ANP P . -14.54 9.88 10.15
HOG2 ANP P . -24.06 6.95 2.88
HOG3 ANP P . -25.11 9.50 2.67
HOB2 ANP P . -23.07 10.54 6.37
HNB1 ANP P . -20.79 9.48 2.82
HOA2 ANP P . -19.02 6.28 4.37
H5'1 ANP P . -17.80 10.53 5.75
H5'2 ANP P . -17.48 9.53 4.34
H4' ANP P . -15.33 10.52 4.95
H3' ANP P . -15.55 7.72 4.90
H2' ANP P . -15.79 7.49 7.28
HO2' ANP P . -14.00 6.27 7.00
H1' ANP P . -13.70 9.69 7.66
H8 ANP P . -17.11 8.40 8.87
HN61 ANP P . -16.56 9.51 13.59
HN62 ANP P . -15.29 10.27 14.52
H2 ANP P . -12.05 11.30 11.56
#